data_1TUH
# 
_entry.id   1TUH 
# 
_audit_conform.dict_name       mmcif_pdbx.dic 
_audit_conform.dict_version    5.388 
_audit_conform.dict_location   http://mmcif.pdb.org/dictionaries/ascii/mmcif_pdbx.dic 
# 
loop_
_database_2.database_id 
_database_2.database_code 
_database_2.pdbx_database_accession 
_database_2.pdbx_DOI 
PDB   1TUH         pdb_00001tuh 10.2210/pdb1tuh/pdb 
RCSB  RCSB022914   ?            ?                   
WWPDB D_1000022914 ?            ?                   
# 
loop_
_pdbx_audit_revision_history.ordinal 
_pdbx_audit_revision_history.data_content_type 
_pdbx_audit_revision_history.major_revision 
_pdbx_audit_revision_history.minor_revision 
_pdbx_audit_revision_history.revision_date 
1 'Structure model' 1 0 2004-07-06 
2 'Structure model' 1 1 2008-04-30 
3 'Structure model' 1 2 2011-07-13 
4 'Structure model' 1 3 2024-03-13 
# 
_pdbx_audit_revision_details.ordinal             1 
_pdbx_audit_revision_details.revision_ordinal    1 
_pdbx_audit_revision_details.data_content_type   'Structure model' 
_pdbx_audit_revision_details.provider            repository 
_pdbx_audit_revision_details.type                'Initial release' 
_pdbx_audit_revision_details.description         ? 
_pdbx_audit_revision_details.details             ? 
# 
loop_
_pdbx_audit_revision_group.ordinal 
_pdbx_audit_revision_group.revision_ordinal 
_pdbx_audit_revision_group.data_content_type 
_pdbx_audit_revision_group.group 
1 2 'Structure model' 'Version format compliance' 
2 3 'Structure model' 'Version format compliance' 
3 4 'Structure model' 'Data collection'           
4 4 'Structure model' 'Database references'       
5 4 'Structure model' 'Derived calculations'      
# 
loop_
_pdbx_audit_revision_category.ordinal 
_pdbx_audit_revision_category.revision_ordinal 
_pdbx_audit_revision_category.data_content_type 
_pdbx_audit_revision_category.category 
1 4 'Structure model' chem_comp_atom     
2 4 'Structure model' chem_comp_bond     
3 4 'Structure model' database_2         
4 4 'Structure model' struct_ref_seq_dif 
5 4 'Structure model' struct_site        
# 
loop_
_pdbx_audit_revision_item.ordinal 
_pdbx_audit_revision_item.revision_ordinal 
_pdbx_audit_revision_item.data_content_type 
_pdbx_audit_revision_item.item 
1 4 'Structure model' '_database_2.pdbx_DOI'                
2 4 'Structure model' '_database_2.pdbx_database_accession' 
3 4 'Structure model' '_struct_ref_seq_dif.details'         
4 4 'Structure model' '_struct_site.pdbx_auth_asym_id'      
5 4 'Structure model' '_struct_site.pdbx_auth_comp_id'      
6 4 'Structure model' '_struct_site.pdbx_auth_seq_id'       
# 
_pdbx_database_status.status_code                     REL 
_pdbx_database_status.entry_id                        1TUH 
_pdbx_database_status.recvd_initial_deposition_date   2004-06-25 
_pdbx_database_status.deposit_site                    RCSB 
_pdbx_database_status.process_site                    PDBJ 
_pdbx_database_status.status_code_sf                  REL 
_pdbx_database_status.status_code_mr                  ? 
_pdbx_database_status.SG_entry                        ? 
_pdbx_database_status.pdb_format_compatible           Y 
_pdbx_database_status.status_code_cs                  ? 
_pdbx_database_status.status_code_nmr_data            ? 
_pdbx_database_status.methods_development_category    ? 
# 
loop_
_audit_author.name 
_audit_author.pdbx_ordinal 
'Robinson, A.'       1  
'Wu, P.S.-C.'        2  
'Harrop, S.J.'       3  
'Schaeffer, P.M.'    4  
'Dixon, N.E.'        5  
'Gillings, M.R.'     6  
'Holmes, A.J.'       7  
'Nevalainen, K.M.H.' 8  
'Otting, G.'         9  
'Stokes, H.W.'       10 
'Curmi, P.M.G.'      11 
'Mabbutt, B.C.'      12 
# 
_citation.id                        primary 
_citation.title                     
;Integron-associated Mobile Gene Cassettes Code for Folded Proteins: The Structure of Bal32a, a New Member of the Adaptable alpha+beta Barrel Family
;
_citation.journal_abbrev            J.Mol.Biol. 
_citation.journal_volume            346 
_citation.page_first                1229 
_citation.page_last                 1241 
_citation.year                      2005 
_citation.journal_id_ASTM           JMOBAK 
_citation.country                   UK 
_citation.journal_id_ISSN           0022-2836 
_citation.journal_id_CSD            0070 
_citation.book_publisher            ? 
_citation.pdbx_database_id_PubMed   15713477 
_citation.pdbx_database_id_DOI      10.1016/j.jmb.2004.12.035 
# 
loop_
_citation_author.citation_id 
_citation_author.name 
_citation_author.ordinal 
_citation_author.identifier_ORCID 
primary 'Robinson, A.'       1  ? 
primary 'Wu, P.S.-C.'        2  ? 
primary 'Harrop, S.J.'       3  ? 
primary 'Schaeffer, P.M.'    4  ? 
primary 'Dosztanyi, Z.'      5  ? 
primary 'Gillings, M.R.'     6  ? 
primary 'Holmes, A.J.'       7  ? 
primary 'Nevalainen, K.M.H.' 8  ? 
primary 'Stokes, H.W.'       9  ? 
primary 'Otting, G.'         10 ? 
primary 'Dixon, N.E.'        11 ? 
primary 'Curmi, P.M.G.'      12 ? 
primary 'Mabbutt, B.C.'      13 ? 
# 
loop_
_entity.id 
_entity.type 
_entity.src_method 
_entity.pdbx_description 
_entity.formula_weight 
_entity.pdbx_number_of_molecules 
_entity.pdbx_ec 
_entity.pdbx_mutation 
_entity.pdbx_fragment 
_entity.details 
1 polymer     man 'hypothetical protein EGC068' 17767.822 1  ? ? ? ? 
2 non-polymer syn 'ACETATE ION'                 59.044    1  ? ? ? ? 
3 water       nat water                         18.015    75 ? ? ? ? 
# 
_entity_name_com.entity_id   1 
_entity_name_com.name        Bal32a 
# 
_entity_poly.entity_id                      1 
_entity_poly.type                           'polypeptide(L)' 
_entity_poly.nstd_linkage                   no 
_entity_poly.nstd_monomer                   no 
_entity_poly.pdbx_seq_one_letter_code       
;MHHHHHHMGIVTGPIIDHSKENDVMNEAEQNAETVRRGYAAFNSGDMKTLTELFDENASWHTPGRSRIAGDHKGREAIFA
QFGRYGGETGGTFKAVLLHVLKSDDGRVIGIHRNTAERGGKRLDVGCCIVFEFKNGRVIDGREHFYDLYAWDEFWR
;
_entity_poly.pdbx_seq_one_letter_code_can   
;MHHHHHHMGIVTGPIIDHSKENDVMNEAEQNAETVRRGYAAFNSGDMKTLTELFDENASWHTPGRSRIAGDHKGREAIFA
QFGRYGGETGGTFKAVLLHVLKSDDGRVIGIHRNTAERGGKRLDVGCCIVFEFKNGRVIDGREHFYDLYAWDEFWR
;
_entity_poly.pdbx_strand_id                 A 
_entity_poly.pdbx_target_identifier         ? 
# 
loop_
_pdbx_entity_nonpoly.entity_id 
_pdbx_entity_nonpoly.name 
_pdbx_entity_nonpoly.comp_id 
2 'ACETATE ION' ACT 
3 water         HOH 
# 
loop_
_entity_poly_seq.entity_id 
_entity_poly_seq.num 
_entity_poly_seq.mon_id 
_entity_poly_seq.hetero 
1 1   MET n 
1 2   HIS n 
1 3   HIS n 
1 4   HIS n 
1 5   HIS n 
1 6   HIS n 
1 7   HIS n 
1 8   MET n 
1 9   GLY n 
1 10  ILE n 
1 11  VAL n 
1 12  THR n 
1 13  GLY n 
1 14  PRO n 
1 15  ILE n 
1 16  ILE n 
1 17  ASP n 
1 18  HIS n 
1 19  SER n 
1 20  LYS n 
1 21  GLU n 
1 22  ASN n 
1 23  ASP n 
1 24  VAL n 
1 25  MET n 
1 26  ASN n 
1 27  GLU n 
1 28  ALA n 
1 29  GLU n 
1 30  GLN n 
1 31  ASN n 
1 32  ALA n 
1 33  GLU n 
1 34  THR n 
1 35  VAL n 
1 36  ARG n 
1 37  ARG n 
1 38  GLY n 
1 39  TYR n 
1 40  ALA n 
1 41  ALA n 
1 42  PHE n 
1 43  ASN n 
1 44  SER n 
1 45  GLY n 
1 46  ASP n 
1 47  MET n 
1 48  LYS n 
1 49  THR n 
1 50  LEU n 
1 51  THR n 
1 52  GLU n 
1 53  LEU n 
1 54  PHE n 
1 55  ASP n 
1 56  GLU n 
1 57  ASN n 
1 58  ALA n 
1 59  SER n 
1 60  TRP n 
1 61  HIS n 
1 62  THR n 
1 63  PRO n 
1 64  GLY n 
1 65  ARG n 
1 66  SER n 
1 67  ARG n 
1 68  ILE n 
1 69  ALA n 
1 70  GLY n 
1 71  ASP n 
1 72  HIS n 
1 73  LYS n 
1 74  GLY n 
1 75  ARG n 
1 76  GLU n 
1 77  ALA n 
1 78  ILE n 
1 79  PHE n 
1 80  ALA n 
1 81  GLN n 
1 82  PHE n 
1 83  GLY n 
1 84  ARG n 
1 85  TYR n 
1 86  GLY n 
1 87  GLY n 
1 88  GLU n 
1 89  THR n 
1 90  GLY n 
1 91  GLY n 
1 92  THR n 
1 93  PHE n 
1 94  LYS n 
1 95  ALA n 
1 96  VAL n 
1 97  LEU n 
1 98  LEU n 
1 99  HIS n 
1 100 VAL n 
1 101 LEU n 
1 102 LYS n 
1 103 SER n 
1 104 ASP n 
1 105 ASP n 
1 106 GLY n 
1 107 ARG n 
1 108 VAL n 
1 109 ILE n 
1 110 GLY n 
1 111 ILE n 
1 112 HIS n 
1 113 ARG n 
1 114 ASN n 
1 115 THR n 
1 116 ALA n 
1 117 GLU n 
1 118 ARG n 
1 119 GLY n 
1 120 GLY n 
1 121 LYS n 
1 122 ARG n 
1 123 LEU n 
1 124 ASP n 
1 125 VAL n 
1 126 GLY n 
1 127 CYS n 
1 128 CYS n 
1 129 ILE n 
1 130 VAL n 
1 131 PHE n 
1 132 GLU n 
1 133 PHE n 
1 134 LYS n 
1 135 ASN n 
1 136 GLY n 
1 137 ARG n 
1 138 VAL n 
1 139 ILE n 
1 140 ASP n 
1 141 GLY n 
1 142 ARG n 
1 143 GLU n 
1 144 HIS n 
1 145 PHE n 
1 146 TYR n 
1 147 ASP n 
1 148 LEU n 
1 149 TYR n 
1 150 ALA n 
1 151 TRP n 
1 152 ASP n 
1 153 GLU n 
1 154 PHE n 
1 155 TRP n 
1 156 ARG n 
# 
_entity_src_gen.entity_id                          1 
_entity_src_gen.pdbx_src_id                        1 
_entity_src_gen.pdbx_alt_source_flag               sample 
_entity_src_gen.pdbx_seq_type                      ? 
_entity_src_gen.pdbx_beg_seq_num                   ? 
_entity_src_gen.pdbx_end_seq_num                   ? 
_entity_src_gen.gene_src_common_name               ? 
_entity_src_gen.gene_src_genus                     ? 
_entity_src_gen.pdbx_gene_src_gene                 EGC068 
_entity_src_gen.gene_src_species                   ? 
_entity_src_gen.gene_src_strain                    ? 
_entity_src_gen.gene_src_tissue                    ? 
_entity_src_gen.gene_src_tissue_fraction           ? 
_entity_src_gen.gene_src_details                   ? 
_entity_src_gen.pdbx_gene_src_fragment             ? 
_entity_src_gen.pdbx_gene_src_scientific_name      'uncultured bacterium' 
_entity_src_gen.pdbx_gene_src_ncbi_taxonomy_id     77133 
_entity_src_gen.pdbx_gene_src_variant              ? 
_entity_src_gen.pdbx_gene_src_cell_line            ? 
_entity_src_gen.pdbx_gene_src_atcc                 ? 
_entity_src_gen.pdbx_gene_src_organ                ? 
_entity_src_gen.pdbx_gene_src_organelle            ? 
_entity_src_gen.pdbx_gene_src_cell                 ? 
_entity_src_gen.pdbx_gene_src_cellular_location    ? 
_entity_src_gen.host_org_common_name               ? 
_entity_src_gen.pdbx_host_org_scientific_name      'Escherichia coli' 
_entity_src_gen.pdbx_host_org_ncbi_taxonomy_id     562 
_entity_src_gen.host_org_genus                     Escherichia 
_entity_src_gen.pdbx_host_org_gene                 ? 
_entity_src_gen.pdbx_host_org_organ                ? 
_entity_src_gen.host_org_species                   ? 
_entity_src_gen.pdbx_host_org_tissue               ? 
_entity_src_gen.pdbx_host_org_tissue_fraction      ? 
_entity_src_gen.pdbx_host_org_strain               'BL21(DE3)pLysS' 
_entity_src_gen.pdbx_host_org_variant              ? 
_entity_src_gen.pdbx_host_org_cell_line            ? 
_entity_src_gen.pdbx_host_org_atcc                 ? 
_entity_src_gen.pdbx_host_org_culture_collection   ? 
_entity_src_gen.pdbx_host_org_cell                 ? 
_entity_src_gen.pdbx_host_org_organelle            ? 
_entity_src_gen.pdbx_host_org_cellular_location    ? 
_entity_src_gen.pdbx_host_org_vector_type          PLASMID 
_entity_src_gen.pdbx_host_org_vector               ? 
_entity_src_gen.host_org_details                   ? 
_entity_src_gen.expression_system_id               ? 
_entity_src_gen.plasmid_name                       pETMCIII 
_entity_src_gen.plasmid_details                    ? 
_entity_src_gen.pdbx_description                   ? 
# 
loop_
_chem_comp.id 
_chem_comp.type 
_chem_comp.mon_nstd_flag 
_chem_comp.name 
_chem_comp.pdbx_synonyms 
_chem_comp.formula 
_chem_comp.formula_weight 
ACT non-polymer         . 'ACETATE ION'   ? 'C2 H3 O2 -1'    59.044  
ALA 'L-peptide linking' y ALANINE         ? 'C3 H7 N O2'     89.093  
ARG 'L-peptide linking' y ARGININE        ? 'C6 H15 N4 O2 1' 175.209 
ASN 'L-peptide linking' y ASPARAGINE      ? 'C4 H8 N2 O3'    132.118 
ASP 'L-peptide linking' y 'ASPARTIC ACID' ? 'C4 H7 N O4'     133.103 
CYS 'L-peptide linking' y CYSTEINE        ? 'C3 H7 N O2 S'   121.158 
GLN 'L-peptide linking' y GLUTAMINE       ? 'C5 H10 N2 O3'   146.144 
GLU 'L-peptide linking' y 'GLUTAMIC ACID' ? 'C5 H9 N O4'     147.129 
GLY 'peptide linking'   y GLYCINE         ? 'C2 H5 N O2'     75.067  
HIS 'L-peptide linking' y HISTIDINE       ? 'C6 H10 N3 O2 1' 156.162 
HOH non-polymer         . WATER           ? 'H2 O'           18.015  
ILE 'L-peptide linking' y ISOLEUCINE      ? 'C6 H13 N O2'    131.173 
LEU 'L-peptide linking' y LEUCINE         ? 'C6 H13 N O2'    131.173 
LYS 'L-peptide linking' y LYSINE          ? 'C6 H15 N2 O2 1' 147.195 
MET 'L-peptide linking' y METHIONINE      ? 'C5 H11 N O2 S'  149.211 
PHE 'L-peptide linking' y PHENYLALANINE   ? 'C9 H11 N O2'    165.189 
PRO 'L-peptide linking' y PROLINE         ? 'C5 H9 N O2'     115.130 
SER 'L-peptide linking' y SERINE          ? 'C3 H7 N O3'     105.093 
THR 'L-peptide linking' y THREONINE       ? 'C4 H9 N O3'     119.119 
TRP 'L-peptide linking' y TRYPTOPHAN      ? 'C11 H12 N2 O2'  204.225 
TYR 'L-peptide linking' y TYROSINE        ? 'C9 H11 N O3'    181.189 
VAL 'L-peptide linking' y VALINE          ? 'C5 H11 N O2'    117.146 
# 
loop_
_pdbx_poly_seq_scheme.asym_id 
_pdbx_poly_seq_scheme.entity_id 
_pdbx_poly_seq_scheme.seq_id 
_pdbx_poly_seq_scheme.mon_id 
_pdbx_poly_seq_scheme.ndb_seq_num 
_pdbx_poly_seq_scheme.pdb_seq_num 
_pdbx_poly_seq_scheme.auth_seq_num 
_pdbx_poly_seq_scheme.pdb_mon_id 
_pdbx_poly_seq_scheme.auth_mon_id 
_pdbx_poly_seq_scheme.pdb_strand_id 
_pdbx_poly_seq_scheme.pdb_ins_code 
_pdbx_poly_seq_scheme.hetero 
A 1 1   MET 1   -6  ?   ?   ?   A . n 
A 1 2   HIS 2   -5  ?   ?   ?   A . n 
A 1 3   HIS 3   -4  ?   ?   ?   A . n 
A 1 4   HIS 4   -3  ?   ?   ?   A . n 
A 1 5   HIS 5   -2  ?   ?   ?   A . n 
A 1 6   HIS 6   -1  ?   ?   ?   A . n 
A 1 7   HIS 7   0   ?   ?   ?   A . n 
A 1 8   MET 8   1   ?   ?   ?   A . n 
A 1 9   GLY 9   2   ?   ?   ?   A . n 
A 1 10  ILE 10  3   ?   ?   ?   A . n 
A 1 11  VAL 11  4   ?   ?   ?   A . n 
A 1 12  THR 12  5   ?   ?   ?   A . n 
A 1 13  GLY 13  6   ?   ?   ?   A . n 
A 1 14  PRO 14  7   ?   ?   ?   A . n 
A 1 15  ILE 15  8   ?   ?   ?   A . n 
A 1 16  ILE 16  9   ?   ?   ?   A . n 
A 1 17  ASP 17  10  ?   ?   ?   A . n 
A 1 18  HIS 18  11  ?   ?   ?   A . n 
A 1 19  SER 19  12  ?   ?   ?   A . n 
A 1 20  LYS 20  13  ?   ?   ?   A . n 
A 1 21  GLU 21  14  ?   ?   ?   A . n 
A 1 22  ASN 22  15  ?   ?   ?   A . n 
A 1 23  ASP 23  16  ?   ?   ?   A . n 
A 1 24  VAL 24  17  ?   ?   ?   A . n 
A 1 25  MET 25  18  ?   ?   ?   A . n 
A 1 26  ASN 26  19  19  ASN ASN A . n 
A 1 27  GLU 27  20  20  GLU GLU A . n 
A 1 28  ALA 28  21  21  ALA ALA A . n 
A 1 29  GLU 29  22  22  GLU GLU A . n 
A 1 30  GLN 30  23  23  GLN GLN A . n 
A 1 31  ASN 31  24  24  ASN ASN A . n 
A 1 32  ALA 32  25  25  ALA ALA A . n 
A 1 33  GLU 33  26  26  GLU GLU A . n 
A 1 34  THR 34  27  27  THR THR A . n 
A 1 35  VAL 35  28  28  VAL VAL A . n 
A 1 36  ARG 36  29  29  ARG ARG A . n 
A 1 37  ARG 37  30  30  ARG ARG A . n 
A 1 38  GLY 38  31  31  GLY GLY A . n 
A 1 39  TYR 39  32  32  TYR TYR A . n 
A 1 40  ALA 40  33  33  ALA ALA A . n 
A 1 41  ALA 41  34  34  ALA ALA A . n 
A 1 42  PHE 42  35  35  PHE PHE A . n 
A 1 43  ASN 43  36  36  ASN ASN A . n 
A 1 44  SER 44  37  37  SER SER A . n 
A 1 45  GLY 45  38  38  GLY GLY A . n 
A 1 46  ASP 46  39  39  ASP ASP A . n 
A 1 47  MET 47  40  40  MET MET A . n 
A 1 48  LYS 48  41  41  LYS LYS A . n 
A 1 49  THR 49  42  42  THR THR A . n 
A 1 50  LEU 50  43  43  LEU LEU A . n 
A 1 51  THR 51  44  44  THR THR A . n 
A 1 52  GLU 52  45  45  GLU GLU A . n 
A 1 53  LEU 53  46  46  LEU LEU A . n 
A 1 54  PHE 54  47  47  PHE PHE A . n 
A 1 55  ASP 55  48  48  ASP ASP A . n 
A 1 56  GLU 56  49  49  GLU GLU A . n 
A 1 57  ASN 57  50  50  ASN ASN A . n 
A 1 58  ALA 58  51  51  ALA ALA A . n 
A 1 59  SER 59  52  52  SER SER A . n 
A 1 60  TRP 60  53  53  TRP TRP A . n 
A 1 61  HIS 61  54  54  HIS HIS A . n 
A 1 62  THR 62  55  55  THR THR A . n 
A 1 63  PRO 63  56  56  PRO PRO A . n 
A 1 64  GLY 64  57  57  GLY GLY A . n 
A 1 65  ARG 65  58  58  ARG ARG A . n 
A 1 66  SER 66  59  59  SER SER A . n 
A 1 67  ARG 67  60  60  ARG ARG A . n 
A 1 68  ILE 68  61  61  ILE ILE A . n 
A 1 69  ALA 69  62  62  ALA ALA A . n 
A 1 70  GLY 70  63  63  GLY GLY A . n 
A 1 71  ASP 71  64  64  ASP ASP A . n 
A 1 72  HIS 72  65  65  HIS HIS A . n 
A 1 73  LYS 73  66  66  LYS LYS A . n 
A 1 74  GLY 74  67  67  GLY GLY A . n 
A 1 75  ARG 75  68  68  ARG ARG A . n 
A 1 76  GLU 76  69  69  GLU GLU A . n 
A 1 77  ALA 77  70  70  ALA ALA A . n 
A 1 78  ILE 78  71  71  ILE ILE A . n 
A 1 79  PHE 79  72  72  PHE PHE A . n 
A 1 80  ALA 80  73  73  ALA ALA A . n 
A 1 81  GLN 81  74  74  GLN GLN A . n 
A 1 82  PHE 82  75  75  PHE PHE A . n 
A 1 83  GLY 83  76  76  GLY GLY A . n 
A 1 84  ARG 84  77  77  ARG ARG A . n 
A 1 85  TYR 85  78  78  TYR TYR A . n 
A 1 86  GLY 86  79  79  GLY GLY A . n 
A 1 87  GLY 87  80  80  GLY GLY A . n 
A 1 88  GLU 88  81  81  GLU GLU A . n 
A 1 89  THR 89  82  82  THR THR A . n 
A 1 90  GLY 90  83  83  GLY GLY A . n 
A 1 91  GLY 91  84  84  GLY GLY A . n 
A 1 92  THR 92  85  85  THR THR A . n 
A 1 93  PHE 93  86  86  PHE PHE A . n 
A 1 94  LYS 94  87  87  LYS LYS A . n 
A 1 95  ALA 95  88  88  ALA ALA A . n 
A 1 96  VAL 96  89  89  VAL VAL A . n 
A 1 97  LEU 97  90  90  LEU LEU A . n 
A 1 98  LEU 98  91  91  LEU LEU A . n 
A 1 99  HIS 99  92  92  HIS HIS A . n 
A 1 100 VAL 100 93  93  VAL VAL A . n 
A 1 101 LEU 101 94  94  LEU LEU A . n 
A 1 102 LYS 102 95  95  LYS LYS A . n 
A 1 103 SER 103 96  96  SER SER A . n 
A 1 104 ASP 104 97  97  ASP ASP A . n 
A 1 105 ASP 105 98  98  ASP ASP A . n 
A 1 106 GLY 106 99  99  GLY GLY A . n 
A 1 107 ARG 107 100 100 ARG ARG A . n 
A 1 108 VAL 108 101 101 VAL VAL A . n 
A 1 109 ILE 109 102 102 ILE ILE A . n 
A 1 110 GLY 110 103 103 GLY GLY A . n 
A 1 111 ILE 111 104 104 ILE ILE A . n 
A 1 112 HIS 112 105 105 HIS HIS A . n 
A 1 113 ARG 113 106 106 ARG ARG A . n 
A 1 114 ASN 114 107 107 ASN ASN A . n 
A 1 115 THR 115 108 108 THR THR A . n 
A 1 116 ALA 116 109 109 ALA ALA A . n 
A 1 117 GLU 117 110 110 GLU GLU A . n 
A 1 118 ARG 118 111 111 ARG ARG A . n 
A 1 119 GLY 119 112 112 GLY GLY A . n 
A 1 120 GLY 120 113 113 GLY GLY A . n 
A 1 121 LYS 121 114 114 LYS LYS A . n 
A 1 122 ARG 122 115 115 ARG ARG A . n 
A 1 123 LEU 123 116 116 LEU LEU A . n 
A 1 124 ASP 124 117 117 ASP ASP A . n 
A 1 125 VAL 125 118 118 VAL VAL A . n 
A 1 126 GLY 126 119 119 GLY GLY A . n 
A 1 127 CYS 127 120 120 CYS CYS A . n 
A 1 128 CYS 128 121 121 CYS CYS A . n 
A 1 129 ILE 129 122 122 ILE ILE A . n 
A 1 130 VAL 130 123 123 VAL VAL A . n 
A 1 131 PHE 131 124 124 PHE PHE A . n 
A 1 132 GLU 132 125 125 GLU GLU A . n 
A 1 133 PHE 133 126 126 PHE PHE A . n 
A 1 134 LYS 134 127 127 LYS LYS A . n 
A 1 135 ASN 135 128 128 ASN ASN A . n 
A 1 136 GLY 136 129 129 GLY GLY A . n 
A 1 137 ARG 137 130 130 ARG ARG A . n 
A 1 138 VAL 138 131 131 VAL VAL A . n 
A 1 139 ILE 139 132 132 ILE ILE A . n 
A 1 140 ASP 140 133 133 ASP ASP A . n 
A 1 141 GLY 141 134 134 GLY GLY A . n 
A 1 142 ARG 142 135 135 ARG ARG A . n 
A 1 143 GLU 143 136 136 GLU GLU A . n 
A 1 144 HIS 144 137 137 HIS HIS A . n 
A 1 145 PHE 145 138 138 PHE PHE A . n 
A 1 146 TYR 146 139 139 TYR TYR A . n 
A 1 147 ASP 147 140 140 ASP ASP A . n 
A 1 148 LEU 148 141 141 LEU LEU A . n 
A 1 149 TYR 149 142 142 TYR TYR A . n 
A 1 150 ALA 150 143 143 ALA ALA A . n 
A 1 151 TRP 151 144 144 TRP TRP A . n 
A 1 152 ASP 152 145 145 ASP ASP A . n 
A 1 153 GLU 153 146 146 GLU GLU A . n 
A 1 154 PHE 154 147 147 PHE PHE A . n 
A 1 155 TRP 155 148 148 TRP TRP A . n 
A 1 156 ARG 156 149 149 ARG ARG A . n 
# 
loop_
_pdbx_nonpoly_scheme.asym_id 
_pdbx_nonpoly_scheme.entity_id 
_pdbx_nonpoly_scheme.mon_id 
_pdbx_nonpoly_scheme.ndb_seq_num 
_pdbx_nonpoly_scheme.pdb_seq_num 
_pdbx_nonpoly_scheme.auth_seq_num 
_pdbx_nonpoly_scheme.pdb_mon_id 
_pdbx_nonpoly_scheme.auth_mon_id 
_pdbx_nonpoly_scheme.pdb_strand_id 
_pdbx_nonpoly_scheme.pdb_ins_code 
B 2 ACT 1  501 501 ACT ACT A . 
C 3 HOH 1  502 1   HOH HOH A . 
C 3 HOH 2  503 2   HOH HOH A . 
C 3 HOH 3  504 3   HOH HOH A . 
C 3 HOH 4  505 4   HOH HOH A . 
C 3 HOH 5  506 5   HOH HOH A . 
C 3 HOH 6  507 6   HOH HOH A . 
C 3 HOH 7  508 7   HOH HOH A . 
C 3 HOH 8  509 8   HOH HOH A . 
C 3 HOH 9  510 9   HOH HOH A . 
C 3 HOH 10 511 10  HOH HOH A . 
C 3 HOH 11 512 11  HOH HOH A . 
C 3 HOH 12 513 12  HOH HOH A . 
C 3 HOH 13 514 13  HOH HOH A . 
C 3 HOH 14 515 14  HOH HOH A . 
C 3 HOH 15 516 15  HOH HOH A . 
C 3 HOH 16 517 16  HOH HOH A . 
C 3 HOH 17 518 17  HOH HOH A . 
C 3 HOH 18 519 18  HOH HOH A . 
C 3 HOH 19 520 19  HOH HOH A . 
C 3 HOH 20 521 20  HOH HOH A . 
C 3 HOH 21 522 21  HOH HOH A . 
C 3 HOH 22 523 22  HOH HOH A . 
C 3 HOH 23 524 23  HOH HOH A . 
C 3 HOH 24 525 24  HOH HOH A . 
C 3 HOH 25 526 25  HOH HOH A . 
C 3 HOH 26 527 26  HOH HOH A . 
C 3 HOH 27 528 27  HOH HOH A . 
C 3 HOH 28 529 28  HOH HOH A . 
C 3 HOH 29 530 29  HOH HOH A . 
C 3 HOH 30 531 30  HOH HOH A . 
C 3 HOH 31 532 31  HOH HOH A . 
C 3 HOH 32 533 32  HOH HOH A . 
C 3 HOH 33 534 33  HOH HOH A . 
C 3 HOH 34 535 34  HOH HOH A . 
C 3 HOH 35 536 35  HOH HOH A . 
C 3 HOH 36 537 36  HOH HOH A . 
C 3 HOH 37 538 37  HOH HOH A . 
C 3 HOH 38 539 38  HOH HOH A . 
C 3 HOH 39 540 39  HOH HOH A . 
C 3 HOH 40 541 40  HOH HOH A . 
C 3 HOH 41 542 41  HOH HOH A . 
C 3 HOH 42 543 42  HOH HOH A . 
C 3 HOH 43 544 43  HOH HOH A . 
C 3 HOH 44 545 44  HOH HOH A . 
C 3 HOH 45 546 45  HOH HOH A . 
C 3 HOH 46 547 46  HOH HOH A . 
C 3 HOH 47 548 47  HOH HOH A . 
C 3 HOH 48 549 48  HOH HOH A . 
C 3 HOH 49 550 49  HOH HOH A . 
C 3 HOH 50 551 50  HOH HOH A . 
C 3 HOH 51 552 51  HOH HOH A . 
C 3 HOH 52 553 52  HOH HOH A . 
C 3 HOH 53 554 53  HOH HOH A . 
C 3 HOH 54 555 54  HOH HOH A . 
C 3 HOH 55 556 55  HOH HOH A . 
C 3 HOH 56 557 56  HOH HOH A . 
C 3 HOH 57 558 57  HOH HOH A . 
C 3 HOH 58 559 58  HOH HOH A . 
C 3 HOH 59 560 59  HOH HOH A . 
C 3 HOH 60 561 60  HOH HOH A . 
C 3 HOH 61 562 61  HOH HOH A . 
C 3 HOH 62 563 62  HOH HOH A . 
C 3 HOH 63 564 63  HOH HOH A . 
C 3 HOH 64 565 64  HOH HOH A . 
C 3 HOH 65 566 65  HOH HOH A . 
C 3 HOH 66 567 66  HOH HOH A . 
C 3 HOH 67 568 67  HOH HOH A . 
C 3 HOH 68 569 68  HOH HOH A . 
C 3 HOH 69 570 69  HOH HOH A . 
C 3 HOH 70 571 70  HOH HOH A . 
C 3 HOH 71 572 71  HOH HOH A . 
C 3 HOH 72 573 72  HOH HOH A . 
C 3 HOH 73 574 73  HOH HOH A . 
C 3 HOH 74 575 74  HOH HOH A . 
C 3 HOH 75 576 75  HOH HOH A . 
# 
loop_
_software.name 
_software.classification 
_software.version 
_software.citation_id 
_software.pdbx_ordinal 
REFMAC  refinement       5.2.0003  ? 1 
MOSFLM  'data reduction' .         ? 2 
CCP4    'data scaling'   '(SCALA)' ? 3 
MLPHARE phasing          .         ? 4 
# 
_cell.entry_id           1TUH 
_cell.length_a           60.728 
_cell.length_b           60.728 
_cell.length_c           89.910 
_cell.angle_alpha        90.00 
_cell.angle_beta         90.00 
_cell.angle_gamma        90.00 
_cell.Z_PDB              8 
_cell.pdbx_unique_axis   ? 
# 
_symmetry.entry_id                         1TUH 
_symmetry.space_group_name_H-M             'P 41 21 2' 
_symmetry.pdbx_full_space_group_name_H-M   ? 
_symmetry.cell_setting                     ? 
_symmetry.Int_Tables_number                92 
_symmetry.space_group_name_Hall            ? 
# 
_exptl.entry_id          1TUH 
_exptl.method            'X-RAY DIFFRACTION' 
_exptl.crystals_number   1 
# 
_exptl_crystal.id                    1 
_exptl_crystal.density_meas          ? 
_exptl_crystal.density_Matthews      2.3 
_exptl_crystal.density_percent_sol   47.0 
_exptl_crystal.description           ? 
_exptl_crystal.F_000                 ? 
_exptl_crystal.preparation           ? 
# 
_exptl_crystal_grow.crystal_id      1 
_exptl_crystal_grow.method          'VAPOR DIFFUSION, SITTING DROP' 
_exptl_crystal_grow.temp            291 
_exptl_crystal_grow.temp_details    ? 
_exptl_crystal_grow.pH              4.6 
_exptl_crystal_grow.pdbx_details    'ammonium sulfate, sodium acetate, pH 4.6, VAPOR DIFFUSION, SITTING DROP, temperature 291K' 
_exptl_crystal_grow.pdbx_pH_range   . 
# 
_diffrn.id                     1 
_diffrn.ambient_temp           100 
_diffrn.ambient_temp_details   ? 
_diffrn.crystal_id             1 
# 
_diffrn_detector.diffrn_id              1 
_diffrn_detector.detector               'IMAGE PLATE' 
_diffrn_detector.type                   MARRESEARCH 
_diffrn_detector.pdbx_collection_date   2003-07-25 
_diffrn_detector.details                mirrors 
# 
_diffrn_radiation.diffrn_id                        1 
_diffrn_radiation.wavelength_id                    1 
_diffrn_radiation.pdbx_monochromatic_or_laue_m_l   M 
_diffrn_radiation.monochromator                    'RIGAKU MIRRORS' 
_diffrn_radiation.pdbx_diffrn_protocol             'SINGLE WAVELENGTH' 
_diffrn_radiation.pdbx_scattering_type             x-ray 
# 
_diffrn_radiation_wavelength.id           1 
_diffrn_radiation_wavelength.wavelength   1.5418 
_diffrn_radiation_wavelength.wt           1.0 
# 
_diffrn_source.diffrn_id                   1 
_diffrn_source.source                      'ROTATING ANODE' 
_diffrn_source.type                        ENRAF-NONIUS 
_diffrn_source.pdbx_synchrotron_site       ? 
_diffrn_source.pdbx_synchrotron_beamline   ? 
_diffrn_source.pdbx_wavelength             ? 
_diffrn_source.pdbx_wavelength_list        1.5418 
# 
_reflns.entry_id                     1TUH 
_reflns.observed_criterion_sigma_F   0 
_reflns.observed_criterion_sigma_I   0 
_reflns.d_resolution_high            1.85 
_reflns.d_resolution_low             22.5 
_reflns.number_all                   14962 
_reflns.number_obs                   14962 
_reflns.percent_possible_obs         100 
_reflns.pdbx_Rmerge_I_obs            ? 
_reflns.pdbx_Rsym_value              ? 
_reflns.pdbx_netI_over_sigmaI        ? 
_reflns.B_iso_Wilson_estimate        ? 
_reflns.pdbx_redundancy              ? 
_reflns.R_free_details               ? 
_reflns.limit_h_max                  ? 
_reflns.limit_h_min                  ? 
_reflns.limit_k_max                  ? 
_reflns.limit_k_min                  ? 
_reflns.limit_l_max                  ? 
_reflns.limit_l_min                  ? 
_reflns.observed_criterion_F_max     ? 
_reflns.observed_criterion_F_min     ? 
_reflns.pdbx_chi_squared             ? 
_reflns.pdbx_scaling_rejects         ? 
_reflns.pdbx_diffrn_id               1 
_reflns.pdbx_ordinal                 1 
# 
_reflns_shell.d_res_high             1.850 
_reflns_shell.d_res_low              1.898 
_reflns_shell.percent_possible_all   100 
_reflns_shell.Rmerge_I_obs           ? 
_reflns_shell.pdbx_Rsym_value        ? 
_reflns_shell.meanI_over_sigI_obs    ? 
_reflns_shell.pdbx_redundancy        ? 
_reflns_shell.percent_possible_obs   ? 
_reflns_shell.number_unique_all      ? 
_reflns_shell.number_measured_all    ? 
_reflns_shell.number_measured_obs    ? 
_reflns_shell.number_unique_obs      ? 
_reflns_shell.pdbx_chi_squared       ? 
_reflns_shell.pdbx_diffrn_id         ? 
_reflns_shell.pdbx_ordinal           1 
# 
_refine.entry_id                                 1TUH 
_refine.ls_number_reflns_obs                     14962 
_refine.ls_number_reflns_all                     14962 
_refine.pdbx_ls_sigma_I                          ? 
_refine.pdbx_ls_sigma_F                          0 
_refine.pdbx_data_cutoff_high_absF               ? 
_refine.pdbx_data_cutoff_low_absF                ? 
_refine.pdbx_data_cutoff_high_rms_absF           ? 
_refine.ls_d_res_low                             22.47 
_refine.ls_d_res_high                            1.85 
_refine.ls_percent_reflns_obs                    100.00 
_refine.ls_R_factor_obs                          0.18689 
_refine.ls_R_factor_all                          0.18689 
_refine.ls_R_factor_R_work                       0.18548 
_refine.ls_R_factor_R_free                       0.21213 
_refine.ls_R_factor_R_free_error                 ? 
_refine.ls_R_factor_R_free_error_details         ? 
_refine.ls_percent_reflns_R_free                 5.1 
_refine.ls_number_reflns_R_free                  758 
_refine.ls_number_parameters                     ? 
_refine.ls_number_restraints                     ? 
_refine.occupancy_min                            ? 
_refine.occupancy_max                            ? 
_refine.correlation_coeff_Fo_to_Fc               .960 
_refine.correlation_coeff_Fo_to_Fc_free          .953 
_refine.B_iso_mean                               31.676 
_refine.aniso_B[1][1]                            .00 
_refine.aniso_B[2][2]                            .00 
_refine.aniso_B[3][3]                            .00 
_refine.aniso_B[1][2]                            .00 
_refine.aniso_B[1][3]                            .00 
_refine.aniso_B[2][3]                            .00 
_refine.solvent_model_details                    'BABINET MODEL WITH MASK' 
_refine.solvent_model_param_ksol                 ? 
_refine.solvent_model_param_bsol                 ? 
_refine.pdbx_solvent_vdw_probe_radii             1.20 
_refine.pdbx_solvent_ion_probe_radii             .80 
_refine.pdbx_solvent_shrinkage_radii             .80 
_refine.pdbx_ls_cross_valid_method               THROUGHOUT 
_refine.details                                  'HYDROGENS HAVE BEEN ADDED IN THE RIDING POSITIONS' 
_refine.pdbx_starting_model                      ? 
_refine.pdbx_method_to_determine_struct          MIR 
_refine.pdbx_isotropic_thermal_model             ? 
_refine.pdbx_stereochemistry_target_values       'MAXIMUM LIKELIHOOD' 
_refine.pdbx_stereochem_target_val_spec_case     ? 
_refine.pdbx_R_Free_selection_details            RANDOM 
_refine.pdbx_overall_ESU_R                       .121 
_refine.pdbx_overall_ESU_R_Free                  .113 
_refine.overall_SU_ML                            .080 
_refine.overall_SU_B                             2.605 
_refine.ls_redundancy_reflns_obs                 ? 
_refine.B_iso_min                                ? 
_refine.B_iso_max                                ? 
_refine.overall_SU_R_Cruickshank_DPI             ? 
_refine.overall_SU_R_free                        ? 
_refine.ls_wR_factor_R_free                      ? 
_refine.ls_wR_factor_R_work                      ? 
_refine.overall_FOM_free_R_set                   ? 
_refine.overall_FOM_work_R_set                   ? 
_refine.pdbx_refine_id                           'X-RAY DIFFRACTION' 
_refine.pdbx_diffrn_id                           1 
_refine.pdbx_TLS_residual_ADP_flag               ? 
_refine.pdbx_overall_phase_error                 ? 
_refine.pdbx_overall_SU_R_free_Cruickshank_DPI   ? 
_refine.pdbx_overall_SU_R_Blow_DPI               ? 
_refine.pdbx_overall_SU_R_free_Blow_DPI          ? 
# 
_refine_hist.pdbx_refine_id                   'X-RAY DIFFRACTION' 
_refine_hist.cycle_id                         LAST 
_refine_hist.pdbx_number_atoms_protein        1068 
_refine_hist.pdbx_number_atoms_nucleic_acid   0 
_refine_hist.pdbx_number_atoms_ligand         4 
_refine_hist.number_atoms_solvent             75 
_refine_hist.number_atoms_total               1147 
_refine_hist.d_res_high                       1.85 
_refine_hist.d_res_low                        22.47 
# 
loop_
_refine_ls_restr.type 
_refine_ls_restr.dev_ideal 
_refine_ls_restr.dev_ideal_target 
_refine_ls_restr.weight 
_refine_ls_restr.number 
_refine_ls_restr.pdbx_refine_id 
_refine_ls_restr.pdbx_restraint_function 
r_bond_refined_d         .020   .021   ? 1097 'X-RAY DIFFRACTION' ? 
r_bond_other_d           .002   .020   ? 954  'X-RAY DIFFRACTION' ? 
r_angle_refined_deg      1.752  1.901  ? 1474 'X-RAY DIFFRACTION' ? 
r_angle_other_deg        .924   3.000  ? 2195 'X-RAY DIFFRACTION' ? 
r_dihedral_angle_1_deg   6.350  5.000  ? 130  'X-RAY DIFFRACTION' ? 
r_dihedral_angle_2_deg   31.682 22.462 ? 65   'X-RAY DIFFRACTION' ? 
r_dihedral_angle_3_deg   15.599 15.000 ? 177  'X-RAY DIFFRACTION' ? 
r_dihedral_angle_4_deg   15.521 15.000 ? 13   'X-RAY DIFFRACTION' ? 
r_chiral_restr           .124   .200   ? 144  'X-RAY DIFFRACTION' ? 
r_gen_planes_refined     .009   .020   ? 1266 'X-RAY DIFFRACTION' ? 
r_gen_planes_other       .001   .020   ? 276  'X-RAY DIFFRACTION' ? 
r_nbd_refined            .210   .200   ? 201  'X-RAY DIFFRACTION' ? 
r_nbd_other              .203   .200   ? 940  'X-RAY DIFFRACTION' ? 
r_nbtor_refined          .188   .200   ? 522  'X-RAY DIFFRACTION' ? 
r_nbtor_other            .085   .200   ? 657  'X-RAY DIFFRACTION' ? 
r_xyhbond_nbd_refined    .173   .200   ? 60   'X-RAY DIFFRACTION' ? 
r_xyhbond_nbd_other      ?      ?      ? ?    'X-RAY DIFFRACTION' ? 
r_metal_ion_refined      ?      ?      ? ?    'X-RAY DIFFRACTION' ? 
r_metal_ion_other        ?      ?      ? ?    'X-RAY DIFFRACTION' ? 
r_symmetry_vdw_refined   .095   .200   ? 10   'X-RAY DIFFRACTION' ? 
r_symmetry_vdw_other     .238   .200   ? 37   'X-RAY DIFFRACTION' ? 
r_symmetry_hbond_refined .146   .200   ? 14   'X-RAY DIFFRACTION' ? 
r_symmetry_hbond_other   ?      ?      ? ?    'X-RAY DIFFRACTION' ? 
r_mcbond_it              1.982  1.500  ? 834  'X-RAY DIFFRACTION' ? 
r_mcbond_other           .385   1.500  ? 280  'X-RAY DIFFRACTION' ? 
r_mcangle_it             2.237  2.000  ? 1017 'X-RAY DIFFRACTION' ? 
r_scbond_it              3.109  3.000  ? 539  'X-RAY DIFFRACTION' ? 
r_scangle_it             4.425  4.500  ? 457  'X-RAY DIFFRACTION' ? 
r_rigid_bond_restr       ?      ?      ? ?    'X-RAY DIFFRACTION' ? 
r_sphericity_free        ?      ?      ? ?    'X-RAY DIFFRACTION' ? 
r_sphericity_bonded      ?      ?      ? ?    'X-RAY DIFFRACTION' ? 
# 
_refine_ls_shell.pdbx_total_number_of_bins_used   20 
_refine_ls_shell.d_res_high                       1.85 
_refine_ls_shell.d_res_low                        ? 
_refine_ls_shell.number_reflns_R_work             1034 
_refine_ls_shell.R_factor_R_work                  ? 
_refine_ls_shell.percent_reflns_obs               ? 
_refine_ls_shell.R_factor_R_free                  ? 
_refine_ls_shell.R_factor_R_free_error            ? 
_refine_ls_shell.percent_reflns_R_free            ? 
_refine_ls_shell.number_reflns_R_free             ? 
_refine_ls_shell.number_reflns_obs                ? 
_refine_ls_shell.redundancy_reflns_obs            ? 
_refine_ls_shell.number_reflns_all                ? 
_refine_ls_shell.pdbx_refine_id                   'X-RAY DIFFRACTION' 
_refine_ls_shell.R_factor_all                     ? 
# 
_struct.entry_id                  1TUH 
_struct.title                     'Structure of Bal32a from a Soil-Derived Mobile Gene Cassette' 
_struct.pdbx_model_details        ? 
_struct.pdbx_CASP_flag            ? 
_struct.pdbx_model_type_details   ? 
# 
_struct_keywords.entry_id        1TUH 
_struct_keywords.pdbx_keywords   'UNKNOWN FUNCTION' 
_struct_keywords.text            'uncultured, UNKNOWN FUNCTION' 
# 
loop_
_struct_asym.id 
_struct_asym.pdbx_blank_PDB_chainid_flag 
_struct_asym.pdbx_modified 
_struct_asym.entity_id 
_struct_asym.details 
A N N 1 ? 
B N N 2 ? 
C N N 3 ? 
# 
_struct_ref.id                         1 
_struct_ref.db_name                    UNP 
_struct_ref.db_code                    Q99IU3_9ZZZZ 
_struct_ref.pdbx_db_accession          Q99IU3 
_struct_ref.entity_id                  1 
_struct_ref.pdbx_seq_one_letter_code   
;MGIVTGPIIDHSKENDVMNEAEQNAETVRRGYAAFNSGDMKTLTELFDENASWHTPGRSRIAGDHKGREAIFAQFGRYGG
ETGGTFKAVLLHVLKSDDGRVIGIHRNTAERGGKRLDVGCCIVFEFKNGRVIDGREHFYDLYAWDEFWR
;
_struct_ref.pdbx_align_begin           1 
_struct_ref.pdbx_db_isoform            ? 
# 
_struct_ref_seq.align_id                      1 
_struct_ref_seq.ref_id                        1 
_struct_ref_seq.pdbx_PDB_id_code              1TUH 
_struct_ref_seq.pdbx_strand_id                A 
_struct_ref_seq.seq_align_beg                 8 
_struct_ref_seq.pdbx_seq_align_beg_ins_code   ? 
_struct_ref_seq.seq_align_end                 156 
_struct_ref_seq.pdbx_seq_align_end_ins_code   ? 
_struct_ref_seq.pdbx_db_accession             Q99IU3 
_struct_ref_seq.db_align_beg                  1 
_struct_ref_seq.pdbx_db_align_beg_ins_code    ? 
_struct_ref_seq.db_align_end                  149 
_struct_ref_seq.pdbx_db_align_end_ins_code    ? 
_struct_ref_seq.pdbx_auth_seq_align_beg       1 
_struct_ref_seq.pdbx_auth_seq_align_end       149 
# 
loop_
_struct_ref_seq_dif.align_id 
_struct_ref_seq_dif.pdbx_pdb_id_code 
_struct_ref_seq_dif.mon_id 
_struct_ref_seq_dif.pdbx_pdb_strand_id 
_struct_ref_seq_dif.seq_num 
_struct_ref_seq_dif.pdbx_pdb_ins_code 
_struct_ref_seq_dif.pdbx_seq_db_name 
_struct_ref_seq_dif.pdbx_seq_db_accession_code 
_struct_ref_seq_dif.db_mon_id 
_struct_ref_seq_dif.pdbx_seq_db_seq_num 
_struct_ref_seq_dif.details 
_struct_ref_seq_dif.pdbx_auth_seq_num 
_struct_ref_seq_dif.pdbx_ordinal 
1 1TUH MET A 1 ? UNP Q99IU3 ? ? 'expression tag' -6 1 
1 1TUH HIS A 2 ? UNP Q99IU3 ? ? 'expression tag' -5 2 
1 1TUH HIS A 3 ? UNP Q99IU3 ? ? 'expression tag' -4 3 
1 1TUH HIS A 4 ? UNP Q99IU3 ? ? 'expression tag' -3 4 
1 1TUH HIS A 5 ? UNP Q99IU3 ? ? 'expression tag' -2 5 
1 1TUH HIS A 6 ? UNP Q99IU3 ? ? 'expression tag' -1 6 
1 1TUH HIS A 7 ? UNP Q99IU3 ? ? 'expression tag' 0  7 
# 
_pdbx_struct_assembly.id                   1 
_pdbx_struct_assembly.details              author_defined_assembly 
_pdbx_struct_assembly.method_details       ? 
_pdbx_struct_assembly.oligomeric_details   dimeric 
_pdbx_struct_assembly.oligomeric_count     2 
# 
_pdbx_struct_assembly_gen.assembly_id       1 
_pdbx_struct_assembly_gen.oper_expression   1,2 
_pdbx_struct_assembly_gen.asym_id_list      A,B,C 
# 
loop_
_pdbx_struct_oper_list.id 
_pdbx_struct_oper_list.type 
_pdbx_struct_oper_list.name 
_pdbx_struct_oper_list.symmetry_operation 
_pdbx_struct_oper_list.matrix[1][1] 
_pdbx_struct_oper_list.matrix[1][2] 
_pdbx_struct_oper_list.matrix[1][3] 
_pdbx_struct_oper_list.vector[1] 
_pdbx_struct_oper_list.matrix[2][1] 
_pdbx_struct_oper_list.matrix[2][2] 
_pdbx_struct_oper_list.matrix[2][3] 
_pdbx_struct_oper_list.vector[2] 
_pdbx_struct_oper_list.matrix[3][1] 
_pdbx_struct_oper_list.matrix[3][2] 
_pdbx_struct_oper_list.matrix[3][3] 
_pdbx_struct_oper_list.vector[3] 
1 'identity operation'         1_555 x,y,z    1.0000000000 0.0000000000 0.0000000000  0.0000000000 0.0000000000 1.0000000000  0.0000000000  0.0000000000  0.0000000000  0.0000000000  1.0000000000  0.0000000000  
2 'crystal symmetry operation' 7_556 y,x,-z+1 0.4461834211 0.4793486047 -0.7557415364 3.0539374906 0.4793486047 -0.8411162226 -0.2504963380 17.3182557522 -0.7557415364 -0.2504963380 -0.6050671986 16.8285516752 
# 
_struct_biol.id                    1 
_struct_biol.details               'The second part of the biological assembly is generated by the two fold axis: y, x, 1-z.' 
_struct_biol.pdbx_parent_biol_id   ? 
# 
loop_
_struct_conf.conf_type_id 
_struct_conf.id 
_struct_conf.pdbx_PDB_helix_id 
_struct_conf.beg_label_comp_id 
_struct_conf.beg_label_asym_id 
_struct_conf.beg_label_seq_id 
_struct_conf.pdbx_beg_PDB_ins_code 
_struct_conf.end_label_comp_id 
_struct_conf.end_label_asym_id 
_struct_conf.end_label_seq_id 
_struct_conf.pdbx_end_PDB_ins_code 
_struct_conf.beg_auth_comp_id 
_struct_conf.beg_auth_asym_id 
_struct_conf.beg_auth_seq_id 
_struct_conf.end_auth_comp_id 
_struct_conf.end_auth_asym_id 
_struct_conf.end_auth_seq_id 
_struct_conf.pdbx_PDB_helix_class 
_struct_conf.details 
_struct_conf.pdbx_PDB_helix_length 
HELX_P HELX_P1 1 ASN A 26  ? GLY A 45  ? ASN A 19  GLY A 38  1 ? 20 
HELX_P HELX_P2 2 ASP A 46  ? LEU A 53  ? ASP A 39  LEU A 46  1 ? 8  
HELX_P HELX_P3 3 GLY A 74  ? GLU A 88  ? GLY A 67  GLU A 81  1 ? 15 
HELX_P HELX_P4 4 ASP A 147 ? ARG A 156 ? ASP A 140 ARG A 149 1 ? 10 
# 
_struct_conf_type.id          HELX_P 
_struct_conf_type.criteria    ? 
_struct_conf_type.reference   ? 
# 
_struct_sheet.id               A 
_struct_sheet.type             ? 
_struct_sheet.number_strands   6 
_struct_sheet.details          ? 
# 
loop_
_struct_sheet_order.sheet_id 
_struct_sheet_order.range_id_1 
_struct_sheet_order.range_id_2 
_struct_sheet_order.offset 
_struct_sheet_order.sense 
A 1 2 ? anti-parallel 
A 2 3 ? parallel      
A 3 4 ? anti-parallel 
A 4 5 ? anti-parallel 
A 5 6 ? anti-parallel 
# 
loop_
_struct_sheet_range.sheet_id 
_struct_sheet_range.id 
_struct_sheet_range.beg_label_comp_id 
_struct_sheet_range.beg_label_asym_id 
_struct_sheet_range.beg_label_seq_id 
_struct_sheet_range.pdbx_beg_PDB_ins_code 
_struct_sheet_range.end_label_comp_id 
_struct_sheet_range.end_label_asym_id 
_struct_sheet_range.end_label_seq_id 
_struct_sheet_range.pdbx_end_PDB_ins_code 
_struct_sheet_range.beg_auth_comp_id 
_struct_sheet_range.beg_auth_asym_id 
_struct_sheet_range.beg_auth_seq_id 
_struct_sheet_range.end_auth_comp_id 
_struct_sheet_range.end_auth_asym_id 
_struct_sheet_range.end_auth_seq_id 
A 1 GLY A 70  ? LYS A 73  ? GLY A 63  LYS A 66  
A 2 PHE A 54  ? THR A 62  ? PHE A 47  THR A 55  
A 3 ARG A 137 ? PHE A 145 ? ARG A 130 PHE A 138 
A 4 LYS A 121 ? LYS A 134 ? LYS A 114 LYS A 127 
A 5 VAL A 108 ? ARG A 118 ? VAL A 101 ARG A 111 
A 6 LYS A 94  ? LYS A 102 ? LYS A 87  LYS A 95  
# 
loop_
_pdbx_struct_sheet_hbond.sheet_id 
_pdbx_struct_sheet_hbond.range_id_1 
_pdbx_struct_sheet_hbond.range_id_2 
_pdbx_struct_sheet_hbond.range_1_label_atom_id 
_pdbx_struct_sheet_hbond.range_1_label_comp_id 
_pdbx_struct_sheet_hbond.range_1_label_asym_id 
_pdbx_struct_sheet_hbond.range_1_label_seq_id 
_pdbx_struct_sheet_hbond.range_1_PDB_ins_code 
_pdbx_struct_sheet_hbond.range_1_auth_atom_id 
_pdbx_struct_sheet_hbond.range_1_auth_comp_id 
_pdbx_struct_sheet_hbond.range_1_auth_asym_id 
_pdbx_struct_sheet_hbond.range_1_auth_seq_id 
_pdbx_struct_sheet_hbond.range_2_label_atom_id 
_pdbx_struct_sheet_hbond.range_2_label_comp_id 
_pdbx_struct_sheet_hbond.range_2_label_asym_id 
_pdbx_struct_sheet_hbond.range_2_label_seq_id 
_pdbx_struct_sheet_hbond.range_2_PDB_ins_code 
_pdbx_struct_sheet_hbond.range_2_auth_atom_id 
_pdbx_struct_sheet_hbond.range_2_auth_comp_id 
_pdbx_struct_sheet_hbond.range_2_auth_asym_id 
_pdbx_struct_sheet_hbond.range_2_auth_seq_id 
A 1 2 O HIS A 72  ? O HIS A 65  N TRP A 60  ? N TRP A 53  
A 2 3 N ASP A 55  ? N ASP A 48  O VAL A 138 ? O VAL A 131 
A 3 4 O ILE A 139 ? O ILE A 132 N GLU A 132 ? N GLU A 125 
A 4 5 O LEU A 123 ? O LEU A 116 N ALA A 116 ? N ALA A 109 
A 5 6 O ILE A 111 ? O ILE A 104 N LEU A 98  ? N LEU A 91  
# 
_struct_site.id                   AC1 
_struct_site.pdbx_evidence_code   Software 
_struct_site.pdbx_auth_asym_id    A 
_struct_site.pdbx_auth_comp_id    ACT 
_struct_site.pdbx_auth_seq_id     501 
_struct_site.pdbx_auth_ins_code   ? 
_struct_site.pdbx_num_residues    8 
_struct_site.details              'BINDING SITE FOR RESIDUE ACT A 501' 
# 
loop_
_struct_site_gen.id 
_struct_site_gen.site_id 
_struct_site_gen.pdbx_num_res 
_struct_site_gen.label_comp_id 
_struct_site_gen.label_asym_id 
_struct_site_gen.label_seq_id 
_struct_site_gen.pdbx_auth_ins_code 
_struct_site_gen.auth_comp_id 
_struct_site_gen.auth_asym_id 
_struct_site_gen.auth_seq_id 
_struct_site_gen.label_atom_id 
_struct_site_gen.label_alt_id 
_struct_site_gen.symmetry 
_struct_site_gen.details 
1 AC1 8 ARG A 113 ? ARG A 106 . ? 1_555 ? 
2 AC1 8 ASP A 124 ? ASP A 117 . ? 1_555 ? 
3 AC1 8 VAL A 125 ? VAL A 118 . ? 1_555 ? 
4 AC1 8 GLY A 126 ? GLY A 119 . ? 1_555 ? 
5 AC1 8 TYR A 146 ? TYR A 139 . ? 1_555 ? 
6 AC1 8 ASP A 147 ? ASP A 140 . ? 1_555 ? 
7 AC1 8 HOH C .   ? HOH A 562 . ? 1_555 ? 
8 AC1 8 HOH C .   ? HOH A 564 . ? 1_555 ? 
# 
loop_
_pdbx_validate_rmsd_angle.id 
_pdbx_validate_rmsd_angle.PDB_model_num 
_pdbx_validate_rmsd_angle.auth_atom_id_1 
_pdbx_validate_rmsd_angle.auth_asym_id_1 
_pdbx_validate_rmsd_angle.auth_comp_id_1 
_pdbx_validate_rmsd_angle.auth_seq_id_1 
_pdbx_validate_rmsd_angle.PDB_ins_code_1 
_pdbx_validate_rmsd_angle.label_alt_id_1 
_pdbx_validate_rmsd_angle.auth_atom_id_2 
_pdbx_validate_rmsd_angle.auth_asym_id_2 
_pdbx_validate_rmsd_angle.auth_comp_id_2 
_pdbx_validate_rmsd_angle.auth_seq_id_2 
_pdbx_validate_rmsd_angle.PDB_ins_code_2 
_pdbx_validate_rmsd_angle.label_alt_id_2 
_pdbx_validate_rmsd_angle.auth_atom_id_3 
_pdbx_validate_rmsd_angle.auth_asym_id_3 
_pdbx_validate_rmsd_angle.auth_comp_id_3 
_pdbx_validate_rmsd_angle.auth_seq_id_3 
_pdbx_validate_rmsd_angle.PDB_ins_code_3 
_pdbx_validate_rmsd_angle.label_alt_id_3 
_pdbx_validate_rmsd_angle.angle_value 
_pdbx_validate_rmsd_angle.angle_target_value 
_pdbx_validate_rmsd_angle.angle_deviation 
_pdbx_validate_rmsd_angle.angle_standard_deviation 
_pdbx_validate_rmsd_angle.linker_flag 
1 1 NE A ARG 29 ? ? CZ A ARG 29 ? ? NH1 A ARG 29 ? ? 123.60 120.30 3.30  0.50 N 
2 1 NE A ARG 29 ? ? CZ A ARG 29 ? ? NH2 A ARG 29 ? ? 117.02 120.30 -3.28 0.50 N 
3 1 CB A ASP 98 ? ? CG A ASP 98 ? ? OD1 A ASP 98 ? ? 123.85 118.30 5.55  0.90 N 
# 
_pdbx_validate_torsion.id              1 
_pdbx_validate_torsion.PDB_model_num   1 
_pdbx_validate_torsion.auth_comp_id    ASP 
_pdbx_validate_torsion.auth_asym_id    A 
_pdbx_validate_torsion.auth_seq_id     117 
_pdbx_validate_torsion.PDB_ins_code    ? 
_pdbx_validate_torsion.label_alt_id    ? 
_pdbx_validate_torsion.phi             -160.49 
_pdbx_validate_torsion.psi             94.68 
# 
loop_
_pdbx_unobs_or_zero_occ_residues.id 
_pdbx_unobs_or_zero_occ_residues.PDB_model_num 
_pdbx_unobs_or_zero_occ_residues.polymer_flag 
_pdbx_unobs_or_zero_occ_residues.occupancy_flag 
_pdbx_unobs_or_zero_occ_residues.auth_asym_id 
_pdbx_unobs_or_zero_occ_residues.auth_comp_id 
_pdbx_unobs_or_zero_occ_residues.auth_seq_id 
_pdbx_unobs_or_zero_occ_residues.PDB_ins_code 
_pdbx_unobs_or_zero_occ_residues.label_asym_id 
_pdbx_unobs_or_zero_occ_residues.label_comp_id 
_pdbx_unobs_or_zero_occ_residues.label_seq_id 
1  1 Y 1 A MET -6 ? A MET 1  
2  1 Y 1 A HIS -5 ? A HIS 2  
3  1 Y 1 A HIS -4 ? A HIS 3  
4  1 Y 1 A HIS -3 ? A HIS 4  
5  1 Y 1 A HIS -2 ? A HIS 5  
6  1 Y 1 A HIS -1 ? A HIS 6  
7  1 Y 1 A HIS 0  ? A HIS 7  
8  1 Y 1 A MET 1  ? A MET 8  
9  1 Y 1 A GLY 2  ? A GLY 9  
10 1 Y 1 A ILE 3  ? A ILE 10 
11 1 Y 1 A VAL 4  ? A VAL 11 
12 1 Y 1 A THR 5  ? A THR 12 
13 1 Y 1 A GLY 6  ? A GLY 13 
14 1 Y 1 A PRO 7  ? A PRO 14 
15 1 Y 1 A ILE 8  ? A ILE 15 
16 1 Y 1 A ILE 9  ? A ILE 16 
17 1 Y 1 A ASP 10 ? A ASP 17 
18 1 Y 1 A HIS 11 ? A HIS 18 
19 1 Y 1 A SER 12 ? A SER 19 
20 1 Y 1 A LYS 13 ? A LYS 20 
21 1 Y 1 A GLU 14 ? A GLU 21 
22 1 Y 1 A ASN 15 ? A ASN 22 
23 1 Y 1 A ASP 16 ? A ASP 23 
24 1 Y 1 A VAL 17 ? A VAL 24 
25 1 Y 1 A MET 18 ? A MET 25 
# 
loop_
_chem_comp_atom.comp_id 
_chem_comp_atom.atom_id 
_chem_comp_atom.type_symbol 
_chem_comp_atom.pdbx_aromatic_flag 
_chem_comp_atom.pdbx_stereo_config 
_chem_comp_atom.pdbx_ordinal 
ACT C    C N N 1   
ACT O    O N N 2   
ACT OXT  O N N 3   
ACT CH3  C N N 4   
ACT H1   H N N 5   
ACT H2   H N N 6   
ACT H3   H N N 7   
ALA N    N N N 8   
ALA CA   C N S 9   
ALA C    C N N 10  
ALA O    O N N 11  
ALA CB   C N N 12  
ALA OXT  O N N 13  
ALA H    H N N 14  
ALA H2   H N N 15  
ALA HA   H N N 16  
ALA HB1  H N N 17  
ALA HB2  H N N 18  
ALA HB3  H N N 19  
ALA HXT  H N N 20  
ARG N    N N N 21  
ARG CA   C N S 22  
ARG C    C N N 23  
ARG O    O N N 24  
ARG CB   C N N 25  
ARG CG   C N N 26  
ARG CD   C N N 27  
ARG NE   N N N 28  
ARG CZ   C N N 29  
ARG NH1  N N N 30  
ARG NH2  N N N 31  
ARG OXT  O N N 32  
ARG H    H N N 33  
ARG H2   H N N 34  
ARG HA   H N N 35  
ARG HB2  H N N 36  
ARG HB3  H N N 37  
ARG HG2  H N N 38  
ARG HG3  H N N 39  
ARG HD2  H N N 40  
ARG HD3  H N N 41  
ARG HE   H N N 42  
ARG HH11 H N N 43  
ARG HH12 H N N 44  
ARG HH21 H N N 45  
ARG HH22 H N N 46  
ARG HXT  H N N 47  
ASN N    N N N 48  
ASN CA   C N S 49  
ASN C    C N N 50  
ASN O    O N N 51  
ASN CB   C N N 52  
ASN CG   C N N 53  
ASN OD1  O N N 54  
ASN ND2  N N N 55  
ASN OXT  O N N 56  
ASN H    H N N 57  
ASN H2   H N N 58  
ASN HA   H N N 59  
ASN HB2  H N N 60  
ASN HB3  H N N 61  
ASN HD21 H N N 62  
ASN HD22 H N N 63  
ASN HXT  H N N 64  
ASP N    N N N 65  
ASP CA   C N S 66  
ASP C    C N N 67  
ASP O    O N N 68  
ASP CB   C N N 69  
ASP CG   C N N 70  
ASP OD1  O N N 71  
ASP OD2  O N N 72  
ASP OXT  O N N 73  
ASP H    H N N 74  
ASP H2   H N N 75  
ASP HA   H N N 76  
ASP HB2  H N N 77  
ASP HB3  H N N 78  
ASP HD2  H N N 79  
ASP HXT  H N N 80  
CYS N    N N N 81  
CYS CA   C N R 82  
CYS C    C N N 83  
CYS O    O N N 84  
CYS CB   C N N 85  
CYS SG   S N N 86  
CYS OXT  O N N 87  
CYS H    H N N 88  
CYS H2   H N N 89  
CYS HA   H N N 90  
CYS HB2  H N N 91  
CYS HB3  H N N 92  
CYS HG   H N N 93  
CYS HXT  H N N 94  
GLN N    N N N 95  
GLN CA   C N S 96  
GLN C    C N N 97  
GLN O    O N N 98  
GLN CB   C N N 99  
GLN CG   C N N 100 
GLN CD   C N N 101 
GLN OE1  O N N 102 
GLN NE2  N N N 103 
GLN OXT  O N N 104 
GLN H    H N N 105 
GLN H2   H N N 106 
GLN HA   H N N 107 
GLN HB2  H N N 108 
GLN HB3  H N N 109 
GLN HG2  H N N 110 
GLN HG3  H N N 111 
GLN HE21 H N N 112 
GLN HE22 H N N 113 
GLN HXT  H N N 114 
GLU N    N N N 115 
GLU CA   C N S 116 
GLU C    C N N 117 
GLU O    O N N 118 
GLU CB   C N N 119 
GLU CG   C N N 120 
GLU CD   C N N 121 
GLU OE1  O N N 122 
GLU OE2  O N N 123 
GLU OXT  O N N 124 
GLU H    H N N 125 
GLU H2   H N N 126 
GLU HA   H N N 127 
GLU HB2  H N N 128 
GLU HB3  H N N 129 
GLU HG2  H N N 130 
GLU HG3  H N N 131 
GLU HE2  H N N 132 
GLU HXT  H N N 133 
GLY N    N N N 134 
GLY CA   C N N 135 
GLY C    C N N 136 
GLY O    O N N 137 
GLY OXT  O N N 138 
GLY H    H N N 139 
GLY H2   H N N 140 
GLY HA2  H N N 141 
GLY HA3  H N N 142 
GLY HXT  H N N 143 
HIS N    N N N 144 
HIS CA   C N S 145 
HIS C    C N N 146 
HIS O    O N N 147 
HIS CB   C N N 148 
HIS CG   C Y N 149 
HIS ND1  N Y N 150 
HIS CD2  C Y N 151 
HIS CE1  C Y N 152 
HIS NE2  N Y N 153 
HIS OXT  O N N 154 
HIS H    H N N 155 
HIS H2   H N N 156 
HIS HA   H N N 157 
HIS HB2  H N N 158 
HIS HB3  H N N 159 
HIS HD1  H N N 160 
HIS HD2  H N N 161 
HIS HE1  H N N 162 
HIS HE2  H N N 163 
HIS HXT  H N N 164 
HOH O    O N N 165 
HOH H1   H N N 166 
HOH H2   H N N 167 
ILE N    N N N 168 
ILE CA   C N S 169 
ILE C    C N N 170 
ILE O    O N N 171 
ILE CB   C N S 172 
ILE CG1  C N N 173 
ILE CG2  C N N 174 
ILE CD1  C N N 175 
ILE OXT  O N N 176 
ILE H    H N N 177 
ILE H2   H N N 178 
ILE HA   H N N 179 
ILE HB   H N N 180 
ILE HG12 H N N 181 
ILE HG13 H N N 182 
ILE HG21 H N N 183 
ILE HG22 H N N 184 
ILE HG23 H N N 185 
ILE HD11 H N N 186 
ILE HD12 H N N 187 
ILE HD13 H N N 188 
ILE HXT  H N N 189 
LEU N    N N N 190 
LEU CA   C N S 191 
LEU C    C N N 192 
LEU O    O N N 193 
LEU CB   C N N 194 
LEU CG   C N N 195 
LEU CD1  C N N 196 
LEU CD2  C N N 197 
LEU OXT  O N N 198 
LEU H    H N N 199 
LEU H2   H N N 200 
LEU HA   H N N 201 
LEU HB2  H N N 202 
LEU HB3  H N N 203 
LEU HG   H N N 204 
LEU HD11 H N N 205 
LEU HD12 H N N 206 
LEU HD13 H N N 207 
LEU HD21 H N N 208 
LEU HD22 H N N 209 
LEU HD23 H N N 210 
LEU HXT  H N N 211 
LYS N    N N N 212 
LYS CA   C N S 213 
LYS C    C N N 214 
LYS O    O N N 215 
LYS CB   C N N 216 
LYS CG   C N N 217 
LYS CD   C N N 218 
LYS CE   C N N 219 
LYS NZ   N N N 220 
LYS OXT  O N N 221 
LYS H    H N N 222 
LYS H2   H N N 223 
LYS HA   H N N 224 
LYS HB2  H N N 225 
LYS HB3  H N N 226 
LYS HG2  H N N 227 
LYS HG3  H N N 228 
LYS HD2  H N N 229 
LYS HD3  H N N 230 
LYS HE2  H N N 231 
LYS HE3  H N N 232 
LYS HZ1  H N N 233 
LYS HZ2  H N N 234 
LYS HZ3  H N N 235 
LYS HXT  H N N 236 
MET N    N N N 237 
MET CA   C N S 238 
MET C    C N N 239 
MET O    O N N 240 
MET CB   C N N 241 
MET CG   C N N 242 
MET SD   S N N 243 
MET CE   C N N 244 
MET OXT  O N N 245 
MET H    H N N 246 
MET H2   H N N 247 
MET HA   H N N 248 
MET HB2  H N N 249 
MET HB3  H N N 250 
MET HG2  H N N 251 
MET HG3  H N N 252 
MET HE1  H N N 253 
MET HE2  H N N 254 
MET HE3  H N N 255 
MET HXT  H N N 256 
PHE N    N N N 257 
PHE CA   C N S 258 
PHE C    C N N 259 
PHE O    O N N 260 
PHE CB   C N N 261 
PHE CG   C Y N 262 
PHE CD1  C Y N 263 
PHE CD2  C Y N 264 
PHE CE1  C Y N 265 
PHE CE2  C Y N 266 
PHE CZ   C Y N 267 
PHE OXT  O N N 268 
PHE H    H N N 269 
PHE H2   H N N 270 
PHE HA   H N N 271 
PHE HB2  H N N 272 
PHE HB3  H N N 273 
PHE HD1  H N N 274 
PHE HD2  H N N 275 
PHE HE1  H N N 276 
PHE HE2  H N N 277 
PHE HZ   H N N 278 
PHE HXT  H N N 279 
PRO N    N N N 280 
PRO CA   C N S 281 
PRO C    C N N 282 
PRO O    O N N 283 
PRO CB   C N N 284 
PRO CG   C N N 285 
PRO CD   C N N 286 
PRO OXT  O N N 287 
PRO H    H N N 288 
PRO HA   H N N 289 
PRO HB2  H N N 290 
PRO HB3  H N N 291 
PRO HG2  H N N 292 
PRO HG3  H N N 293 
PRO HD2  H N N 294 
PRO HD3  H N N 295 
PRO HXT  H N N 296 
SER N    N N N 297 
SER CA   C N S 298 
SER C    C N N 299 
SER O    O N N 300 
SER CB   C N N 301 
SER OG   O N N 302 
SER OXT  O N N 303 
SER H    H N N 304 
SER H2   H N N 305 
SER HA   H N N 306 
SER HB2  H N N 307 
SER HB3  H N N 308 
SER HG   H N N 309 
SER HXT  H N N 310 
THR N    N N N 311 
THR CA   C N S 312 
THR C    C N N 313 
THR O    O N N 314 
THR CB   C N R 315 
THR OG1  O N N 316 
THR CG2  C N N 317 
THR OXT  O N N 318 
THR H    H N N 319 
THR H2   H N N 320 
THR HA   H N N 321 
THR HB   H N N 322 
THR HG1  H N N 323 
THR HG21 H N N 324 
THR HG22 H N N 325 
THR HG23 H N N 326 
THR HXT  H N N 327 
TRP N    N N N 328 
TRP CA   C N S 329 
TRP C    C N N 330 
TRP O    O N N 331 
TRP CB   C N N 332 
TRP CG   C Y N 333 
TRP CD1  C Y N 334 
TRP CD2  C Y N 335 
TRP NE1  N Y N 336 
TRP CE2  C Y N 337 
TRP CE3  C Y N 338 
TRP CZ2  C Y N 339 
TRP CZ3  C Y N 340 
TRP CH2  C Y N 341 
TRP OXT  O N N 342 
TRP H    H N N 343 
TRP H2   H N N 344 
TRP HA   H N N 345 
TRP HB2  H N N 346 
TRP HB3  H N N 347 
TRP HD1  H N N 348 
TRP HE1  H N N 349 
TRP HE3  H N N 350 
TRP HZ2  H N N 351 
TRP HZ3  H N N 352 
TRP HH2  H N N 353 
TRP HXT  H N N 354 
TYR N    N N N 355 
TYR CA   C N S 356 
TYR C    C N N 357 
TYR O    O N N 358 
TYR CB   C N N 359 
TYR CG   C Y N 360 
TYR CD1  C Y N 361 
TYR CD2  C Y N 362 
TYR CE1  C Y N 363 
TYR CE2  C Y N 364 
TYR CZ   C Y N 365 
TYR OH   O N N 366 
TYR OXT  O N N 367 
TYR H    H N N 368 
TYR H2   H N N 369 
TYR HA   H N N 370 
TYR HB2  H N N 371 
TYR HB3  H N N 372 
TYR HD1  H N N 373 
TYR HD2  H N N 374 
TYR HE1  H N N 375 
TYR HE2  H N N 376 
TYR HH   H N N 377 
TYR HXT  H N N 378 
VAL N    N N N 379 
VAL CA   C N S 380 
VAL C    C N N 381 
VAL O    O N N 382 
VAL CB   C N N 383 
VAL CG1  C N N 384 
VAL CG2  C N N 385 
VAL OXT  O N N 386 
VAL H    H N N 387 
VAL H2   H N N 388 
VAL HA   H N N 389 
VAL HB   H N N 390 
VAL HG11 H N N 391 
VAL HG12 H N N 392 
VAL HG13 H N N 393 
VAL HG21 H N N 394 
VAL HG22 H N N 395 
VAL HG23 H N N 396 
VAL HXT  H N N 397 
# 
loop_
_chem_comp_bond.comp_id 
_chem_comp_bond.atom_id_1 
_chem_comp_bond.atom_id_2 
_chem_comp_bond.value_order 
_chem_comp_bond.pdbx_aromatic_flag 
_chem_comp_bond.pdbx_stereo_config 
_chem_comp_bond.pdbx_ordinal 
ACT C   O    doub N N 1   
ACT C   OXT  sing N N 2   
ACT C   CH3  sing N N 3   
ACT CH3 H1   sing N N 4   
ACT CH3 H2   sing N N 5   
ACT CH3 H3   sing N N 6   
ALA N   CA   sing N N 7   
ALA N   H    sing N N 8   
ALA N   H2   sing N N 9   
ALA CA  C    sing N N 10  
ALA CA  CB   sing N N 11  
ALA CA  HA   sing N N 12  
ALA C   O    doub N N 13  
ALA C   OXT  sing N N 14  
ALA CB  HB1  sing N N 15  
ALA CB  HB2  sing N N 16  
ALA CB  HB3  sing N N 17  
ALA OXT HXT  sing N N 18  
ARG N   CA   sing N N 19  
ARG N   H    sing N N 20  
ARG N   H2   sing N N 21  
ARG CA  C    sing N N 22  
ARG CA  CB   sing N N 23  
ARG CA  HA   sing N N 24  
ARG C   O    doub N N 25  
ARG C   OXT  sing N N 26  
ARG CB  CG   sing N N 27  
ARG CB  HB2  sing N N 28  
ARG CB  HB3  sing N N 29  
ARG CG  CD   sing N N 30  
ARG CG  HG2  sing N N 31  
ARG CG  HG3  sing N N 32  
ARG CD  NE   sing N N 33  
ARG CD  HD2  sing N N 34  
ARG CD  HD3  sing N N 35  
ARG NE  CZ   sing N N 36  
ARG NE  HE   sing N N 37  
ARG CZ  NH1  sing N N 38  
ARG CZ  NH2  doub N N 39  
ARG NH1 HH11 sing N N 40  
ARG NH1 HH12 sing N N 41  
ARG NH2 HH21 sing N N 42  
ARG NH2 HH22 sing N N 43  
ARG OXT HXT  sing N N 44  
ASN N   CA   sing N N 45  
ASN N   H    sing N N 46  
ASN N   H2   sing N N 47  
ASN CA  C    sing N N 48  
ASN CA  CB   sing N N 49  
ASN CA  HA   sing N N 50  
ASN C   O    doub N N 51  
ASN C   OXT  sing N N 52  
ASN CB  CG   sing N N 53  
ASN CB  HB2  sing N N 54  
ASN CB  HB3  sing N N 55  
ASN CG  OD1  doub N N 56  
ASN CG  ND2  sing N N 57  
ASN ND2 HD21 sing N N 58  
ASN ND2 HD22 sing N N 59  
ASN OXT HXT  sing N N 60  
ASP N   CA   sing N N 61  
ASP N   H    sing N N 62  
ASP N   H2   sing N N 63  
ASP CA  C    sing N N 64  
ASP CA  CB   sing N N 65  
ASP CA  HA   sing N N 66  
ASP C   O    doub N N 67  
ASP C   OXT  sing N N 68  
ASP CB  CG   sing N N 69  
ASP CB  HB2  sing N N 70  
ASP CB  HB3  sing N N 71  
ASP CG  OD1  doub N N 72  
ASP CG  OD2  sing N N 73  
ASP OD2 HD2  sing N N 74  
ASP OXT HXT  sing N N 75  
CYS N   CA   sing N N 76  
CYS N   H    sing N N 77  
CYS N   H2   sing N N 78  
CYS CA  C    sing N N 79  
CYS CA  CB   sing N N 80  
CYS CA  HA   sing N N 81  
CYS C   O    doub N N 82  
CYS C   OXT  sing N N 83  
CYS CB  SG   sing N N 84  
CYS CB  HB2  sing N N 85  
CYS CB  HB3  sing N N 86  
CYS SG  HG   sing N N 87  
CYS OXT HXT  sing N N 88  
GLN N   CA   sing N N 89  
GLN N   H    sing N N 90  
GLN N   H2   sing N N 91  
GLN CA  C    sing N N 92  
GLN CA  CB   sing N N 93  
GLN CA  HA   sing N N 94  
GLN C   O    doub N N 95  
GLN C   OXT  sing N N 96  
GLN CB  CG   sing N N 97  
GLN CB  HB2  sing N N 98  
GLN CB  HB3  sing N N 99  
GLN CG  CD   sing N N 100 
GLN CG  HG2  sing N N 101 
GLN CG  HG3  sing N N 102 
GLN CD  OE1  doub N N 103 
GLN CD  NE2  sing N N 104 
GLN NE2 HE21 sing N N 105 
GLN NE2 HE22 sing N N 106 
GLN OXT HXT  sing N N 107 
GLU N   CA   sing N N 108 
GLU N   H    sing N N 109 
GLU N   H2   sing N N 110 
GLU CA  C    sing N N 111 
GLU CA  CB   sing N N 112 
GLU CA  HA   sing N N 113 
GLU C   O    doub N N 114 
GLU C   OXT  sing N N 115 
GLU CB  CG   sing N N 116 
GLU CB  HB2  sing N N 117 
GLU CB  HB3  sing N N 118 
GLU CG  CD   sing N N 119 
GLU CG  HG2  sing N N 120 
GLU CG  HG3  sing N N 121 
GLU CD  OE1  doub N N 122 
GLU CD  OE2  sing N N 123 
GLU OE2 HE2  sing N N 124 
GLU OXT HXT  sing N N 125 
GLY N   CA   sing N N 126 
GLY N   H    sing N N 127 
GLY N   H2   sing N N 128 
GLY CA  C    sing N N 129 
GLY CA  HA2  sing N N 130 
GLY CA  HA3  sing N N 131 
GLY C   O    doub N N 132 
GLY C   OXT  sing N N 133 
GLY OXT HXT  sing N N 134 
HIS N   CA   sing N N 135 
HIS N   H    sing N N 136 
HIS N   H2   sing N N 137 
HIS CA  C    sing N N 138 
HIS CA  CB   sing N N 139 
HIS CA  HA   sing N N 140 
HIS C   O    doub N N 141 
HIS C   OXT  sing N N 142 
HIS CB  CG   sing N N 143 
HIS CB  HB2  sing N N 144 
HIS CB  HB3  sing N N 145 
HIS CG  ND1  sing Y N 146 
HIS CG  CD2  doub Y N 147 
HIS ND1 CE1  doub Y N 148 
HIS ND1 HD1  sing N N 149 
HIS CD2 NE2  sing Y N 150 
HIS CD2 HD2  sing N N 151 
HIS CE1 NE2  sing Y N 152 
HIS CE1 HE1  sing N N 153 
HIS NE2 HE2  sing N N 154 
HIS OXT HXT  sing N N 155 
HOH O   H1   sing N N 156 
HOH O   H2   sing N N 157 
ILE N   CA   sing N N 158 
ILE N   H    sing N N 159 
ILE N   H2   sing N N 160 
ILE CA  C    sing N N 161 
ILE CA  CB   sing N N 162 
ILE CA  HA   sing N N 163 
ILE C   O    doub N N 164 
ILE C   OXT  sing N N 165 
ILE CB  CG1  sing N N 166 
ILE CB  CG2  sing N N 167 
ILE CB  HB   sing N N 168 
ILE CG1 CD1  sing N N 169 
ILE CG1 HG12 sing N N 170 
ILE CG1 HG13 sing N N 171 
ILE CG2 HG21 sing N N 172 
ILE CG2 HG22 sing N N 173 
ILE CG2 HG23 sing N N 174 
ILE CD1 HD11 sing N N 175 
ILE CD1 HD12 sing N N 176 
ILE CD1 HD13 sing N N 177 
ILE OXT HXT  sing N N 178 
LEU N   CA   sing N N 179 
LEU N   H    sing N N 180 
LEU N   H2   sing N N 181 
LEU CA  C    sing N N 182 
LEU CA  CB   sing N N 183 
LEU CA  HA   sing N N 184 
LEU C   O    doub N N 185 
LEU C   OXT  sing N N 186 
LEU CB  CG   sing N N 187 
LEU CB  HB2  sing N N 188 
LEU CB  HB3  sing N N 189 
LEU CG  CD1  sing N N 190 
LEU CG  CD2  sing N N 191 
LEU CG  HG   sing N N 192 
LEU CD1 HD11 sing N N 193 
LEU CD1 HD12 sing N N 194 
LEU CD1 HD13 sing N N 195 
LEU CD2 HD21 sing N N 196 
LEU CD2 HD22 sing N N 197 
LEU CD2 HD23 sing N N 198 
LEU OXT HXT  sing N N 199 
LYS N   CA   sing N N 200 
LYS N   H    sing N N 201 
LYS N   H2   sing N N 202 
LYS CA  C    sing N N 203 
LYS CA  CB   sing N N 204 
LYS CA  HA   sing N N 205 
LYS C   O    doub N N 206 
LYS C   OXT  sing N N 207 
LYS CB  CG   sing N N 208 
LYS CB  HB2  sing N N 209 
LYS CB  HB3  sing N N 210 
LYS CG  CD   sing N N 211 
LYS CG  HG2  sing N N 212 
LYS CG  HG3  sing N N 213 
LYS CD  CE   sing N N 214 
LYS CD  HD2  sing N N 215 
LYS CD  HD3  sing N N 216 
LYS CE  NZ   sing N N 217 
LYS CE  HE2  sing N N 218 
LYS CE  HE3  sing N N 219 
LYS NZ  HZ1  sing N N 220 
LYS NZ  HZ2  sing N N 221 
LYS NZ  HZ3  sing N N 222 
LYS OXT HXT  sing N N 223 
MET N   CA   sing N N 224 
MET N   H    sing N N 225 
MET N   H2   sing N N 226 
MET CA  C    sing N N 227 
MET CA  CB   sing N N 228 
MET CA  HA   sing N N 229 
MET C   O    doub N N 230 
MET C   OXT  sing N N 231 
MET CB  CG   sing N N 232 
MET CB  HB2  sing N N 233 
MET CB  HB3  sing N N 234 
MET CG  SD   sing N N 235 
MET CG  HG2  sing N N 236 
MET CG  HG3  sing N N 237 
MET SD  CE   sing N N 238 
MET CE  HE1  sing N N 239 
MET CE  HE2  sing N N 240 
MET CE  HE3  sing N N 241 
MET OXT HXT  sing N N 242 
PHE N   CA   sing N N 243 
PHE N   H    sing N N 244 
PHE N   H2   sing N N 245 
PHE CA  C    sing N N 246 
PHE CA  CB   sing N N 247 
PHE CA  HA   sing N N 248 
PHE C   O    doub N N 249 
PHE C   OXT  sing N N 250 
PHE CB  CG   sing N N 251 
PHE CB  HB2  sing N N 252 
PHE CB  HB3  sing N N 253 
PHE CG  CD1  doub Y N 254 
PHE CG  CD2  sing Y N 255 
PHE CD1 CE1  sing Y N 256 
PHE CD1 HD1  sing N N 257 
PHE CD2 CE2  doub Y N 258 
PHE CD2 HD2  sing N N 259 
PHE CE1 CZ   doub Y N 260 
PHE CE1 HE1  sing N N 261 
PHE CE2 CZ   sing Y N 262 
PHE CE2 HE2  sing N N 263 
PHE CZ  HZ   sing N N 264 
PHE OXT HXT  sing N N 265 
PRO N   CA   sing N N 266 
PRO N   CD   sing N N 267 
PRO N   H    sing N N 268 
PRO CA  C    sing N N 269 
PRO CA  CB   sing N N 270 
PRO CA  HA   sing N N 271 
PRO C   O    doub N N 272 
PRO C   OXT  sing N N 273 
PRO CB  CG   sing N N 274 
PRO CB  HB2  sing N N 275 
PRO CB  HB3  sing N N 276 
PRO CG  CD   sing N N 277 
PRO CG  HG2  sing N N 278 
PRO CG  HG3  sing N N 279 
PRO CD  HD2  sing N N 280 
PRO CD  HD3  sing N N 281 
PRO OXT HXT  sing N N 282 
SER N   CA   sing N N 283 
SER N   H    sing N N 284 
SER N   H2   sing N N 285 
SER CA  C    sing N N 286 
SER CA  CB   sing N N 287 
SER CA  HA   sing N N 288 
SER C   O    doub N N 289 
SER C   OXT  sing N N 290 
SER CB  OG   sing N N 291 
SER CB  HB2  sing N N 292 
SER CB  HB3  sing N N 293 
SER OG  HG   sing N N 294 
SER OXT HXT  sing N N 295 
THR N   CA   sing N N 296 
THR N   H    sing N N 297 
THR N   H2   sing N N 298 
THR CA  C    sing N N 299 
THR CA  CB   sing N N 300 
THR CA  HA   sing N N 301 
THR C   O    doub N N 302 
THR C   OXT  sing N N 303 
THR CB  OG1  sing N N 304 
THR CB  CG2  sing N N 305 
THR CB  HB   sing N N 306 
THR OG1 HG1  sing N N 307 
THR CG2 HG21 sing N N 308 
THR CG2 HG22 sing N N 309 
THR CG2 HG23 sing N N 310 
THR OXT HXT  sing N N 311 
TRP N   CA   sing N N 312 
TRP N   H    sing N N 313 
TRP N   H2   sing N N 314 
TRP CA  C    sing N N 315 
TRP CA  CB   sing N N 316 
TRP CA  HA   sing N N 317 
TRP C   O    doub N N 318 
TRP C   OXT  sing N N 319 
TRP CB  CG   sing N N 320 
TRP CB  HB2  sing N N 321 
TRP CB  HB3  sing N N 322 
TRP CG  CD1  doub Y N 323 
TRP CG  CD2  sing Y N 324 
TRP CD1 NE1  sing Y N 325 
TRP CD1 HD1  sing N N 326 
TRP CD2 CE2  doub Y N 327 
TRP CD2 CE3  sing Y N 328 
TRP NE1 CE2  sing Y N 329 
TRP NE1 HE1  sing N N 330 
TRP CE2 CZ2  sing Y N 331 
TRP CE3 CZ3  doub Y N 332 
TRP CE3 HE3  sing N N 333 
TRP CZ2 CH2  doub Y N 334 
TRP CZ2 HZ2  sing N N 335 
TRP CZ3 CH2  sing Y N 336 
TRP CZ3 HZ3  sing N N 337 
TRP CH2 HH2  sing N N 338 
TRP OXT HXT  sing N N 339 
TYR N   CA   sing N N 340 
TYR N   H    sing N N 341 
TYR N   H2   sing N N 342 
TYR CA  C    sing N N 343 
TYR CA  CB   sing N N 344 
TYR CA  HA   sing N N 345 
TYR C   O    doub N N 346 
TYR C   OXT  sing N N 347 
TYR CB  CG   sing N N 348 
TYR CB  HB2  sing N N 349 
TYR CB  HB3  sing N N 350 
TYR CG  CD1  doub Y N 351 
TYR CG  CD2  sing Y N 352 
TYR CD1 CE1  sing Y N 353 
TYR CD1 HD1  sing N N 354 
TYR CD2 CE2  doub Y N 355 
TYR CD2 HD2  sing N N 356 
TYR CE1 CZ   doub Y N 357 
TYR CE1 HE1  sing N N 358 
TYR CE2 CZ   sing Y N 359 
TYR CE2 HE2  sing N N 360 
TYR CZ  OH   sing N N 361 
TYR OH  HH   sing N N 362 
TYR OXT HXT  sing N N 363 
VAL N   CA   sing N N 364 
VAL N   H    sing N N 365 
VAL N   H2   sing N N 366 
VAL CA  C    sing N N 367 
VAL CA  CB   sing N N 368 
VAL CA  HA   sing N N 369 
VAL C   O    doub N N 370 
VAL C   OXT  sing N N 371 
VAL CB  CG1  sing N N 372 
VAL CB  CG2  sing N N 373 
VAL CB  HB   sing N N 374 
VAL CG1 HG11 sing N N 375 
VAL CG1 HG12 sing N N 376 
VAL CG1 HG13 sing N N 377 
VAL CG2 HG21 sing N N 378 
VAL CG2 HG22 sing N N 379 
VAL CG2 HG23 sing N N 380 
VAL OXT HXT  sing N N 381 
# 
_atom_sites.entry_id                    1TUH 
_atom_sites.fract_transf_matrix[1][1]   0.01190954 
_atom_sites.fract_transf_matrix[1][2]   0.01083351 
_atom_sites.fract_transf_matrix[1][3]   0.00345835 
_atom_sites.fract_transf_matrix[2][1]   0.00789324 
_atom_sites.fract_transf_matrix[2][2]   -0.00426972 
_atom_sites.fract_transf_matrix[2][3]   -0.01380682 
_atom_sites.fract_transf_matrix[3][1]   -0.00552938 
_atom_sites.fract_transf_matrix[3][2]   0.00786403 
_atom_sites.fract_transf_matrix[3][3]   -0.00559303 
_atom_sites.fract_transf_vector[1]      -0.012142 
_atom_sites.fract_transf_vector[2]      0.270045 
_atom_sites.fract_transf_vector[3]      0.487398 
# 
loop_
_atom_type.symbol 
C 
N 
O 
S 
# 
loop_
_atom_site.group_PDB 
_atom_site.id 
_atom_site.type_symbol 
_atom_site.label_atom_id 
_atom_site.label_alt_id 
_atom_site.label_comp_id 
_atom_site.label_asym_id 
_atom_site.label_entity_id 
_atom_site.label_seq_id 
_atom_site.pdbx_PDB_ins_code 
_atom_site.Cartn_x 
_atom_site.Cartn_y 
_atom_site.Cartn_z 
_atom_site.occupancy 
_atom_site.B_iso_or_equiv 
_atom_site.pdbx_formal_charge 
_atom_site.auth_seq_id 
_atom_site.auth_comp_id 
_atom_site.auth_asym_id 
_atom_site.auth_atom_id 
_atom_site.pdbx_PDB_model_num 
ATOM   1    N N   . ASN A 1 26  ? 21.612  8.001   -5.479  1.00 45.03 ? 19  ASN A N   1 
ATOM   2    C CA  . ASN A 1 26  ? 21.738  7.348   -4.138  1.00 44.21 ? 19  ASN A CA  1 
ATOM   3    C C   . ASN A 1 26  ? 20.707  6.237   -3.852  1.00 42.10 ? 19  ASN A C   1 
ATOM   4    O O   . ASN A 1 26  ? 19.721  6.083   -4.561  1.00 39.35 ? 19  ASN A O   1 
ATOM   5    C CB  . ASN A 1 26  ? 21.835  8.386   -2.997  1.00 45.44 ? 19  ASN A CB  1 
ATOM   6    C CG  . ASN A 1 26  ? 20.527  9.173   -2.717  1.00 47.05 ? 19  ASN A CG  1 
ATOM   7    O OD1 . ASN A 1 26  ? 19.445  8.789   -3.053  1.00 47.59 ? 19  ASN A OD1 1 
ATOM   8    N ND2 . ASN A 1 26  ? 20.685  10.282  -2.021  1.00 49.92 ? 19  ASN A ND2 1 
ATOM   9    N N   . GLU A 1 27  ? 21.002  5.448   -2.833  1.00 40.68 ? 20  GLU A N   1 
ATOM   10   C CA  . GLU A 1 27  ? 20.130  4.408   -2.364  1.00 40.23 ? 20  GLU A CA  1 
ATOM   11   C C   . GLU A 1 27  ? 18.745  4.967   -2.079  1.00 35.83 ? 20  GLU A C   1 
ATOM   12   O O   . GLU A 1 27  ? 17.739  4.360   -2.468  1.00 34.32 ? 20  GLU A O   1 
ATOM   13   C CB  . GLU A 1 27  ? 20.669  3.821   -1.047  1.00 40.63 ? 20  GLU A CB  1 
ATOM   14   C CG  . GLU A 1 27  ? 19.807  2.727   -0.416  1.00 43.75 ? 20  GLU A CG  1 
ATOM   15   C CD  . GLU A 1 27  ? 20.378  2.184   0.925   1.00 46.53 ? 20  GLU A CD  1 
ATOM   16   O OE1 . GLU A 1 27  ? 20.780  2.954   1.844   1.00 52.64 ? 20  GLU A OE1 1 
ATOM   17   O OE2 . GLU A 1 27  ? 20.440  0.940   1.041   1.00 58.55 ? 20  GLU A OE2 1 
ATOM   18   N N   . ALA A 1 28  ? 18.707  6.085   -1.372  1.00 34.00 ? 21  ALA A N   1 
ATOM   19   C CA  . ALA A 1 28  ? 17.417  6.626   -0.940  1.00 33.84 ? 21  ALA A CA  1 
ATOM   20   C C   . ALA A 1 28  ? 16.580  6.983   -2.168  1.00 32.93 ? 21  ALA A C   1 
ATOM   21   O O   . ALA A 1 28  ? 15.389  6.687   -2.217  1.00 29.79 ? 21  ALA A O   1 
ATOM   22   C CB  . ALA A 1 28  ? 17.585  7.803   -0.078  1.00 34.01 ? 21  ALA A CB  1 
ATOM   23   N N   . GLU A 1 29  ? 17.186  7.588   -3.193  1.00 31.40 ? 22  GLU A N   1 
ATOM   24   C CA  . GLU A 1 29  ? 16.404  7.892   -4.376  1.00 30.32 ? 22  GLU A CA  1 
ATOM   25   C C   . GLU A 1 29  ? 16.021  6.692   -5.190  1.00 28.41 ? 22  GLU A C   1 
ATOM   26   O O   . GLU A 1 29  ? 14.941  6.646   -5.750  1.00 26.65 ? 22  GLU A O   1 
ATOM   27   C CB  . GLU A 1 29  ? 17.082  8.985   -5.261  1.00 32.64 ? 22  GLU A CB  1 
ATOM   28   C CG  . GLU A 1 29  ? 16.171  9.437   -6.389  1.00 35.08 ? 22  GLU A CG  1 
ATOM   29   C CD  . GLU A 1 29  ? 14.753  9.884   -5.963  1.00 39.60 ? 22  GLU A CD  1 
ATOM   30   O OE1 . GLU A 1 29  ? 14.629  10.619  -4.914  1.00 37.66 ? 22  GLU A OE1 1 
ATOM   31   O OE2 . GLU A 1 29  ? 13.771  9.522   -6.698  1.00 33.37 ? 22  GLU A OE2 1 
ATOM   32   N N   . GLN A 1 30  ? 16.860  5.660   -5.240  1.00 28.10 ? 23  GLN A N   1 
ATOM   33   C CA  . GLN A 1 30  ? 16.453  4.419   -5.911  1.00 27.48 ? 23  GLN A CA  1 
ATOM   34   C C   . GLN A 1 30  ? 15.233  3.801   -5.210  1.00 25.96 ? 23  GLN A C   1 
ATOM   35   O O   . GLN A 1 30  ? 14.316  3.374   -5.832  1.00 25.46 ? 23  GLN A O   1 
ATOM   36   C CB  . GLN A 1 30  ? 17.548  3.364   -5.829  1.00 29.80 ? 23  GLN A CB  1 
ATOM   37   C CG  . GLN A 1 30  ? 17.123  2.080   -6.592  1.00 35.25 ? 23  GLN A CG  1 
ATOM   38   C CD  . GLN A 1 30  ? 17.087  2.227   -8.093  1.00 50.39 ? 23  GLN A CD  1 
ATOM   39   O OE1 . GLN A 1 30  ? 15.980  2.435   -8.721  1.00 58.29 ? 23  GLN A OE1 1 
ATOM   40   N NE2 . GLN A 1 30  ? 18.294  2.106   -8.714  1.00 54.21 ? 23  GLN A NE2 1 
ATOM   41   N N   . ASN A 1 31  ? 15.235  3.863   -3.900  1.00 24.93 ? 24  ASN A N   1 
ATOM   42   C CA  . ASN A 1 31  ? 14.075  3.325   -3.147  1.00 25.49 ? 24  ASN A CA  1 
ATOM   43   C C   . ASN A 1 31  ? 12.840  4.162   -3.400  1.00 23.95 ? 24  ASN A C   1 
ATOM   44   O O   . ASN A 1 31  ? 11.754  3.622   -3.536  1.00 25.17 ? 24  ASN A O   1 
ATOM   45   C CB  . ASN A 1 31  ? 14.452  3.277   -1.662  1.00 25.99 ? 24  ASN A CB  1 
ATOM   46   C CG  . ASN A 1 31  ? 15.469  2.204   -1.345  1.00 27.52 ? 24  ASN A CG  1 
ATOM   47   O OD1 . ASN A 1 31  ? 15.821  1.364   -2.200  1.00 28.27 ? 24  ASN A OD1 1 
ATOM   48   N ND2 . ASN A 1 31  ? 15.936  2.200   -0.090  1.00 27.38 ? 24  ASN A ND2 1 
ATOM   49   N N   . ALA A 1 32  ? 12.988  5.492   -3.540  1.00 24.77 ? 25  ALA A N   1 
ATOM   50   C CA  . ALA A 1 32  ? 11.882  6.356   -3.909  1.00 25.17 ? 25  ALA A CA  1 
ATOM   51   C C   . ALA A 1 32  ? 11.348  5.984   -5.283  1.00 24.39 ? 25  ALA A C   1 
ATOM   52   O O   . ALA A 1 32  ? 10.128  5.951   -5.484  1.00 23.58 ? 25  ALA A O   1 
ATOM   53   C CB  . ALA A 1 32  ? 12.269  7.862   -3.789  1.00 26.39 ? 25  ALA A CB  1 
ATOM   54   N N   . GLU A 1 33  ? 12.247  5.749   -6.268  1.00 25.16 ? 26  GLU A N   1 
ATOM   55   C CA  . GLU A 1 33  ? 11.839  5.301   -7.573  1.00 26.56 ? 26  GLU A CA  1 
ATOM   56   C C   . GLU A 1 33  ? 11.068  3.987   -7.518  1.00 25.72 ? 26  GLU A C   1 
ATOM   57   O O   . GLU A 1 33  ? 10.112  3.776   -8.245  1.00 26.13 ? 26  GLU A O   1 
ATOM   58   C CB  . GLU A 1 33  ? 13.024  5.141   -8.518  1.00 27.05 ? 26  GLU A CB  1 
ATOM   59   C CG  . GLU A 1 33  ? 13.694  6.444   -8.797  1.00 29.81 ? 26  GLU A CG  1 
ATOM   60   C CD  . GLU A 1 33  ? 14.598  6.416   -10.003 1.00 36.33 ? 26  GLU A CD  1 
ATOM   61   O OE1 . GLU A 1 33  ? 14.951  5.300   -10.483 1.00 45.30 ? 26  GLU A OE1 1 
ATOM   62   O OE2 . GLU A 1 33  ? 14.891  7.531   -10.457 1.00 42.08 ? 26  GLU A OE2 1 
ATOM   63   N N   . THR A 1 34  ? 11.516  3.090   -6.657  1.00 26.34 ? 27  THR A N   1 
ATOM   64   C CA  . THR A 1 34  ? 10.851  1.785   -6.532  1.00 25.73 ? 27  THR A CA  1 
ATOM   65   C C   . THR A 1 34  ? 9.406   2.012   -5.983  1.00 25.24 ? 27  THR A C   1 
ATOM   66   O O   . THR A 1 34  ? 8.455   1.384   -6.446  1.00 24.31 ? 27  THR A O   1 
ATOM   67   C CB  . THR A 1 34  ? 11.649  0.961   -5.606  1.00 27.53 ? 27  THR A CB  1 
ATOM   68   O OG1 . THR A 1 34  ? 12.889  0.615   -6.295  1.00 27.37 ? 27  THR A OG1 1 
ATOM   69   C CG2 . THR A 1 34  ? 10.891  -0.335  -5.238  1.00 29.40 ? 27  THR A CG2 1 
ATOM   70   N N   . VAL A 1 35  ? 9.271   2.924   -5.006  1.00 24.27 ? 28  VAL A N   1 
ATOM   71   C CA  . VAL A 1 35  ? 7.905   3.222   -4.460  1.00 23.88 ? 28  VAL A CA  1 
ATOM   72   C C   . VAL A 1 35  ? 7.022   3.757   -5.567  1.00 23.80 ? 28  VAL A C   1 
ATOM   73   O O   . VAL A 1 35  ? 5.848   3.375   -5.682  1.00 23.43 ? 28  VAL A O   1 
ATOM   74   C CB  . VAL A 1 35  ? 7.988   4.110   -3.234  1.00 24.05 ? 28  VAL A CB  1 
ATOM   75   C CG1 . VAL A 1 35  ? 6.655   4.877   -2.894  1.00 26.76 ? 28  VAL A CG1 1 
ATOM   76   C CG2 . VAL A 1 35  ? 8.575   3.250   -2.027  1.00 26.25 ? 28  VAL A CG2 1 
ATOM   77   N N   . ARG A 1 36  ? 7.546   4.691   -6.387  1.00 23.35 ? 29  ARG A N   1 
ATOM   78   C CA  . ARG A 1 36  ? 6.724   5.227   -7.447  1.00 25.00 ? 29  ARG A CA  1 
ATOM   79   C C   . ARG A 1 36  ? 6.265   4.168   -8.460  1.00 24.57 ? 29  ARG A C   1 
ATOM   80   O O   . ARG A 1 36  ? 5.093   4.180   -8.898  1.00 28.25 ? 29  ARG A O   1 
ATOM   81   C CB  . ARG A 1 36  ? 7.463   6.344   -8.123  1.00 24.77 ? 29  ARG A CB  1 
ATOM   82   C CG  . ARG A 1 36  ? 7.696   7.564   -7.224  1.00 25.57 ? 29  ARG A CG  1 
ATOM   83   C CD  . ARG A 1 36  ? 8.204   8.791   -8.006  1.00 26.36 ? 29  ARG A CD  1 
ATOM   84   N NE  . ARG A 1 36  ? 8.680   9.825   -7.101  1.00 26.01 ? 29  ARG A NE  1 
ATOM   85   C CZ  . ARG A 1 36  ? 9.927   9.986   -6.720  1.00 27.82 ? 29  ARG A CZ  1 
ATOM   86   N NH1 . ARG A 1 36  ? 10.923  9.185   -7.100  1.00 29.44 ? 29  ARG A NH1 1 
ATOM   87   N NH2 . ARG A 1 36  ? 10.183  11.004  -5.951  1.00 28.94 ? 29  ARG A NH2 1 
ATOM   88   N N   . ARG A 1 37  ? 7.176   3.281   -8.811  1.00 27.90 ? 30  ARG A N   1 
ATOM   89   C CA  . ARG A 1 37  ? 6.914   2.144   -9.696  1.00 29.25 ? 30  ARG A CA  1 
ATOM   90   C C   . ARG A 1 37  ? 5.855   1.245   -9.079  1.00 28.58 ? 30  ARG A C   1 
ATOM   91   O O   . ARG A 1 37  ? 4.990   0.745   -9.773  1.00 27.02 ? 30  ARG A O   1 
ATOM   92   C CB  . ARG A 1 37  ? 8.164   1.323   -9.910  1.00 29.06 ? 30  ARG A CB  1 
ATOM   93   C CG  . ARG A 1 37  ? 9.075   1.868   -10.860 1.00 35.07 ? 30  ARG A CG  1 
ATOM   94   C CD  . ARG A 1 37  ? 10.309  1.058   -11.027 1.00 37.67 ? 30  ARG A CD  1 
ATOM   95   N NE  . ARG A 1 37  ? 10.000  -0.226  -11.622 1.00 43.30 ? 30  ARG A NE  1 
ATOM   96   C CZ  . ARG A 1 37  ? 10.780  -1.296  -11.549 1.00 46.53 ? 30  ARG A CZ  1 
ATOM   97   N NH1 . ARG A 1 37  ? 11.936  -1.299  -10.836 1.00 47.13 ? 30  ARG A NH1 1 
ATOM   98   N NH2 . ARG A 1 37  ? 10.382  -2.384  -12.167 1.00 45.66 ? 30  ARG A NH2 1 
ATOM   99   N N   . GLY A 1 38  ? 5.933   1.049   -7.765  1.00 28.20 ? 31  GLY A N   1 
ATOM   100  C CA  . GLY A 1 38  ? 4.949   0.210   -7.086  1.00 28.04 ? 31  GLY A CA  1 
ATOM   101  C C   . GLY A 1 38  ? 3.562   0.790   -7.018  1.00 27.16 ? 31  GLY A C   1 
ATOM   102  O O   . GLY A 1 38  ? 2.597   0.094   -7.252  1.00 27.28 ? 31  GLY A O   1 
ATOM   103  N N   . TYR A 1 39  ? 3.428   2.093   -6.768  1.00 27.77 ? 32  TYR A N   1 
ATOM   104  C CA  . TYR A 1 39  ? 2.066   2.652   -6.802  1.00 26.57 ? 32  TYR A CA  1 
ATOM   105  C C   . TYR A 1 39  ? 1.449   2.503   -8.229  1.00 28.31 ? 32  TYR A C   1 
ATOM   106  O O   . TYR A 1 39  ? 0.246   2.222   -8.385  1.00 27.43 ? 32  TYR A O   1 
ATOM   107  C CB  . TYR A 1 39  ? 2.056   4.133   -6.427  1.00 26.21 ? 32  TYR A CB  1 
ATOM   108  C CG  . TYR A 1 39  ? 1.943   4.457   -4.949  1.00 25.00 ? 32  TYR A CG  1 
ATOM   109  C CD1 . TYR A 1 39  ? 3.108   4.471   -4.148  1.00 23.32 ? 32  TYR A CD1 1 
ATOM   110  C CD2 . TYR A 1 39  ? 0.730   4.783   -4.376  1.00 26.42 ? 32  TYR A CD2 1 
ATOM   111  C CE1 . TYR A 1 39  ? 3.077   4.766   -2.778  1.00 23.36 ? 32  TYR A CE1 1 
ATOM   112  C CE2 . TYR A 1 39  ? 0.653   5.123   -2.969  1.00 27.11 ? 32  TYR A CE2 1 
ATOM   113  C CZ  . TYR A 1 39  ? 1.814   5.111   -2.188  1.00 24.66 ? 32  TYR A CZ  1 
ATOM   114  O OH  . TYR A 1 39  ? 1.785   5.428   -0.837  1.00 24.61 ? 32  TYR A OH  1 
ATOM   115  N N   . ALA A 1 40  ? 2.284   2.749   -9.250  1.00 30.01 ? 33  ALA A N   1 
ATOM   116  C CA  . ALA A 1 40  ? 1.837   2.655   -10.673 1.00 30.21 ? 33  ALA A CA  1 
ATOM   117  C C   . ALA A 1 40  ? 1.419   1.237   -11.011 1.00 29.76 ? 33  ALA A C   1 
ATOM   118  O O   . ALA A 1 40  ? 0.346   1.024   -11.558 1.00 30.34 ? 33  ALA A O   1 
ATOM   119  C CB  . ALA A 1 40  ? 2.928   3.133   -11.616 1.00 31.61 ? 33  ALA A CB  1 
ATOM   120  N N   . ALA A 1 41  ? 2.222   0.279   -10.600 1.00 31.37 ? 34  ALA A N   1 
ATOM   121  C CA  . ALA A 1 41  ? 1.913   -1.155  -10.816 1.00 31.58 ? 34  ALA A CA  1 
ATOM   122  C C   . ALA A 1 41  ? 0.704   -1.646  -9.992  1.00 32.95 ? 34  ALA A C   1 
ATOM   123  O O   . ALA A 1 41  ? -0.138  -2.391  -10.492 1.00 32.69 ? 34  ALA A O   1 
ATOM   124  C CB  . ALA A 1 41  ? 3.154   -2.004  -10.552 1.00 32.23 ? 34  ALA A CB  1 
ATOM   125  N N   . PHE A 1 42  ? 0.563   -1.149  -8.772  1.00 32.84 ? 35  PHE A N   1 
ATOM   126  C CA  . PHE A 1 42  ? -0.636  -1.385  -8.008  1.00 33.28 ? 35  PHE A CA  1 
ATOM   127  C C   . PHE A 1 42  ? -1.841  -0.828  -8.730  1.00 34.02 ? 35  PHE A C   1 
ATOM   128  O O   . PHE A 1 42  ? -2.815  -1.534  -8.910  1.00 32.74 ? 35  PHE A O   1 
ATOM   129  C CB  . PHE A 1 42  ? -0.542  -0.762  -6.610  1.00 32.96 ? 35  PHE A CB  1 
ATOM   130  C CG  . PHE A 1 42  ? -1.814  -0.921  -5.815  1.00 32.48 ? 35  PHE A CG  1 
ATOM   131  C CD1 . PHE A 1 42  ? -2.039  -2.081  -5.108  1.00 30.96 ? 35  PHE A CD1 1 
ATOM   132  C CD2 . PHE A 1 42  ? -2.804  0.048   -5.827  1.00 31.64 ? 35  PHE A CD2 1 
ATOM   133  C CE1 . PHE A 1 42  ? -3.241  -2.283  -4.383  1.00 34.27 ? 35  PHE A CE1 1 
ATOM   134  C CE2 . PHE A 1 42  ? -3.991  -0.135  -5.120  1.00 32.80 ? 35  PHE A CE2 1 
ATOM   135  C CZ  . PHE A 1 42  ? -4.216  -1.305  -4.399  1.00 34.49 ? 35  PHE A CZ  1 
ATOM   136  N N   . ASN A 1 43  ? -1.773  0.430   -9.158  1.00 33.71 ? 36  ASN A N   1 
ATOM   137  C CA  . ASN A 1 43  ? -2.945  1.078   -9.727  1.00 35.73 ? 36  ASN A CA  1 
ATOM   138  C C   . ASN A 1 43  ? -3.353  0.427   -11.069 1.00 39.28 ? 36  ASN A C   1 
ATOM   139  O O   . ASN A 1 43  ? -4.541  0.428   -11.413 1.00 40.69 ? 36  ASN A O   1 
ATOM   140  C CB  . ASN A 1 43  ? -2.700  2.576   -9.904  1.00 34.85 ? 36  ASN A CB  1 
ATOM   141  C CG  . ASN A 1 43  ? -2.925  3.342   -8.633  1.00 34.63 ? 36  ASN A CG  1 
ATOM   142  O OD1 . ASN A 1 43  ? -3.757  2.961   -7.826  1.00 33.80 ? 36  ASN A OD1 1 
ATOM   143  N ND2 . ASN A 1 43  ? -2.151  4.395   -8.414  1.00 33.76 ? 36  ASN A ND2 1 
ATOM   144  N N   . SER A 1 44  ? -2.398  -0.182  -11.773 1.00 40.60 ? 37  SER A N   1 
ATOM   145  C CA  . SER A 1 44  ? -2.721  -0.828  -13.050 1.00 41.16 ? 37  SER A CA  1 
ATOM   146  C C   . SER A 1 44  ? -2.947  -2.324  -12.929 1.00 42.95 ? 37  SER A C   1 
ATOM   147  O O   . SER A 1 44  ? -3.265  -2.983  -13.918 1.00 42.99 ? 37  SER A O   1 
ATOM   148  C CB  . SER A 1 44  ? -1.648  -0.494  -14.066 1.00 41.84 ? 37  SER A CB  1 
ATOM   149  O OG  . SER A 1 44  ? -0.441  -1.131  -13.755 1.00 43.57 ? 37  SER A OG  1 
ATOM   150  N N   . GLY A 1 45  ? -2.809  -2.871  -11.721 1.00 42.90 ? 38  GLY A N   1 
ATOM   151  C CA  . GLY A 1 45  ? -2.959  -4.312  -11.489 1.00 42.83 ? 38  GLY A CA  1 
ATOM   152  C C   . GLY A 1 45  ? -1.818  -5.163  -11.975 1.00 43.72 ? 38  GLY A C   1 
ATOM   153  O O   . GLY A 1 45  ? -1.995  -6.354  -12.247 1.00 44.89 ? 38  GLY A O   1 
ATOM   154  N N   . ASP A 1 46  ? -0.644  -4.577  -12.097 1.00 42.74 ? 39  ASP A N   1 
ATOM   155  C CA  . ASP A 1 46  ? 0.491   -5.235  -12.689 1.00 43.27 ? 39  ASP A CA  1 
ATOM   156  C C   . ASP A 1 46  ? 1.256   -5.935  -11.588 1.00 43.52 ? 39  ASP A C   1 
ATOM   157  O O   . ASP A 1 46  ? 2.236   -5.461  -11.085 1.00 42.20 ? 39  ASP A O   1 
ATOM   158  C CB  . ASP A 1 46  ? 1.327   -4.220  -13.472 1.00 43.44 ? 39  ASP A CB  1 
ATOM   159  C CG  . ASP A 1 46  ? 2.667   -4.748  -13.955 1.00 43.40 ? 39  ASP A CG  1 
ATOM   160  O OD1 . ASP A 1 46  ? 2.984   -5.967  -13.874 1.00 46.79 ? 39  ASP A OD1 1 
ATOM   161  O OD2 . ASP A 1 46  ? 3.506   -3.959  -14.422 1.00 44.42 ? 39  ASP A OD2 1 
ATOM   162  N N   . MET A 1 47  ? 0.773   -7.127  -11.251 1.00 45.35 ? 40  MET A N   1 
ATOM   163  C CA  . MET A 1 47  ? 1.300   -7.878  -10.108 1.00 45.31 ? 40  MET A CA  1 
ATOM   164  C C   . MET A 1 47  ? 2.631   -8.523  -10.437 1.00 45.33 ? 40  MET A C   1 
ATOM   165  O O   . MET A 1 47  ? 3.458   -8.762  -9.552  1.00 45.26 ? 40  MET A O   1 
ATOM   166  C CB  . MET A 1 47  ? 0.211   -8.852  -9.563  1.00 46.62 ? 40  MET A CB  1 
ATOM   167  C CG  . MET A 1 47  ? -1.110  -8.167  -9.039  1.00 45.02 ? 40  MET A CG  1 
ATOM   168  S SD  . MET A 1 47  ? -1.316  -6.948  -7.657  1.00 50.91 ? 40  MET A SD  1 
ATOM   169  C CE  . MET A 1 47  ? -1.415  -5.317  -8.397  1.00 51.11 ? 40  MET A CE  1 
ATOM   170  N N   . LYS A 1 48  ? 2.928   -8.741  -11.712 1.00 46.45 ? 41  LYS A N   1 
ATOM   171  C CA  . LYS A 1 48  ? 4.274   -9.165  -12.072 1.00 45.62 ? 41  LYS A CA  1 
ATOM   172  C C   . LYS A 1 48  ? 5.396   -8.150  -11.708 1.00 45.02 ? 41  LYS A C   1 
ATOM   173  O O   . LYS A 1 48  ? 6.462   -8.507  -11.144 1.00 44.27 ? 41  LYS A O   1 
ATOM   174  C CB  . LYS A 1 48  ? 4.312   -9.462  -13.577 1.00 47.52 ? 41  LYS A CB  1 
ATOM   175  C CG  . LYS A 1 48  ? 5.575   -10.207 -14.049 1.00 49.49 ? 41  LYS A CG  1 
ATOM   176  C CD  . LYS A 1 48  ? 5.219   -11.332 -15.108 1.00 51.18 ? 41  LYS A CD  1 
ATOM   177  C CE  . LYS A 1 48  ? 6.269   -11.429 -16.252 1.00 55.65 ? 41  LYS A CE  1 
ATOM   178  N NZ  . LYS A 1 48  ? 7.687   -11.451 -15.746 1.00 60.59 ? 41  LYS A NZ  1 
ATOM   179  N N   . THR A 1 49  ? 5.197   -6.874  -12.062 1.00 42.22 ? 42  THR A N   1 
ATOM   180  C CA  . THR A 1 49  ? 6.157   -5.875  -11.634 1.00 41.31 ? 42  THR A CA  1 
ATOM   181  C C   . THR A 1 49  ? 6.144   -5.760  -10.120 1.00 37.99 ? 42  THR A C   1 
ATOM   182  O O   . THR A 1 49  ? 7.167   -5.717  -9.465  1.00 36.48 ? 42  THR A O   1 
ATOM   183  C CB  . THR A 1 49  ? 5.793   -4.477  -12.246 1.00 41.37 ? 42  THR A CB  1 
ATOM   184  O OG1 . THR A 1 49  ? 5.934   -4.506  -13.670 1.00 45.59 ? 42  THR A OG1 1 
ATOM   185  C CG2 . THR A 1 49  ? 6.730   -3.468  -11.820 1.00 39.23 ? 42  THR A CG2 1 
ATOM   186  N N   . LEU A 1 50  ? 4.955   -5.704  -9.553  1.00 39.60 ? 43  LEU A N   1 
ATOM   187  C CA  . LEU A 1 50  ? 4.836   -5.514  -8.099  1.00 40.23 ? 43  LEU A CA  1 
ATOM   188  C C   . LEU A 1 50  ? 5.653   -6.591  -7.320  1.00 40.94 ? 43  LEU A C   1 
ATOM   189  O O   . LEU A 1 50  ? 6.359   -6.303  -6.331  1.00 40.48 ? 43  LEU A O   1 
ATOM   190  C CB  . LEU A 1 50  ? 3.326   -5.374  -7.776  1.00 40.15 ? 43  LEU A CB  1 
ATOM   191  C CG  . LEU A 1 50  ? 2.829   -4.475  -6.667  1.00 39.36 ? 43  LEU A CG  1 
ATOM   192  C CD1 . LEU A 1 50  ? 3.466   -3.128  -6.655  1.00 36.25 ? 43  LEU A CD1 1 
ATOM   193  C CD2 . LEU A 1 50  ? 1.300   -4.418  -6.685  1.00 42.07 ? 43  LEU A CD2 1 
ATOM   194  N N   . THR A 1 51  ? 5.685   -7.830  -7.825  1.00 41.56 ? 44  THR A N   1 
ATOM   195  C CA  . THR A 1 51  ? 6.593   -8.911  -7.319  1.00 41.08 ? 44  THR A CA  1 
ATOM   196  C C   . THR A 1 51  ? 8.048   -8.675  -7.251  1.00 40.91 ? 44  THR A C   1 
ATOM   197  O O   . THR A 1 51  ? 8.722   -9.046  -6.274  1.00 42.59 ? 44  THR A O   1 
ATOM   198  C CB  . THR A 1 51  ? 6.422   -10.190 -8.256  1.00 42.09 ? 44  THR A CB  1 
ATOM   199  O OG1 . THR A 1 51  ? 5.110   -10.676 -8.028  1.00 39.55 ? 44  THR A OG1 1 
ATOM   200  C CG2 . THR A 1 51  ? 7.429   -11.391 -7.945  1.00 42.29 ? 44  THR A CG2 1 
ATOM   201  N N   . GLU A 1 52  ? 8.561   -8.120  -8.316  1.00 39.07 ? 45  GLU A N   1 
ATOM   202  C CA  . GLU A 1 52  ? 9.944   -7.793  -8.391  1.00 40.36 ? 45  GLU A CA  1 
ATOM   203  C C   . GLU A 1 52  ? 10.283  -6.822  -7.280  1.00 38.12 ? 45  GLU A C   1 
ATOM   204  O O   . GLU A 1 52  ? 11.431  -6.728  -6.909  1.00 40.41 ? 45  GLU A O   1 
ATOM   205  C CB  . GLU A 1 52  ? 10.293  -7.128  -9.735  1.00 41.47 ? 45  GLU A CB  1 
ATOM   206  C CG  . GLU A 1 52  ? 10.492  -8.130  -10.890 1.00 47.14 ? 45  GLU A CG  1 
ATOM   207  C CD  . GLU A 1 52  ? 10.022  -7.571  -12.223 1.00 48.22 ? 45  GLU A CD  1 
ATOM   208  O OE1 . GLU A 1 52  ? 10.071  -6.312  -12.427 1.00 59.37 ? 45  GLU A OE1 1 
ATOM   209  O OE2 . GLU A 1 52  ? 9.570   -8.388  -13.075 1.00 59.14 ? 45  GLU A OE2 1 
ATOM   210  N N   . LEU A 1 53  ? 9.330   -6.006  -6.839  1.00 34.44 ? 46  LEU A N   1 
ATOM   211  C CA  . LEU A 1 53  ? 9.686   -4.897  -5.914  1.00 31.76 ? 46  LEU A CA  1 
ATOM   212  C C   . LEU A 1 53  ? 9.634   -5.240  -4.446  1.00 29.83 ? 46  LEU A C   1 
ATOM   213  O O   . LEU A 1 53  ? 10.027  -4.399  -3.611  1.00 29.13 ? 46  LEU A O   1 
ATOM   214  C CB  . LEU A 1 53  ? 8.717   -3.707  -6.144  1.00 31.38 ? 46  LEU A CB  1 
ATOM   215  C CG  . LEU A 1 53  ? 8.505   -3.290  -7.634  1.00 32.24 ? 46  LEU A CG  1 
ATOM   216  C CD1 . LEU A 1 53  ? 7.567   -2.126  -7.789  1.00 34.50 ? 46  LEU A CD1 1 
ATOM   217  C CD2 . LEU A 1 53  ? 9.811   -3.075  -8.228  1.00 32.60 ? 46  LEU A CD2 1 
ATOM   218  N N   . PHE A 1 54  ? 9.051   -6.390  -4.105  1.00 28.90 ? 47  PHE A N   1 
ATOM   219  C CA  . PHE A 1 54  ? 8.875   -6.814  -2.703  1.00 28.15 ? 47  PHE A CA  1 
ATOM   220  C C   . PHE A 1 54  ? 9.735   -8.049  -2.413  1.00 27.33 ? 47  PHE A C   1 
ATOM   221  O O   . PHE A 1 54  ? 9.790   -8.955  -3.236  1.00 27.36 ? 47  PHE A O   1 
ATOM   222  C CB  . PHE A 1 54  ? 7.430   -7.252  -2.419  1.00 28.66 ? 47  PHE A CB  1 
ATOM   223  C CG  . PHE A 1 54  ? 6.480   -6.122  -2.152  1.00 27.56 ? 47  PHE A CG  1 
ATOM   224  C CD1 . PHE A 1 54  ? 6.151   -5.748  -0.854  1.00 28.94 ? 47  PHE A CD1 1 
ATOM   225  C CD2 . PHE A 1 54  ? 5.916   -5.416  -3.240  1.00 26.45 ? 47  PHE A CD2 1 
ATOM   226  C CE1 . PHE A 1 54  ? 5.254   -4.710  -0.627  1.00 29.63 ? 47  PHE A CE1 1 
ATOM   227  C CE2 . PHE A 1 54  ? 5.016   -4.334  -3.003  1.00 28.39 ? 47  PHE A CE2 1 
ATOM   228  C CZ  . PHE A 1 54  ? 4.709   -4.003  -1.685  1.00 27.78 ? 47  PHE A CZ  1 
ATOM   229  N N   . ASP A 1 55  ? 10.345  -8.064  -1.261  1.00 26.33 ? 48  ASP A N   1 
ATOM   230  C CA  . ASP A 1 55  ? 11.051  -9.218  -0.755  1.00 27.94 ? 48  ASP A CA  1 
ATOM   231  C C   . ASP A 1 55  ? 9.979   -10.289 -0.521  1.00 28.16 ? 48  ASP A C   1 
ATOM   232  O O   . ASP A 1 55  ? 8.892   -9.985  -0.076  1.00 26.85 ? 48  ASP A O   1 
ATOM   233  C CB  . ASP A 1 55  ? 11.704  -8.804  0.559   1.00 26.66 ? 48  ASP A CB  1 
ATOM   234  C CG  . ASP A 1 55  ? 12.668  -9.859  1.098   1.00 29.98 ? 48  ASP A CG  1 
ATOM   235  O OD1 . ASP A 1 55  ? 12.202  -10.849 1.745   1.00 26.15 ? 48  ASP A OD1 1 
ATOM   236  O OD2 . ASP A 1 55  ? 13.896  -9.719  0.979   1.00 31.67 ? 48  ASP A OD2 1 
ATOM   237  N N   . GLU A 1 56  ? 10.323  -11.556 -0.787  1.00 28.46 ? 49  GLU A N   1 
ATOM   238  C CA  . GLU A 1 56  ? 9.398   -12.642 -0.501  1.00 28.17 ? 49  GLU A CA  1 
ATOM   239  C C   . GLU A 1 56  ? 8.914   -12.734 0.962   1.00 27.61 ? 49  GLU A C   1 
ATOM   240  O O   . GLU A 1 56  ? 7.892   -13.354 1.181   1.00 29.27 ? 49  GLU A O   1 
ATOM   241  C CB  . GLU A 1 56  ? 10.034  -13.996 -0.972  1.00 28.61 ? 49  GLU A CB  1 
ATOM   242  C CG  . GLU A 1 56  ? 11.249  -14.393 -0.193  1.00 29.13 ? 49  GLU A CG  1 
ATOM   243  C CD  . GLU A 1 56  ? 12.565  -13.912 -0.765  1.00 34.59 ? 49  GLU A CD  1 
ATOM   244  O OE1 . GLU A 1 56  ? 12.587  -12.939 -1.568  1.00 31.71 ? 49  GLU A OE1 1 
ATOM   245  O OE2 . GLU A 1 56  ? 13.590  -14.521 -0.363  1.00 34.88 ? 49  GLU A OE2 1 
ATOM   246  N N   . ASN A 1 57  ? 9.711   -12.241 1.935   1.00 26.91 ? 50  ASN A N   1 
ATOM   247  C CA  . ASN A 1 57  ? 9.370   -12.184 3.369   1.00 25.65 ? 50  ASN A CA  1 
ATOM   248  C C   . ASN A 1 57  ? 8.935   -10.793 3.875   1.00 25.72 ? 50  ASN A C   1 
ATOM   249  O O   . ASN A 1 57  ? 8.875   -10.591 5.079   1.00 24.86 ? 50  ASN A O   1 
ATOM   250  C CB  . ASN A 1 57  ? 10.520  -12.685 4.193   1.00 26.74 ? 50  ASN A CB  1 
ATOM   251  C CG  . ASN A 1 57  ? 10.513  -14.239 4.306   1.00 28.45 ? 50  ASN A CG  1 
ATOM   252  O OD1 . ASN A 1 57  ? 11.499  -14.933 3.917   1.00 28.57 ? 50  ASN A OD1 1 
ATOM   253  N ND2 . ASN A 1 57  ? 9.408   -14.749 4.778   1.00 23.58 ? 50  ASN A ND2 1 
ATOM   254  N N   . ALA A 1 58  ? 8.516   -9.920  2.939   1.00 25.83 ? 51  ALA A N   1 
ATOM   255  C CA  . ALA A 1 58  ? 7.943   -8.585  3.283   1.00 25.12 ? 51  ALA A CA  1 
ATOM   256  C C   . ALA A 1 58  ? 6.663   -8.765  4.119   1.00 25.54 ? 51  ALA A C   1 
ATOM   257  O O   . ALA A 1 58  ? 5.909   -9.739  3.919   1.00 25.75 ? 51  ALA A O   1 
ATOM   258  C CB  . ALA A 1 58  ? 7.631   -7.804  2.048   1.00 26.45 ? 51  ALA A CB  1 
ATOM   259  N N   . SER A 1 59  ? 6.396   -7.778  4.960   1.00 25.34 ? 52  SER A N   1 
ATOM   260  C CA  . SER A 1 59  ? 5.123   -7.619  5.661   1.00 25.74 ? 52  SER A CA  1 
ATOM   261  C C   . SER A 1 59  ? 4.387   -6.340  5.296   1.00 26.92 ? 52  SER A C   1 
ATOM   262  O O   . SER A 1 59  ? 4.996   -5.310  4.945   1.00 24.54 ? 52  SER A O   1 
ATOM   263  C CB  . SER A 1 59  ? 5.374   -7.580  7.152   1.00 27.58 ? 52  SER A CB  1 
ATOM   264  O OG  . SER A 1 59  ? 5.918   -8.801  7.645   1.00 30.59 ? 52  SER A OG  1 
ATOM   265  N N   . TRP A 1 60  ? 3.073   -6.381  5.419   1.00 25.48 ? 53  TRP A N   1 
ATOM   266  C CA  . TRP A 1 60  ? 2.210   -5.254  5.222   1.00 26.03 ? 53  TRP A CA  1 
ATOM   267  C C   . TRP A 1 60  ? 1.272   -5.076  6.415   1.00 27.91 ? 53  TRP A C   1 
ATOM   268  O O   . TRP A 1 60  ? 0.668   -6.038  6.897   1.00 30.05 ? 53  TRP A O   1 
ATOM   269  C CB  . TRP A 1 60  ? 1.436   -5.419  3.933   1.00 27.98 ? 53  TRP A CB  1 
ATOM   270  C CG  . TRP A 1 60  ? 0.862   -4.151  3.401   1.00 28.66 ? 53  TRP A CG  1 
ATOM   271  C CD1 . TRP A 1 60  ? -0.424  -3.669  3.555   1.00 30.24 ? 53  TRP A CD1 1 
ATOM   272  C CD2 . TRP A 1 60  ? 1.546   -3.220  2.570   1.00 28.43 ? 53  TRP A CD2 1 
ATOM   273  N NE1 . TRP A 1 60  ? -0.558  -2.473  2.884   1.00 31.06 ? 53  TRP A NE1 1 
ATOM   274  C CE2 . TRP A 1 60  ? 0.633   -2.177  2.270   1.00 29.12 ? 53  TRP A CE2 1 
ATOM   275  C CE3 . TRP A 1 60  ? 2.867   -3.145  2.061   1.00 27.07 ? 53  TRP A CE3 1 
ATOM   276  C CZ2 . TRP A 1 60  ? 0.990   -1.071  1.492   1.00 27.44 ? 53  TRP A CZ2 1 
ATOM   277  C CZ3 . TRP A 1 60  ? 3.196   -2.083  1.245   1.00 28.58 ? 53  TRP A CZ3 1 
ATOM   278  C CH2 . TRP A 1 60  ? 2.264   -1.059  0.972   1.00 27.09 ? 53  TRP A CH2 1 
ATOM   279  N N   . HIS A 1 61  ? 1.237   -3.876  6.975   1.00 27.00 ? 54  HIS A N   1 
ATOM   280  C CA  . HIS A 1 61  ? 0.536   -3.628  8.215   1.00 27.64 ? 54  HIS A CA  1 
ATOM   281  C C   . HIS A 1 61  ? -0.640  -2.684  7.978   1.00 28.74 ? 54  HIS A C   1 
ATOM   282  O O   . HIS A 1 61  ? -0.486  -1.552  7.595   1.00 26.76 ? 54  HIS A O   1 
ATOM   283  C CB  . HIS A 1 61  ? 1.483   -3.078  9.259   1.00 26.49 ? 54  HIS A CB  1 
ATOM   284  C CG  . HIS A 1 61  ? 2.728   -3.858  9.464   1.00 26.19 ? 54  HIS A CG  1 
ATOM   285  N ND1 . HIS A 1 61  ? 2.818   -4.888  10.378  1.00 26.62 ? 54  HIS A ND1 1 
ATOM   286  C CD2 . HIS A 1 61  ? 3.969   -3.715  8.938   1.00 26.83 ? 54  HIS A CD2 1 
ATOM   287  C CE1 . HIS A 1 61  ? 4.062   -5.355  10.383  1.00 30.46 ? 54  HIS A CE1 1 
ATOM   288  N NE2 . HIS A 1 61  ? 4.784   -4.661  9.511   1.00 26.96 ? 54  HIS A NE2 1 
ATOM   289  N N   . THR A 1 62  ? -1.846  -3.203  8.151   1.00 28.46 ? 55  THR A N   1 
ATOM   290  C CA  . THR A 1 62  ? -3.046  -2.439  8.019   1.00 28.95 ? 55  THR A CA  1 
ATOM   291  C C   . THR A 1 62  ? -3.676  -2.211  9.392   1.00 29.80 ? 55  THR A C   1 
ATOM   292  O O   . THR A 1 62  ? -4.020  -3.187  10.134  1.00 28.79 ? 55  THR A O   1 
ATOM   293  C CB  . THR A 1 62  ? -4.034  -3.209  7.116   1.00 28.83 ? 55  THR A CB  1 
ATOM   294  O OG1 . THR A 1 62  ? -3.511  -3.381  5.825   1.00 29.03 ? 55  THR A OG1 1 
ATOM   295  C CG2 . THR A 1 62  ? -5.325  -2.489  6.876   1.00 29.07 ? 55  THR A CG2 1 
ATOM   296  N N   . PRO A 1 63  ? -3.857  -0.961  9.758   1.00 30.61 ? 56  PRO A N   1 
ATOM   297  C CA  . PRO A 1 63  ? -4.368  -0.667  11.070  1.00 30.23 ? 56  PRO A CA  1 
ATOM   298  C C   . PRO A 1 63  ? -5.901  -0.866  11.090  1.00 30.17 ? 56  PRO A C   1 
ATOM   299  O O   . PRO A 1 63  ? -6.549  -1.037  10.042  1.00 28.81 ? 56  PRO A O   1 
ATOM   300  C CB  . PRO A 1 63  ? -4.000  0.786   11.291  1.00 30.67 ? 56  PRO A CB  1 
ATOM   301  C CG  . PRO A 1 63  ? -4.115  1.358   9.865   1.00 31.56 ? 56  PRO A CG  1 
ATOM   302  C CD  . PRO A 1 63  ? -3.595  0.266   8.963   1.00 28.88 ? 56  PRO A CD  1 
ATOM   303  N N   . GLY A 1 64  ? -6.450  -0.752  12.291  1.00 32.43 ? 57  GLY A N   1 
ATOM   304  C CA  . GLY A 1 64  ? -7.894  -0.669  12.433  1.00 32.25 ? 57  GLY A CA  1 
ATOM   305  C C   . GLY A 1 64  ? -8.547  -1.964  12.845  1.00 35.46 ? 57  GLY A C   1 
ATOM   306  O O   . GLY A 1 64  ? -7.887  -2.901  13.266  1.00 32.52 ? 57  GLY A O   1 
ATOM   307  N N   . ARG A 1 65  ? -9.859  -1.966  12.725  1.00 37.48 ? 58  ARG A N   1 
ATOM   308  C CA  . ARG A 1 65  ? -10.645 -3.061  13.285  1.00 40.79 ? 58  ARG A CA  1 
ATOM   309  C C   . ARG A 1 65  ? -11.500 -3.761  12.261  1.00 42.02 ? 58  ARG A C   1 
ATOM   310  O O   . ARG A 1 65  ? -12.354 -4.521  12.631  1.00 45.95 ? 58  ARG A O   1 
ATOM   311  C CB  . ARG A 1 65  ? -11.473 -2.518  14.446  1.00 40.93 ? 58  ARG A CB  1 
ATOM   312  C CG  . ARG A 1 65  ? -10.596 -2.397  15.695  1.00 42.31 ? 58  ARG A CG  1 
ATOM   313  C CD  . ARG A 1 65  ? -11.186 -1.616  16.831  1.00 43.61 ? 58  ARG A CD  1 
ATOM   314  N NE  . ARG A 1 65  ? -10.178 -1.366  17.866  1.00 45.63 ? 58  ARG A NE  1 
ATOM   315  C CZ  . ARG A 1 65  ? -10.441 -0.839  19.063  1.00 47.41 ? 58  ARG A CZ  1 
ATOM   316  N NH1 . ARG A 1 65  ? -11.686 -0.537  19.392  1.00 48.14 ? 58  ARG A NH1 1 
ATOM   317  N NH2 . ARG A 1 65  ? -9.458  -0.614  19.926  1.00 47.33 ? 58  ARG A NH2 1 
ATOM   318  N N   . SER A 1 66  ? -11.276 -3.541  10.983  1.00 41.28 ? 59  SER A N   1 
ATOM   319  C CA  . SER A 1 66  ? -12.042 -4.180  9.944   1.00 41.13 ? 59  SER A CA  1 
ATOM   320  C C   . SER A 1 66  ? -11.568 -5.618  9.740   1.00 41.59 ? 59  SER A C   1 
ATOM   321  O O   . SER A 1 66  ? -10.525 -6.062  10.293  1.00 41.01 ? 59  SER A O   1 
ATOM   322  C CB  . SER A 1 66  ? -11.887 -3.407  8.616   1.00 40.10 ? 59  SER A CB  1 
ATOM   323  O OG  . SER A 1 66  ? -10.681 -3.796  7.962   1.00 37.45 ? 59  SER A OG  1 
ATOM   324  N N   . ARG A 1 67  ? -12.306 -6.319  8.893   1.00 44.01 ? 60  ARG A N   1 
ATOM   325  C CA  . ARG A 1 67  ? -11.976 -7.701  8.562   1.00 44.56 ? 60  ARG A CA  1 
ATOM   326  C C   . ARG A 1 67  ? -10.668 -7.773  7.741   1.00 44.27 ? 60  ARG A C   1 
ATOM   327  O O   . ARG A 1 67  ? -10.051 -8.844  7.653   1.00 44.57 ? 60  ARG A O   1 
ATOM   328  C CB  . ARG A 1 67  ? -13.104 -8.371  7.779   1.00 46.55 ? 60  ARG A CB  1 
ATOM   329  C CG  . ARG A 1 67  ? -13.082 -9.943  7.918   1.00 49.36 ? 60  ARG A CG  1 
ATOM   330  C CD  . ARG A 1 67  ? -14.481 -10.633 7.887   1.00 51.53 ? 60  ARG A CD  1 
ATOM   331  N NE  . ARG A 1 67  ? -14.432 -12.066 7.539   1.00 57.58 ? 60  ARG A NE  1 
ATOM   332  C CZ  . ARG A 1 67  ? -14.037 -13.031 8.371   1.00 60.41 ? 60  ARG A CZ  1 
ATOM   333  N NH1 . ARG A 1 67  ? -13.613 -12.738 9.597   1.00 64.73 ? 60  ARG A NH1 1 
ATOM   334  N NH2 . ARG A 1 67  ? -14.035 -14.280 7.976   1.00 59.26 ? 60  ARG A NH2 1 
ATOM   335  N N   . ILE A 1 68  ? -10.240 -6.659  7.161   1.00 42.59 ? 61  ILE A N   1 
ATOM   336  C CA  . ILE A 1 68  ? -8.929  -6.681  6.461   1.00 41.23 ? 61  ILE A CA  1 
ATOM   337  C C   . ILE A 1 68  ? -7.727  -6.081  7.208   1.00 39.59 ? 61  ILE A C   1 
ATOM   338  O O   . ILE A 1 68  ? -6.619  -6.036  6.655   1.00 37.34 ? 61  ILE A O   1 
ATOM   339  C CB  . ILE A 1 68  ? -9.040  -6.211  4.991   1.00 41.63 ? 61  ILE A CB  1 
ATOM   340  C CG1 . ILE A 1 68  ? -9.579  -4.783  4.800   1.00 41.22 ? 61  ILE A CG1 1 
ATOM   341  C CG2 . ILE A 1 68  ? -9.955  -7.190  4.221   1.00 41.78 ? 61  ILE A CG2 1 
ATOM   342  C CD1 . ILE A 1 68  ? -8.661  -3.644  5.218   1.00 42.32 ? 61  ILE A CD1 1 
ATOM   343  N N   . ALA A 1 69  ? -7.915  -5.743  8.481   1.00 38.52 ? 62  ALA A N   1 
ATOM   344  C CA  . ALA A 1 69  ? -6.840  -5.313  9.330   1.00 38.36 ? 62  ALA A CA  1 
ATOM   345  C C   . ALA A 1 69  ? -5.836  -6.398  9.641   1.00 38.35 ? 62  ALA A C   1 
ATOM   346  O O   . ALA A 1 69  ? -6.162  -7.577  9.605   1.00 38.32 ? 62  ALA A O   1 
ATOM   347  C CB  . ALA A 1 69  ? -7.381  -4.795  10.629  1.00 39.05 ? 62  ALA A CB  1 
ATOM   348  N N   . GLY A 1 70  ? -4.634  -5.976  10.024  1.00 35.02 ? 63  GLY A N   1 
ATOM   349  C CA  . GLY A 1 70  ? -3.636  -6.846  10.608  1.00 35.61 ? 63  GLY A CA  1 
ATOM   350  C C   . GLY A 1 70  ? -2.275  -6.752  9.969   1.00 33.99 ? 63  GLY A C   1 
ATOM   351  O O   . GLY A 1 70  ? -2.084  -5.990  9.009   1.00 31.64 ? 63  GLY A O   1 
ATOM   352  N N   . ASP A 1 71  ? -1.391  -7.586  10.476  1.00 32.76 ? 64  ASP A N   1 
ATOM   353  C CA  . ASP A 1 71  ? -0.053  -7.767  9.965   1.00 32.83 ? 64  ASP A CA  1 
ATOM   354  C C   . ASP A 1 71  ? -0.140  -8.925  9.004   1.00 33.54 ? 64  ASP A C   1 
ATOM   355  O O   . ASP A 1 71  ? -0.431  -10.057 9.413   1.00 36.34 ? 64  ASP A O   1 
ATOM   356  C CB  A ASP A 1 71  ? 0.885   -8.004  11.109  0.50 32.89 ? 64  ASP A CB  1 
ATOM   357  C CB  B ASP A 1 71  ? 0.929   -8.095  11.099  0.50 33.33 ? 64  ASP A CB  1 
ATOM   358  C CG  A ASP A 1 71  ? 0.726   -6.968  12.201  0.50 32.17 ? 64  ASP A CG  1 
ATOM   359  C CG  B ASP A 1 71  ? 2.393   -8.310  10.608  0.50 33.09 ? 64  ASP A CG  1 
ATOM   360  O OD1 A ASP A 1 71  ? 0.713   -5.693  11.938  0.50 26.03 ? 64  ASP A OD1 1 
ATOM   361  O OD1 B ASP A 1 71  ? 2.682   -8.220  9.380   0.50 33.56 ? 64  ASP A OD1 1 
ATOM   362  O OD2 A ASP A 1 71  ? 0.646   -7.367  13.385  0.50 31.32 ? 64  ASP A OD2 1 
ATOM   363  O OD2 B ASP A 1 71  ? 3.341   -8.582  11.385  0.50 33.58 ? 64  ASP A OD2 1 
ATOM   364  N N   . HIS A 1 72  ? -0.033  -8.624  7.724   1.00 30.15 ? 65  HIS A N   1 
ATOM   365  C CA  . HIS A 1 72  ? 0.033   -9.651  6.680   1.00 31.69 ? 65  HIS A CA  1 
ATOM   366  C C   . HIS A 1 72  ? 1.531   -9.939  6.425   1.00 31.24 ? 65  HIS A C   1 
ATOM   367  O O   . HIS A 1 72  ? 2.216   -9.139  5.766   1.00 29.62 ? 65  HIS A O   1 
ATOM   368  C CB  . HIS A 1 72  ? -0.740  -9.171  5.499   1.00 33.08 ? 65  HIS A CB  1 
ATOM   369  C CG  . HIS A 1 72  ? -2.215  -8.998  5.815   1.00 35.62 ? 65  HIS A CG  1 
ATOM   370  N ND1 . HIS A 1 72  ? -2.788  -7.779  6.118   1.00 40.96 ? 65  HIS A ND1 1 
ATOM   371  C CD2 . HIS A 1 72  ? -3.182  -9.923  6.020   1.00 41.47 ? 65  HIS A CD2 1 
ATOM   372  C CE1 . HIS A 1 72  ? -4.068  -7.953  6.415   1.00 38.27 ? 65  HIS A CE1 1 
ATOM   373  N NE2 . HIS A 1 72  ? -4.334  -9.250  6.354   1.00 41.79 ? 65  HIS A NE2 1 
ATOM   374  N N   . LYS A 1 73  ? 2.018   -11.073 6.925   1.00 31.80 ? 66  LYS A N   1 
ATOM   375  C CA  . LYS A 1 73  ? 3.436   -11.460 6.806   1.00 31.34 ? 66  LYS A CA  1 
ATOM   376  C C   . LYS A 1 73  ? 3.659   -12.401 5.637   1.00 32.10 ? 66  LYS A C   1 
ATOM   377  O O   . LYS A 1 73  ? 2.963   -13.470 5.505   1.00 30.34 ? 66  LYS A O   1 
ATOM   378  C CB  . LYS A 1 73  ? 3.894   -12.091 8.112   1.00 33.27 ? 66  LYS A CB  1 
ATOM   379  C CG  . LYS A 1 73  ? 5.301   -12.742 8.046   1.00 34.72 ? 66  LYS A CG  1 
ATOM   380  C CD  . LYS A 1 73  ? 6.435   -11.773 7.867   1.00 36.56 ? 66  LYS A CD  1 
ATOM   381  C CE  . LYS A 1 73  ? 7.823   -12.494 7.711   1.00 37.48 ? 66  LYS A CE  1 
ATOM   382  N NZ  . LYS A 1 73  ? 8.159   -13.238 8.967   1.00 32.49 ? 66  LYS A NZ  1 
ATOM   383  N N   . GLY A 1 74  ? 4.630   -12.045 4.792   1.00 30.31 ? 67  GLY A N   1 
ATOM   384  C CA  . GLY A 1 74  ? 4.952   -12.754 3.575   1.00 29.46 ? 67  GLY A CA  1 
ATOM   385  C C   . GLY A 1 74  ? 4.378   -12.050 2.384   1.00 29.15 ? 67  GLY A C   1 
ATOM   386  O O   . GLY A 1 74  ? 3.205   -11.635 2.377   1.00 28.67 ? 67  GLY A O   1 
ATOM   387  N N   . ARG A 1 75  ? 5.184   -11.937 1.339   1.00 29.53 ? 68  ARG A N   1 
ATOM   388  C CA  . ARG A 1 75  ? 4.749   -11.324 0.099   1.00 29.40 ? 68  ARG A CA  1 
ATOM   389  C C   . ARG A 1 75  ? 3.451   -11.903 -0.467  1.00 29.99 ? 68  ARG A C   1 
ATOM   390  O O   . ARG A 1 75  ? 2.567   -11.212 -0.944  1.00 27.99 ? 68  ARG A O   1 
ATOM   391  C CB  . ARG A 1 75  ? 5.881   -11.438 -0.900  1.00 29.00 ? 68  ARG A CB  1 
ATOM   392  C CG  . ARG A 1 75  ? 5.640   -10.731 -2.208  1.00 29.97 ? 68  ARG A CG  1 
ATOM   393  C CD  . ARG A 1 75  ? 6.861   -10.780 -3.133  1.00 31.20 ? 68  ARG A CD  1 
ATOM   394  N NE  . ARG A 1 75  ? 7.181   -12.153 -3.569  1.00 29.48 ? 68  ARG A NE  1 
ATOM   395  C CZ  . ARG A 1 75  ? 8.321   -12.492 -4.154  1.00 31.75 ? 68  ARG A CZ  1 
ATOM   396  N NH1 . ARG A 1 75  ? 9.239   -11.592 -4.415  1.00 30.42 ? 68  ARG A NH1 1 
ATOM   397  N NH2 . ARG A 1 75  ? 8.552   -13.745 -4.507  1.00 28.94 ? 68  ARG A NH2 1 
ATOM   398  N N   . GLU A 1 76  ? 3.298   -13.217 -0.356  1.00 30.04 ? 69  GLU A N   1 
ATOM   399  C CA  . GLU A 1 76  ? 2.018   -13.832 -0.770  1.00 28.28 ? 69  GLU A CA  1 
ATOM   400  C C   . GLU A 1 76  ? 0.790   -13.294 -0.005  1.00 28.41 ? 69  GLU A C   1 
ATOM   401  O O   . GLU A 1 76  ? -0.283  -13.136 -0.610  1.00 27.09 ? 69  GLU A O   1 
ATOM   402  C CB  . GLU A 1 76  ? 2.125   -15.394 -0.732  1.00 28.68 ? 69  GLU A CB  1 
ATOM   403  C CG  . GLU A 1 76  ? 2.046   -16.051 0.638   1.00 25.48 ? 69  GLU A CG  1 
ATOM   404  C CD  . GLU A 1 76  ? 3.255   -15.870 1.538   1.00 26.40 ? 69  GLU A CD  1 
ATOM   405  O OE1 . GLU A 1 76  ? 4.331   -15.440 1.062   1.00 29.81 ? 69  GLU A OE1 1 
ATOM   406  O OE2 . GLU A 1 76  ? 3.094   -16.107 2.754   1.00 28.40 ? 69  GLU A OE2 1 
ATOM   407  N N   . ALA A 1 77  ? 0.951   -13.012 1.300   1.00 28.57 ? 70  ALA A N   1 
ATOM   408  C CA  . ALA A 1 77  ? -0.113  -12.501 2.169   1.00 28.55 ? 70  ALA A CA  1 
ATOM   409  C C   . ALA A 1 77  ? -0.350  -11.040 1.808   1.00 29.59 ? 70  ALA A C   1 
ATOM   410  O O   . ALA A 1 77  ? -1.480  -10.581 1.752   1.00 28.87 ? 70  ALA A O   1 
ATOM   411  C CB  . ALA A 1 77  ? 0.299   -12.613 3.591   1.00 28.53 ? 70  ALA A CB  1 
ATOM   412  N N   . ILE A 1 78  ? 0.720   -10.345 1.422   1.00 29.19 ? 71  ILE A N   1 
ATOM   413  C CA  . ILE A 1 78  ? 0.574   -8.926  0.978   1.00 28.11 ? 71  ILE A CA  1 
ATOM   414  C C   . ILE A 1 78  ? -0.269  -8.882  -0.255  1.00 28.06 ? 71  ILE A C   1 
ATOM   415  O O   . ILE A 1 78  ? -1.183  -8.075  -0.391  1.00 26.93 ? 71  ILE A O   1 
ATOM   416  C CB  . ILE A 1 78  ? 1.970   -8.301  0.755   1.00 28.18 ? 71  ILE A CB  1 
ATOM   417  C CG1 . ILE A 1 78  ? 2.757   -8.286  2.094   1.00 26.02 ? 71  ILE A CG1 1 
ATOM   418  C CG2 . ILE A 1 78  ? 1.851   -6.903  0.114   1.00 32.09 ? 71  ILE A CG2 1 
ATOM   419  C CD1 . ILE A 1 78  ? 4.113   -7.608  1.967   1.00 26.88 ? 71  ILE A CD1 1 
ATOM   420  N N   . PHE A 1 79  ? 0.081   -9.692  -1.227  1.00 27.79 ? 72  PHE A N   1 
ATOM   421  C CA  . PHE A 1 79  ? -0.602  -9.679  -2.501  1.00 30.14 ? 72  PHE A CA  1 
ATOM   422  C C   . PHE A 1 79  ? -2.057  -10.190 -2.428  1.00 30.51 ? 72  PHE A C   1 
ATOM   423  O O   . PHE A 1 79  ? -2.920  -9.737  -3.220  1.00 32.26 ? 72  PHE A O   1 
ATOM   424  C CB  A PHE A 1 79  ? 0.224   -10.389 -3.574  0.50 30.23 ? 72  PHE A CB  1 
ATOM   425  C CB  B PHE A 1 79  ? 0.238   -10.382 -3.566  0.50 30.41 ? 72  PHE A CB  1 
ATOM   426  C CG  A PHE A 1 79  ? 1.524   -9.682  -3.938  0.50 30.28 ? 72  PHE A CG  1 
ATOM   427  C CG  B PHE A 1 79  ? 1.248   -9.480  -4.124  0.50 30.61 ? 72  PHE A CG  1 
ATOM   428  C CD1 A PHE A 1 79  ? 1.853   -8.402  -3.450  0.50 32.11 ? 72  PHE A CD1 1 
ATOM   429  C CD1 B PHE A 1 79  ? 0.972   -8.759  -5.261  0.50 33.42 ? 72  PHE A CD1 1 
ATOM   430  C CD2 A PHE A 1 79  ? 2.421   -10.318 -4.763  0.50 31.14 ? 72  PHE A CD2 1 
ATOM   431  C CD2 B PHE A 1 79  ? 2.392   -9.177  -3.396  0.50 29.71 ? 72  PHE A CD2 1 
ATOM   432  C CE1 A PHE A 1 79  ? 3.038   -7.799  -3.830  0.50 30.95 ? 72  PHE A CE1 1 
ATOM   433  C CE1 B PHE A 1 79  ? 1.868   -7.824  -5.719  0.50 33.43 ? 72  PHE A CE1 1 
ATOM   434  C CE2 A PHE A 1 79  ? 3.577   -9.748  -5.130  0.50 31.36 ? 72  PHE A CE2 1 
ATOM   435  C CE2 B PHE A 1 79  ? 3.277   -8.255  -3.852  0.50 32.15 ? 72  PHE A CE2 1 
ATOM   436  C CZ  A PHE A 1 79  ? 3.913   -8.487  -4.688  0.50 30.71 ? 72  PHE A CZ  1 
ATOM   437  C CZ  B PHE A 1 79  ? 3.020   -7.572  -5.015  0.50 32.14 ? 72  PHE A CZ  1 
ATOM   438  N N   . ALA A 1 80  ? -2.322  -11.067 -1.472  1.00 31.32 ? 73  ALA A N   1 
ATOM   439  C CA  . ALA A 1 80  ? -3.732  -11.412 -1.116  1.00 31.58 ? 73  ALA A CA  1 
ATOM   440  C C   . ALA A 1 80  ? -4.489  -10.185 -0.590  1.00 31.64 ? 73  ALA A C   1 
ATOM   441  O O   . ALA A 1 80  ? -5.634  -9.920  -0.984  1.00 32.17 ? 73  ALA A O   1 
ATOM   442  C CB  . ALA A 1 80  ? -3.763  -12.468 -0.075  1.00 30.96 ? 73  ALA A CB  1 
ATOM   443  N N   . GLN A 1 81  ? -3.843  -9.425  0.281   1.00 31.14 ? 74  GLN A N   1 
ATOM   444  C CA  . GLN A 1 81  ? -4.435  -8.145  0.743   1.00 31.14 ? 74  GLN A CA  1 
ATOM   445  C C   . GLN A 1 81  ? -4.722  -7.264  -0.411  1.00 30.25 ? 74  GLN A C   1 
ATOM   446  O O   . GLN A 1 81  ? -5.827  -6.698  -0.518  1.00 31.33 ? 74  GLN A O   1 
ATOM   447  C CB  . GLN A 1 81  ? -3.522  -7.443  1.766   1.00 30.64 ? 74  GLN A CB  1 
ATOM   448  C CG  . GLN A 1 81  ? -4.037  -6.164  2.431   1.00 30.46 ? 74  GLN A CG  1 
ATOM   449  C CD  . GLN A 1 81  ? -5.147  -6.383  3.461   1.00 34.25 ? 74  GLN A CD  1 
ATOM   450  O OE1 . GLN A 1 81  ? -5.783  -7.466  3.497   1.00 33.96 ? 74  GLN A OE1 1 
ATOM   451  N NE2 . GLN A 1 81  ? -5.288  -5.440  4.390   1.00 27.98 ? 74  GLN A NE2 1 
ATOM   452  N N   . PHE A 1 82  ? -3.713  -6.996  -1.227  1.00 30.13 ? 75  PHE A N   1 
ATOM   453  C CA  . PHE A 1 82  ? -3.911  -6.184  -2.429  1.00 32.20 ? 75  PHE A CA  1 
ATOM   454  C C   . PHE A 1 82  ? -5.057  -6.718  -3.326  1.00 34.36 ? 75  PHE A C   1 
ATOM   455  O O   . PHE A 1 82  ? -5.891  -5.944  -3.838  1.00 34.44 ? 75  PHE A O   1 
ATOM   456  C CB  . PHE A 1 82  ? -2.632  -6.031  -3.241  1.00 31.67 ? 75  PHE A CB  1 
ATOM   457  C CG  . PHE A 1 82  ? -1.485  -5.295  -2.514  1.00 30.72 ? 75  PHE A CG  1 
ATOM   458  C CD1 . PHE A 1 82  ? -1.698  -4.576  -1.341  1.00 31.82 ? 75  PHE A CD1 1 
ATOM   459  C CD2 . PHE A 1 82  ? -0.190  -5.259  -3.109  1.00 29.65 ? 75  PHE A CD2 1 
ATOM   460  C CE1 . PHE A 1 82  ? -0.637  -3.904  -0.686  1.00 29.56 ? 75  PHE A CE1 1 
ATOM   461  C CE2 . PHE A 1 82  ? 0.827   -4.619  -2.489  1.00 27.84 ? 75  PHE A CE2 1 
ATOM   462  C CZ  . PHE A 1 82  ? 0.630   -3.907  -1.272  1.00 30.20 ? 75  PHE A CZ  1 
ATOM   463  N N   . GLY A 1 83  ? -5.118  -8.038  -3.472  1.00 35.78 ? 76  GLY A N   1 
ATOM   464  C CA  . GLY A 1 83  ? -6.195  -8.665  -4.225  1.00 36.35 ? 76  GLY A CA  1 
ATOM   465  C C   . GLY A 1 83  ? -7.561  -8.392  -3.621  1.00 37.19 ? 76  GLY A C   1 
ATOM   466  O O   . GLY A 1 83  ? -8.544  -8.259  -4.381  1.00 40.60 ? 76  GLY A O   1 
ATOM   467  N N   . ARG A 1 84  ? -7.651  -8.277  -2.300  1.00 37.65 ? 77  ARG A N   1 
ATOM   468  C CA  . ARG A 1 84  ? -8.926  -7.918  -1.652  1.00 38.23 ? 77  ARG A CA  1 
ATOM   469  C C   . ARG A 1 84  ? -9.262  -6.448  -1.881  1.00 37.66 ? 77  ARG A C   1 
ATOM   470  O O   . ARG A 1 84  ? -10.430 -6.086  -2.083  1.00 37.97 ? 77  ARG A O   1 
ATOM   471  C CB  . ARG A 1 84  ? -8.926  -8.226  -0.158  1.00 37.84 ? 77  ARG A CB  1 
ATOM   472  C CG  . ARG A 1 84  ? -8.944  -9.716  0.180   1.00 40.85 ? 77  ARG A CG  1 
ATOM   473  C CD  . ARG A 1 84  ? -9.157  -9.993  1.610   1.00 43.28 ? 77  ARG A CD  1 
ATOM   474  N NE  . ARG A 1 84  ? -7.943  -9.771  2.375   1.00 47.95 ? 77  ARG A NE  1 
ATOM   475  C CZ  . ARG A 1 84  ? -6.929  -10.649 2.514   1.00 48.40 ? 77  ARG A CZ  1 
ATOM   476  N NH1 . ARG A 1 84  ? -6.979  -11.881 1.967   1.00 48.89 ? 77  ARG A NH1 1 
ATOM   477  N NH2 . ARG A 1 84  ? -5.855  -10.291 3.206   1.00 41.77 ? 77  ARG A NH2 1 
ATOM   478  N N   . TYR A 1 85  ? -8.252  -5.577  -1.821  1.00 36.55 ? 78  TYR A N   1 
ATOM   479  C CA  . TYR A 1 85  ? -8.460  -4.168  -2.120  1.00 36.07 ? 78  TYR A CA  1 
ATOM   480  C C   . TYR A 1 85  ? -9.162  -3.981  -3.474  1.00 37.45 ? 78  TYR A C   1 
ATOM   481  O O   . TYR A 1 85  ? -10.149 -3.276  -3.573  1.00 37.16 ? 78  TYR A O   1 
ATOM   482  C CB  . TYR A 1 85  ? -7.129  -3.369  -2.095  1.00 33.62 ? 78  TYR A CB  1 
ATOM   483  C CG  . TYR A 1 85  ? -6.501  -3.157  -0.740  1.00 29.26 ? 78  TYR A CG  1 
ATOM   484  C CD1 . TYR A 1 85  ? -7.136  -3.491  0.446   1.00 27.92 ? 78  TYR A CD1 1 
ATOM   485  C CD2 . TYR A 1 85  ? -5.236  -2.609  -0.648  1.00 31.05 ? 78  TYR A CD2 1 
ATOM   486  C CE1 . TYR A 1 85  ? -6.533  -3.234  1.707   1.00 30.97 ? 78  TYR A CE1 1 
ATOM   487  C CE2 . TYR A 1 85  ? -4.637  -2.406  0.555   1.00 29.89 ? 78  TYR A CE2 1 
ATOM   488  C CZ  . TYR A 1 85  ? -5.282  -2.698  1.735   1.00 29.75 ? 78  TYR A CZ  1 
ATOM   489  O OH  . TYR A 1 85  ? -4.667  -2.465  2.946   1.00 28.59 ? 78  TYR A OH  1 
ATOM   490  N N   . GLY A 1 86  ? -8.615  -4.563  -4.515  1.00 38.44 ? 79  GLY A N   1 
ATOM   491  C CA  . GLY A 1 86  ? -9.204  -4.477  -5.847  1.00 40.05 ? 79  GLY A CA  1 
ATOM   492  C C   . GLY A 1 86  ? -10.430 -5.358  -6.005  1.00 41.86 ? 79  GLY A C   1 
ATOM   493  O O   . GLY A 1 86  ? -11.460 -4.891  -6.504  1.00 42.16 ? 79  GLY A O   1 
ATOM   494  N N   . GLY A 1 87  ? -10.325 -6.601  -5.537  1.00 42.80 ? 80  GLY A N   1 
ATOM   495  C CA  . GLY A 1 87  ? -11.404 -7.601  -5.669  1.00 43.71 ? 80  GLY A CA  1 
ATOM   496  C C   . GLY A 1 87  ? -12.726 -7.164  -5.088  1.00 44.65 ? 80  GLY A C   1 
ATOM   497  O O   . GLY A 1 87  ? -13.771 -7.242  -5.755  1.00 45.72 ? 80  GLY A O   1 
ATOM   498  N N   . GLU A 1 88  ? -12.669 -6.654  -3.867  1.00 44.53 ? 81  GLU A N   1 
ATOM   499  C CA  . GLU A 1 88  ? -13.846 -6.283  -3.109  1.00 44.77 ? 81  GLU A CA  1 
ATOM   500  C C   . GLU A 1 88  ? -14.454 -4.927  -3.455  1.00 44.38 ? 81  GLU A C   1 
ATOM   501  O O   . GLU A 1 88  ? -15.451 -4.544  -2.850  1.00 45.01 ? 81  GLU A O   1 
ATOM   502  C CB  . GLU A 1 88  ? -13.545 -6.335  -1.623  1.00 44.31 ? 81  GLU A CB  1 
ATOM   503  C CG  . GLU A 1 88  ? -13.212 -7.732  -1.170  1.00 47.06 ? 81  GLU A CG  1 
ATOM   504  C CD  . GLU A 1 88  ? -13.168 -7.864  0.324   1.00 47.78 ? 81  GLU A CD  1 
ATOM   505  O OE1 . GLU A 1 88  ? -13.754 -7.017  1.033   1.00 56.37 ? 81  GLU A OE1 1 
ATOM   506  O OE2 . GLU A 1 88  ? -12.527 -8.824  0.798   1.00 55.23 ? 81  GLU A OE2 1 
ATOM   507  N N   . THR A 1 89  ? -13.875 -4.220  -4.416  1.00 43.00 ? 82  THR A N   1 
ATOM   508  C CA  . THR A 1 89  ? -14.390 -2.912  -4.832  1.00 43.00 ? 82  THR A CA  1 
ATOM   509  C C   . THR A 1 89  ? -14.624 -2.876  -6.336  1.00 43.38 ? 82  THR A C   1 
ATOM   510  O O   . THR A 1 89  ? -14.689 -1.810  -6.930  1.00 44.96 ? 82  THR A O   1 
ATOM   511  C CB  . THR A 1 89  ? -13.394 -1.782  -4.437  1.00 41.75 ? 82  THR A CB  1 
ATOM   512  O OG1 . THR A 1 89  ? -12.180 -1.933  -5.176  1.00 37.72 ? 82  THR A OG1 1 
ATOM   513  C CG2 . THR A 1 89  ? -12.995 -1.893  -2.984  1.00 38.45 ? 82  THR A CG2 1 
ATOM   514  N N   . GLY A 1 90  ? -14.748 -4.050  -6.955  1.00 45.19 ? 83  GLY A N   1 
ATOM   515  C CA  . GLY A 1 90  ? -14.982 -4.162  -8.399  1.00 44.43 ? 83  GLY A CA  1 
ATOM   516  C C   . GLY A 1 90  ? -13.906 -3.463  -9.161  1.00 44.55 ? 83  GLY A C   1 
ATOM   517  O O   . GLY A 1 90  ? -14.153 -2.874  -10.226 1.00 44.60 ? 83  GLY A O   1 
ATOM   518  N N   . GLY A 1 91  ? -12.684 -3.524  -8.610  1.00 43.03 ? 84  GLY A N   1 
ATOM   519  C CA  . GLY A 1 91  ? -11.555 -2.881  -9.225  1.00 41.73 ? 84  GLY A CA  1 
ATOM   520  C C   . GLY A 1 91  ? -11.529 -1.366  -9.232  1.00 40.09 ? 84  GLY A C   1 
ATOM   521  O O   . GLY A 1 91  ? -10.753 -0.785  -9.967  1.00 40.87 ? 84  GLY A O   1 
ATOM   522  N N   . THR A 1 92  ? -12.343 -0.728  -8.408  1.00 40.55 ? 85  THR A N   1 
ATOM   523  C CA  . THR A 1 92  ? -12.355 0.744   -8.315  1.00 39.43 ? 85  THR A CA  1 
ATOM   524  C C   . THR A 1 92  ? -11.260 1.313   -7.363  1.00 38.78 ? 85  THR A C   1 
ATOM   525  O O   . THR A 1 92  ? -10.927 2.467   -7.433  1.00 37.63 ? 85  THR A O   1 
ATOM   526  C CB  . THR A 1 92  ? -13.702 1.267   -7.830  1.00 39.37 ? 85  THR A CB  1 
ATOM   527  O OG1 . THR A 1 92  ? -14.046 0.719   -6.552  1.00 38.20 ? 85  THR A OG1 1 
ATOM   528  C CG2 . THR A 1 92  ? -14.882 0.867   -8.789  1.00 41.37 ? 85  THR A CG2 1 
ATOM   529  N N   . PHE A 1 93  ? -10.789 0.503   -6.442  1.00 37.57 ? 86  PHE A N   1 
ATOM   530  C CA  . PHE A 1 93  ? -9.791  0.950   -5.474  1.00 37.00 ? 86  PHE A CA  1 
ATOM   531  C C   . PHE A 1 93  ? -8.568  1.518   -6.198  1.00 36.76 ? 86  PHE A C   1 
ATOM   532  O O   . PHE A 1 93  ? -7.981  0.872   -7.053  1.00 35.69 ? 86  PHE A O   1 
ATOM   533  C CB  . PHE A 1 93  ? -9.385  -0.214  -4.594  1.00 36.64 ? 86  PHE A CB  1 
ATOM   534  C CG  . PHE A 1 93  ? -8.590  0.156   -3.389  1.00 36.32 ? 86  PHE A CG  1 
ATOM   535  C CD1 . PHE A 1 93  ? -9.199  0.283   -2.180  1.00 33.59 ? 86  PHE A CD1 1 
ATOM   536  C CD2 . PHE A 1 93  ? -7.222  0.323   -3.475  1.00 35.62 ? 86  PHE A CD2 1 
ATOM   537  C CE1 . PHE A 1 93  ? -8.483  0.598   -1.044  1.00 35.93 ? 86  PHE A CE1 1 
ATOM   538  C CE2 . PHE A 1 93  ? -6.485  0.665   -2.362  1.00 31.94 ? 86  PHE A CE2 1 
ATOM   539  C CZ  . PHE A 1 93  ? -7.110  0.773   -1.128  1.00 33.56 ? 86  PHE A CZ  1 
ATOM   540  N N   . LYS A 1 94  ? -8.197  2.731   -5.790  1.00 36.51 ? 87  LYS A N   1 
ATOM   541  C CA  . LYS A 1 94  ? -7.030  3.460   -6.290  1.00 37.00 ? 87  LYS A CA  1 
ATOM   542  C C   . LYS A 1 94  ? -6.235  4.071   -5.169  1.00 35.47 ? 87  LYS A C   1 
ATOM   543  O O   . LYS A 1 94  ? -6.771  4.498   -4.147  1.00 36.15 ? 87  LYS A O   1 
ATOM   544  C CB  . LYS A 1 94  ? -7.443  4.627   -7.174  1.00 37.52 ? 87  LYS A CB  1 
ATOM   545  C CG  . LYS A 1 94  ? -8.193  4.224   -8.404  1.00 44.38 ? 87  LYS A CG  1 
ATOM   546  C CD  . LYS A 1 94  ? -7.253  3.501   -9.403  1.00 52.29 ? 87  LYS A CD  1 
ATOM   547  C CE  . LYS A 1 94  ? -7.576  2.013   -9.642  1.00 54.91 ? 87  LYS A CE  1 
ATOM   548  N NZ  . LYS A 1 94  ? -8.852  1.796   -10.414 1.00 55.29 ? 87  LYS A NZ  1 
ATOM   549  N N   . ALA A 1 95  ? -4.935  4.149   -5.400  1.00 35.13 ? 88  ALA A N   1 
ATOM   550  C CA  . ALA A 1 95  ? -4.030  4.917   -4.543  1.00 35.06 ? 88  ALA A CA  1 
ATOM   551  C C   . ALA A 1 95  ? -3.439  6.069   -5.315  1.00 35.73 ? 88  ALA A C   1 
ATOM   552  O O   . ALA A 1 95  ? -2.480  5.881   -6.056  1.00 38.39 ? 88  ALA A O   1 
ATOM   553  C CB  . ALA A 1 95  ? -2.898  4.028   -4.020  1.00 34.71 ? 88  ALA A CB  1 
ATOM   554  N N   . VAL A 1 96  ? -3.983  7.266   -5.120  1.00 35.29 ? 89  VAL A N   1 
ATOM   555  C CA  . VAL A 1 96  ? -3.504  8.464   -5.818  1.00 33.67 ? 89  VAL A CA  1 
ATOM   556  C C   . VAL A 1 96  ? -2.309  9.050   -5.095  1.00 31.33 ? 89  VAL A C   1 
ATOM   557  O O   . VAL A 1 96  ? -2.457  9.633   -4.040  1.00 30.22 ? 89  VAL A O   1 
ATOM   558  C CB  . VAL A 1 96  ? -4.630  9.515   -5.918  1.00 35.95 ? 89  VAL A CB  1 
ATOM   559  C CG1 . VAL A 1 96  ? -4.112  10.743  -6.620  1.00 37.17 ? 89  VAL A CG1 1 
ATOM   560  C CG2 . VAL A 1 96  ? -5.787  8.886   -6.705  1.00 39.92 ? 89  VAL A CG2 1 
ATOM   561  N N   . LEU A 1 97  ? -1.140  8.899   -5.667  1.00 28.93 ? 90  LEU A N   1 
ATOM   562  C CA  . LEU A 1 97  ? 0.087   9.312   -5.001  1.00 28.02 ? 90  LEU A CA  1 
ATOM   563  C C   . LEU A 1 97  ? 0.276   10.823  -5.048  1.00 27.81 ? 90  LEU A C   1 
ATOM   564  O O   . LEU A 1 97  ? 0.222   11.435  -6.131  1.00 27.46 ? 90  LEU A O   1 
ATOM   565  C CB  . LEU A 1 97  ? 1.271   8.592   -5.662  1.00 26.91 ? 90  LEU A CB  1 
ATOM   566  C CG  . LEU A 1 97  ? 2.609   8.840   -5.055  1.00 27.86 ? 90  LEU A CG  1 
ATOM   567  C CD1 . LEU A 1 97  ? 2.717   8.405   -3.525  1.00 28.72 ? 90  LEU A CD1 1 
ATOM   568  C CD2 . LEU A 1 97  ? 3.705   8.169   -5.876  1.00 29.36 ? 90  LEU A CD2 1 
ATOM   569  N N   . LEU A 1 98  ? 0.490   11.419  -3.897  1.00 26.94 ? 91  LEU A N   1 
ATOM   570  C CA  . LEU A 1 98  ? 0.609   12.834  -3.792  1.00 29.58 ? 91  LEU A CA  1 
ATOM   571  C C   . LEU A 1 98  ? 2.049   13.288  -3.568  1.00 28.41 ? 91  LEU A C   1 
ATOM   572  O O   . LEU A 1 98  ? 2.499   14.214  -4.188  1.00 27.92 ? 91  LEU A O   1 
ATOM   573  C CB  . LEU A 1 98  ? -0.267  13.310  -2.635  1.00 29.43 ? 91  LEU A CB  1 
ATOM   574  C CG  . LEU A 1 98  ? -1.760  13.132  -2.819  1.00 32.70 ? 91  LEU A CG  1 
ATOM   575  C CD1 . LEU A 1 98  ? -2.488  13.558  -1.514  1.00 36.24 ? 91  LEU A CD1 1 
ATOM   576  C CD2 . LEU A 1 98  ? -2.328  13.907  -4.002  1.00 36.51 ? 91  LEU A CD2 1 
ATOM   577  N N   . HIS A 1 99  ? 2.773   12.630  -2.653  1.00 28.61 ? 92  HIS A N   1 
ATOM   578  C CA  . HIS A 1 99  ? 4.137   12.969  -2.351  1.00 27.84 ? 92  HIS A CA  1 
ATOM   579  C C   . HIS A 1 99  ? 4.957   11.761  -1.935  1.00 26.02 ? 92  HIS A C   1 
ATOM   580  O O   . HIS A 1 99  ? 4.425   10.767  -1.418  1.00 26.91 ? 92  HIS A O   1 
ATOM   581  C CB  . HIS A 1 99  ? 4.259   14.004  -1.235  1.00 29.47 ? 92  HIS A CB  1 
ATOM   582  C CG  . HIS A 1 99  ? 3.324   15.168  -1.378  1.00 32.07 ? 92  HIS A CG  1 
ATOM   583  N ND1 . HIS A 1 99  ? 3.622   16.238  -2.170  1.00 33.86 ? 92  HIS A ND1 1 
ATOM   584  C CD2 . HIS A 1 99  ? 2.087   15.408  -0.854  1.00 34.70 ? 92  HIS A CD2 1 
ATOM   585  C CE1 . HIS A 1 99  ? 2.609   17.101  -2.134  1.00 37.52 ? 92  HIS A CE1 1 
ATOM   586  N NE2 . HIS A 1 99  ? 1.680   16.626  -1.326  1.00 33.93 ? 92  HIS A NE2 1 
ATOM   587  N N   . VAL A 1 100 ? 6.246   11.833  -2.234  1.00 25.47 ? 93  VAL A N   1 
ATOM   588  C CA  . VAL A 1 100 ? 7.202   10.795  -1.840  1.00 26.35 ? 93  VAL A CA  1 
ATOM   589  C C   . VAL A 1 100 ? 8.341   11.450  -1.036  1.00 27.51 ? 93  VAL A C   1 
ATOM   590  O O   . VAL A 1 100 ? 8.997   12.378  -1.494  1.00 27.83 ? 93  VAL A O   1 
ATOM   591  C CB  . VAL A 1 100 ? 7.767   10.003  -3.013  1.00 26.39 ? 93  VAL A CB  1 
ATOM   592  C CG1 . VAL A 1 100 ? 8.795   9.021   -2.527  1.00 28.21 ? 93  VAL A CG1 1 
ATOM   593  C CG2 . VAL A 1 100 ? 6.714   9.340   -3.780  1.00 28.03 ? 93  VAL A CG2 1 
ATOM   594  N N   . LEU A 1 101 ? 8.539   10.970  0.181   1.00 24.89 ? 94  LEU A N   1 
ATOM   595  C CA  . LEU A 1 101 ? 9.576   11.422  1.062   1.00 26.97 ? 94  LEU A CA  1 
ATOM   596  C C   . LEU A 1 101 ? 10.602  10.312  1.380   1.00 26.96 ? 94  LEU A C   1 
ATOM   597  O O   . LEU A 1 101 ? 10.259  9.106   1.351   1.00 26.11 ? 94  LEU A O   1 
ATOM   598  C CB  . LEU A 1 101 ? 9.016   12.034  2.310   1.00 25.85 ? 94  LEU A CB  1 
ATOM   599  C CG  . LEU A 1 101 ? 8.147   13.309  2.240   1.00 27.32 ? 94  LEU A CG  1 
ATOM   600  C CD1 . LEU A 1 101 ? 6.764   12.896  1.755   1.00 32.37 ? 94  LEU A CD1 1 
ATOM   601  C CD2 . LEU A 1 101 ? 8.059   14.016  3.613   1.00 27.60 ? 94  LEU A CD2 1 
ATOM   602  N N   . LYS A 1 102 ? 11.836  10.720  1.702   1.00 26.68 ? 95  LYS A N   1 
ATOM   603  C CA  . LYS A 1 102 ? 12.980  9.811   1.897   1.00 29.26 ? 95  LYS A CA  1 
ATOM   604  C C   . LYS A 1 102 ? 13.731  10.183  3.115   1.00 29.08 ? 95  LYS A C   1 
ATOM   605  O O   . LYS A 1 102 ? 13.965  11.385  3.397   1.00 29.28 ? 95  LYS A O   1 
ATOM   606  C CB  . LYS A 1 102 ? 14.058  9.978   0.756   1.00 31.39 ? 95  LYS A CB  1 
ATOM   607  C CG  . LYS A 1 102 ? 13.611  9.710   -0.579  1.00 34.94 ? 95  LYS A CG  1 
ATOM   608  C CD  . LYS A 1 102 ? 14.678  10.185  -1.630  1.00 33.49 ? 95  LYS A CD  1 
ATOM   609  C CE  . LYS A 1 102 ? 14.541  11.673  -1.996  1.00 41.43 ? 95  LYS A CE  1 
ATOM   610  N NZ  . LYS A 1 102 ? 15.604  12.033  -2.976  1.00 36.85 ? 95  LYS A NZ  1 
ATOM   611  N N   . SER A 1 103 ? 14.264  9.186   3.798   1.00 29.39 ? 96  SER A N   1 
ATOM   612  C CA  . SER A 1 103 ? 15.267  9.453   4.783   1.00 32.22 ? 96  SER A CA  1 
ATOM   613  C C   . SER A 1 103 ? 16.608  9.201   4.103   1.00 34.52 ? 96  SER A C   1 
ATOM   614  O O   . SER A 1 103 ? 16.720  8.500   3.072   1.00 33.67 ? 96  SER A O   1 
ATOM   615  C CB  . SER A 1 103 ? 15.132  8.579   6.029   1.00 31.86 ? 96  SER A CB  1 
ATOM   616  O OG  . SER A 1 103 ? 15.295  7.216   5.693   1.00 36.13 ? 96  SER A OG  1 
ATOM   617  N N   . ASP A 1 104 ? 17.637  9.714   4.740   1.00 37.09 ? 97  ASP A N   1 
ATOM   618  C CA  . ASP A 1 104 ? 18.956  9.644   4.160   1.00 40.18 ? 97  ASP A CA  1 
ATOM   619  C C   . ASP A 1 104 ? 19.299  8.183   4.090   1.00 41.37 ? 97  ASP A C   1 
ATOM   620  O O   . ASP A 1 104 ? 19.979  7.781   3.139   1.00 42.05 ? 97  ASP A O   1 
ATOM   621  C CB  . ASP A 1 104 ? 20.013  10.444  4.989   1.00 39.31 ? 97  ASP A CB  1 
ATOM   622  C CG  . ASP A 1 104 ? 19.723  11.992  4.997   1.00 41.84 ? 97  ASP A CG  1 
ATOM   623  O OD1 . ASP A 1 104 ? 19.125  12.545  3.996   1.00 40.34 ? 97  ASP A OD1 1 
ATOM   624  O OD2 . ASP A 1 104 ? 20.078  12.746  5.941   1.00 38.46 ? 97  ASP A OD2 1 
ATOM   625  N N   . ASP A 1 105 ? 18.819  7.398   5.077   1.00 41.73 ? 98  ASP A N   1 
ATOM   626  C CA  . ASP A 1 105 ? 19.051  5.948   5.142   1.00 43.04 ? 98  ASP A CA  1 
ATOM   627  C C   . ASP A 1 105 ? 18.148  5.009   4.244   1.00 42.26 ? 98  ASP A C   1 
ATOM   628  O O   . ASP A 1 105 ? 18.229  3.784   4.371   1.00 43.24 ? 98  ASP A O   1 
ATOM   629  C CB  . ASP A 1 105 ? 19.034  5.462   6.608   1.00 43.53 ? 98  ASP A CB  1 
ATOM   630  C CG  . ASP A 1 105 ? 17.638  5.500   7.250   1.00 50.17 ? 98  ASP A CG  1 
ATOM   631  O OD1 . ASP A 1 105 ? 16.572  5.663   6.601   1.00 56.62 ? 98  ASP A OD1 1 
ATOM   632  O OD2 . ASP A 1 105 ? 17.528  5.386   8.490   1.00 51.31 ? 98  ASP A OD2 1 
ATOM   633  N N   . GLY A 1 106 ? 17.368  5.580   3.329   1.00 38.92 ? 99  GLY A N   1 
ATOM   634  C CA  . GLY A 1 106 ? 16.594  4.810   2.367   1.00 37.62 ? 99  GLY A CA  1 
ATOM   635  C C   . GLY A 1 106 ? 15.162  4.370   2.746   1.00 35.02 ? 99  GLY A C   1 
ATOM   636  O O   . GLY A 1 106 ? 14.521  3.696   1.940   1.00 31.49 ? 99  GLY A O   1 
ATOM   637  N N   . ARG A 1 107 ? 14.696  4.700   3.965   1.00 31.94 ? 100 ARG A N   1 
ATOM   638  C CA  . ARG A 1 107 ? 13.257  4.605   4.287   1.00 31.31 ? 100 ARG A CA  1 
ATOM   639  C C   . ARG A 1 107 ? 12.547  5.550   3.347   1.00 28.16 ? 100 ARG A C   1 
ATOM   640  O O   . ARG A 1 107 ? 13.074  6.640   3.035   1.00 25.32 ? 100 ARG A O   1 
ATOM   641  C CB  . ARG A 1 107 ? 12.976  5.079   5.696   1.00 32.00 ? 100 ARG A CB  1 
ATOM   642  C CG  . ARG A 1 107 ? 12.185  4.203   6.588   1.00 37.75 ? 100 ARG A CG  1 
ATOM   643  C CD  . ARG A 1 107 ? 12.502  4.386   8.153   1.00 37.51 ? 100 ARG A CD  1 
ATOM   644  N NE  . ARG A 1 107 ? 12.554  3.132   8.936   1.00 43.38 ? 100 ARG A NE  1 
ATOM   645  C CZ  . ARG A 1 107 ? 13.658  2.544   9.384   1.00 45.67 ? 100 ARG A CZ  1 
ATOM   646  N NH1 . ARG A 1 107 ? 14.866  3.063   9.174   1.00 46.77 ? 100 ARG A NH1 1 
ATOM   647  N NH2 . ARG A 1 107 ? 13.559  1.441   10.089  1.00 48.83 ? 100 ARG A NH2 1 
ATOM   648  N N   . VAL A 1 108 ? 11.311  5.212   2.976   1.00 24.68 ? 101 VAL A N   1 
ATOM   649  C CA  . VAL A 1 108 ? 10.517  6.050   2.070   1.00 24.68 ? 101 VAL A CA  1 
ATOM   650  C C   . VAL A 1 108 ? 9.106   6.118   2.626   1.00 24.08 ? 101 VAL A C   1 
ATOM   651  O O   . VAL A 1 108 ? 8.623   5.110   3.164   1.00 23.57 ? 101 VAL A O   1 
ATOM   652  C CB  . VAL A 1 108 ? 10.470  5.466   0.671   1.00 25.55 ? 101 VAL A CB  1 
ATOM   653  C CG1 . VAL A 1 108 ? 9.601   6.279   -0.307  1.00 23.26 ? 101 VAL A CG1 1 
ATOM   654  C CG2 . VAL A 1 108 ? 11.891  5.345   0.064   1.00 26.78 ? 101 VAL A CG2 1 
ATOM   655  N N   . ILE A 1 109 ? 8.481   7.277   2.535   1.00 22.80 ? 102 ILE A N   1 
ATOM   656  C CA  . ILE A 1 109 ? 7.024   7.362   2.719   1.00 24.09 ? 102 ILE A CA  1 
ATOM   657  C C   . ILE A 1 109 ? 6.360   7.807   1.422   1.00 24.81 ? 102 ILE A C   1 
ATOM   658  O O   . ILE A 1 109 ? 6.809   8.764   0.751   1.00 24.42 ? 102 ILE A O   1 
ATOM   659  C CB  . ILE A 1 109 ? 6.673   8.308   3.867   1.00 23.69 ? 102 ILE A CB  1 
ATOM   660  C CG1 . ILE A 1 109 ? 7.015   7.631   5.182   1.00 22.61 ? 102 ILE A CG1 1 
ATOM   661  C CG2 . ILE A 1 109 ? 5.191   8.749   3.861   1.00 25.05 ? 102 ILE A CG2 1 
ATOM   662  C CD1 . ILE A 1 109 ? 6.962   8.590   6.418   1.00 24.43 ? 102 ILE A CD1 1 
ATOM   663  N N   . GLY A 1 110 ? 5.259   7.133   1.138   1.00 24.59 ? 103 GLY A N   1 
ATOM   664  C CA  . GLY A 1 110 ? 4.307   7.583   0.123   1.00 24.27 ? 103 GLY A CA  1 
ATOM   665  C C   . GLY A 1 110 ? 3.130   8.232   0.870   1.00 24.86 ? 103 GLY A C   1 
ATOM   666  O O   . GLY A 1 110 ? 2.590   7.642   1.789   1.00 25.05 ? 103 GLY A O   1 
ATOM   667  N N   . ILE A 1 111 ? 2.817   9.484   0.540   1.00 24.39 ? 104 ILE A N   1 
ATOM   668  C CA  . ILE A 1 111 ? 1.536   10.132  0.956   1.00 24.18 ? 104 ILE A CA  1 
ATOM   669  C C   . ILE A 1 111 ? 0.602   10.009  -0.209  1.00 24.38 ? 104 ILE A C   1 
ATOM   670  O O   . ILE A 1 111 ? 0.898   10.488  -1.322  1.00 25.74 ? 104 ILE A O   1 
ATOM   671  C CB  . ILE A 1 111 ? 1.704   11.632  1.303   1.00 24.71 ? 104 ILE A CB  1 
ATOM   672  C CG1 . ILE A 1 111 ? 2.853   11.880  2.281   1.00 24.53 ? 104 ILE A CG1 1 
ATOM   673  C CG2 . ILE A 1 111 ? 0.389   12.218  1.838   1.00 25.80 ? 104 ILE A CG2 1 
ATOM   674  C CD1 . ILE A 1 111 ? 3.065   13.332  2.685   1.00 24.57 ? 104 ILE A CD1 1 
ATOM   675  N N   . HIS A 1 112 ? -0.573  9.468   0.040   1.00 26.42 ? 105 HIS A N   1 
ATOM   676  C CA  . HIS A 1 112 ? -1.571  9.208   -0.997  1.00 26.86 ? 105 HIS A CA  1 
ATOM   677  C C   . HIS A 1 112 ? -3.012  9.377   -0.470  1.00 27.72 ? 105 HIS A C   1 
ATOM   678  O O   . HIS A 1 112 ? -3.245  9.544   0.731   1.00 28.52 ? 105 HIS A O   1 
ATOM   679  C CB  . HIS A 1 112 ? -1.390  7.876   -1.680  1.00 26.76 ? 105 HIS A CB  1 
ATOM   680  C CG  . HIS A 1 112 ? -1.814  6.688   -0.837  1.00 27.26 ? 105 HIS A CG  1 
ATOM   681  N ND1 . HIS A 1 112 ? -0.915  5.914   -0.121  1.00 28.48 ? 105 HIS A ND1 1 
ATOM   682  C CD2 . HIS A 1 112 ? -3.031  6.137   -0.624  1.00 30.48 ? 105 HIS A CD2 1 
ATOM   683  C CE1 . HIS A 1 112 ? -1.573  4.983   0.561   1.00 29.48 ? 105 HIS A CE1 1 
ATOM   684  N NE2 . HIS A 1 112 ? -2.861  5.075   0.248   1.00 29.53 ? 105 HIS A NE2 1 
ATOM   685  N N   . ARG A 1 113 ? -3.942  9.334   -1.411  1.00 29.75 ? 106 ARG A N   1 
ATOM   686  C CA  . ARG A 1 113 ? -5.376  9.208   -1.092  1.00 31.65 ? 106 ARG A CA  1 
ATOM   687  C C   . ARG A 1 113 ? -5.903  7.923   -1.728  1.00 31.21 ? 106 ARG A C   1 
ATOM   688  O O   . ARG A 1 113 ? -5.663  7.674   -2.916  1.00 32.38 ? 106 ARG A O   1 
ATOM   689  C CB  . ARG A 1 113 ? -6.121  10.422  -1.688  1.00 32.93 ? 106 ARG A CB  1 
ATOM   690  C CG  . ARG A 1 113 ? -5.828  11.713  -0.958  1.00 39.11 ? 106 ARG A CG  1 
ATOM   691  C CD  . ARG A 1 113 ? -6.961  12.724  -0.942  1.00 38.18 ? 106 ARG A CD  1 
ATOM   692  N NE  . ARG A 1 113 ? -8.093  12.327  -0.126  1.00 41.46 ? 106 ARG A NE  1 
ATOM   693  C CZ  . ARG A 1 113 ? -8.230  12.543  1.189   1.00 39.63 ? 106 ARG A CZ  1 
ATOM   694  N NH1 . ARG A 1 113 ? -7.269  13.091  1.929   1.00 40.89 ? 106 ARG A NH1 1 
ATOM   695  N NH2 . ARG A 1 113 ? -9.312  12.166  1.775   1.00 41.14 ? 106 ARG A NH2 1 
ATOM   696  N N   . ASN A 1 114 ? -6.620  7.116   -0.955  1.00 31.49 ? 107 ASN A N   1 
ATOM   697  C CA  . ASN A 1 114 ? -7.306  5.951   -1.452  1.00 31.27 ? 107 ASN A CA  1 
ATOM   698  C C   . ASN A 1 114 ? -8.771  6.315   -1.718  1.00 33.23 ? 107 ASN A C   1 
ATOM   699  O O   . ASN A 1 114 ? -9.424  6.937   -0.867  1.00 33.10 ? 107 ASN A O   1 
ATOM   700  C CB  . ASN A 1 114 ? -7.258  4.777   -0.462  1.00 30.58 ? 107 ASN A CB  1 
ATOM   701  C CG  . ASN A 1 114 ? -5.849  4.167   -0.326  1.00 28.87 ? 107 ASN A CG  1 
ATOM   702  O OD1 . ASN A 1 114 ? -5.366  3.936   0.780   1.00 31.03 ? 107 ASN A OD1 1 
ATOM   703  N ND2 . ASN A 1 114 ? -5.261  3.826   -1.420  1.00 30.91 ? 107 ASN A ND2 1 
ATOM   704  N N   . THR A 1 115 ? -9.202  5.990   -2.917  1.00 33.44 ? 108 THR A N   1 
ATOM   705  C CA  . THR A 1 115 ? -10.602 6.107   -3.302  1.00 35.90 ? 108 THR A CA  1 
ATOM   706  C C   . THR A 1 115 ? -11.105 4.778   -3.812  1.00 36.83 ? 108 THR A C   1 
ATOM   707  O O   . THR A 1 115 ? -10.348 3.948   -4.337  1.00 35.42 ? 108 THR A O   1 
ATOM   708  C CB  . THR A 1 115 ? -10.825 7.181   -4.324  1.00 36.18 ? 108 THR A CB  1 
ATOM   709  O OG1 . THR A 1 115 ? -10.110 6.914   -5.498  1.00 36.89 ? 108 THR A OG1 1 
ATOM   710  C CG2 . THR A 1 115 ? -10.290 8.566   -3.863  1.00 35.99 ? 108 THR A CG2 1 
ATOM   711  N N   . ALA A 1 116 ? -12.403 4.541   -3.638  1.00 38.81 ? 109 ALA A N   1 
ATOM   712  C CA  . ALA A 1 116 ? -12.974 3.265   -4.062  1.00 39.94 ? 109 ALA A CA  1 
ATOM   713  C C   . ALA A 1 116 ? -14.493 3.301   -3.836  1.00 41.80 ? 109 ALA A C   1 
ATOM   714  O O   . ALA A 1 116 ? -14.971 4.146   -3.099  1.00 40.70 ? 109 ALA A O   1 
ATOM   715  C CB  . ALA A 1 116 ? -12.409 2.151   -3.228  1.00 39.15 ? 109 ALA A CB  1 
ATOM   716  N N   . GLU A 1 117 ? -15.193 2.327   -4.429  1.00 44.33 ? 110 GLU A N   1 
ATOM   717  C CA  . GLU A 1 117 ? -16.616 2.108   -4.171  1.00 47.44 ? 110 GLU A CA  1 
ATOM   718  C C   . GLU A 1 117 ? -16.856 0.653   -3.832  1.00 48.04 ? 110 GLU A C   1 
ATOM   719  O O   . GLU A 1 117 ? -16.232 -0.252  -4.394  1.00 47.07 ? 110 GLU A O   1 
ATOM   720  C CB  . GLU A 1 117 ? -17.421 2.454   -5.418  1.00 47.88 ? 110 GLU A CB  1 
ATOM   721  C CG  . GLU A 1 117 ? -17.148 3.843   -5.953  1.00 50.77 ? 110 GLU A CG  1 
ATOM   722  C CD  . GLU A 1 117 ? -17.703 4.058   -7.358  1.00 53.42 ? 110 GLU A CD  1 
ATOM   723  O OE1 . GLU A 1 117 ? -17.691 5.252   -7.785  1.00 60.56 ? 110 GLU A OE1 1 
ATOM   724  O OE2 . GLU A 1 117 ? -18.147 3.061   -8.019  1.00 56.75 ? 110 GLU A OE2 1 
ATOM   725  N N   . ARG A 1 118 ? -17.789 0.440   -2.926  1.00 49.79 ? 111 ARG A N   1 
ATOM   726  C CA  . ARG A 1 118 ? -18.151 -0.904  -2.513  1.00 51.98 ? 111 ARG A CA  1 
ATOM   727  C C   . ARG A 1 118 ? -19.586 -0.901  -1.997  1.00 52.62 ? 111 ARG A C   1 
ATOM   728  O O   . ARG A 1 118 ? -19.879 -0.289  -0.957  1.00 54.47 ? 111 ARG A O   1 
ATOM   729  C CB  . ARG A 1 118 ? -17.225 -1.348  -1.404  1.00 52.02 ? 111 ARG A CB  1 
ATOM   730  C CG  . ARG A 1 118 ? -17.192 -2.792  -1.217  1.00 55.07 ? 111 ARG A CG  1 
ATOM   731  C CD  . ARG A 1 118 ? -16.210 -3.227  -0.157  1.00 55.20 ? 111 ARG A CD  1 
ATOM   732  N NE  . ARG A 1 118 ? -16.802 -2.983  1.143   1.00 57.82 ? 111 ARG A NE  1 
ATOM   733  C CZ  . ARG A 1 118 ? -17.178 -3.916  2.001   1.00 57.62 ? 111 ARG A CZ  1 
ATOM   734  N NH1 . ARG A 1 118 ? -17.000 -5.210  1.753   1.00 59.93 ? 111 ARG A NH1 1 
ATOM   735  N NH2 . ARG A 1 118 ? -17.700 -3.542  3.151   1.00 59.27 ? 111 ARG A NH2 1 
ATOM   736  N N   . GLY A 1 119 ? -20.469 -1.584  -2.714  1.00 53.61 ? 112 GLY A N   1 
ATOM   737  C CA  . GLY A 1 119 ? -21.875 -1.684  -2.302  1.00 53.23 ? 112 GLY A CA  1 
ATOM   738  C C   . GLY A 1 119 ? -22.485 -0.349  -1.924  1.00 53.07 ? 112 GLY A C   1 
ATOM   739  O O   . GLY A 1 119 ? -22.916 -0.159  -0.799  1.00 54.72 ? 112 GLY A O   1 
ATOM   740  N N   . GLY A 1 120 ? -22.483 0.601   -2.839  1.00 52.75 ? 113 GLY A N   1 
ATOM   741  C CA  . GLY A 1 120 ? -23.042 1.925   -2.524  1.00 52.26 ? 113 GLY A CA  1 
ATOM   742  C C   . GLY A 1 120 ? -22.306 2.809   -1.506  1.00 52.39 ? 113 GLY A C   1 
ATOM   743  O O   . GLY A 1 120 ? -22.770 3.935   -1.210  1.00 53.00 ? 113 GLY A O   1 
ATOM   744  N N   . LYS A 1 121 ? -21.170 2.356   -0.967  1.00 50.83 ? 114 LYS A N   1 
ATOM   745  C CA  . LYS A 1 121 ? -20.345 3.237   -0.134  1.00 49.47 ? 114 LYS A CA  1 
ATOM   746  C C   . LYS A 1 121 ? -19.151 3.711   -0.934  1.00 47.83 ? 114 LYS A C   1 
ATOM   747  O O   . LYS A 1 121 ? -18.717 3.021   -1.844  1.00 45.90 ? 114 LYS A O   1 
ATOM   748  C CB  . LYS A 1 121 ? -19.824 2.533   1.111   1.00 50.76 ? 114 LYS A CB  1 
ATOM   749  C CG  . LYS A 1 121 ? -20.840 1.670   1.838   1.00 51.05 ? 114 LYS A CG  1 
ATOM   750  C CD  . LYS A 1 121 ? -20.539 1.625   3.339   1.00 51.27 ? 114 LYS A CD  1 
ATOM   751  C CE  . LYS A 1 121 ? -20.001 0.300   3.809   1.00 51.86 ? 114 LYS A CE  1 
ATOM   752  N NZ  . LYS A 1 121 ? -20.214 0.190   5.305   1.00 53.26 ? 114 LYS A NZ  1 
ATOM   753  N N   . ARG A 1 122 ? -18.641 4.892   -0.571  1.00 46.55 ? 115 ARG A N   1 
ATOM   754  C CA  . ARG A 1 122 ? -17.519 5.500   -1.255  1.00 44.99 ? 115 ARG A CA  1 
ATOM   755  C C   . ARG A 1 122 ? -16.369 5.678   -0.240  1.00 42.58 ? 115 ARG A C   1 
ATOM   756  O O   . ARG A 1 122 ? -16.585 6.000   0.918   1.00 41.18 ? 115 ARG A O   1 
ATOM   757  C CB  . ARG A 1 122 ? -17.972 6.792   -1.931  1.00 47.10 ? 115 ARG A CB  1 
ATOM   758  C CG  . ARG A 1 122 ? -16.898 7.760   -2.472  1.00 50.40 ? 115 ARG A CG  1 
ATOM   759  C CD  . ARG A 1 122 ? -15.609 7.139   -3.092  1.00 58.40 ? 115 ARG A CD  1 
ATOM   760  N NE  . ARG A 1 122 ? -15.025 7.937   -4.191  1.00 59.21 ? 115 ARG A NE  1 
ATOM   761  C CZ  . ARG A 1 122 ? -14.713 7.456   -5.430  1.00 62.35 ? 115 ARG A CZ  1 
ATOM   762  N NH1 . ARG A 1 122 ? -14.819 6.162   -5.738  1.00 63.92 ? 115 ARG A NH1 1 
ATOM   763  N NH2 . ARG A 1 122 ? -14.224 8.272   -6.358  1.00 63.37 ? 115 ARG A NH2 1 
ATOM   764  N N   . LEU A 1 123 ? -15.156 5.350   -0.682  1.00 39.82 ? 116 LEU A N   1 
ATOM   765  C CA  . LEU A 1 123 ? -13.944 5.570   0.120   1.00 38.39 ? 116 LEU A CA  1 
ATOM   766  C C   . LEU A 1 123 ? -13.229 6.803   -0.345  1.00 34.65 ? 116 LEU A C   1 
ATOM   767  O O   . LEU A 1 123 ? -13.076 7.022   -1.526  1.00 33.47 ? 116 LEU A O   1 
ATOM   768  C CB  . LEU A 1 123 ? -12.999 4.381   -0.025  1.00 37.50 ? 116 LEU A CB  1 
ATOM   769  C CG  . LEU A 1 123 ? -11.744 4.470   0.844   1.00 37.01 ? 116 LEU A CG  1 
ATOM   770  C CD1 . LEU A 1 123 ? -12.087 4.547   2.317   1.00 35.93 ? 116 LEU A CD1 1 
ATOM   771  C CD2 . LEU A 1 123 ? -10.921 3.226   0.535   1.00 38.69 ? 116 LEU A CD2 1 
ATOM   772  N N   . ASP A 1 124 ? -12.755 7.589   0.589   1.00 35.68 ? 117 ASP A N   1 
ATOM   773  C CA  . ASP A 1 124 ? -11.887 8.742   0.257   1.00 35.96 ? 117 ASP A CA  1 
ATOM   774  C C   . ASP A 1 124 ? -11.145 9.123   1.506   1.00 35.26 ? 117 ASP A C   1 
ATOM   775  O O   . ASP A 1 124 ? -11.643 9.858   2.373   1.00 34.64 ? 117 ASP A O   1 
ATOM   776  C CB  . ASP A 1 124 ? -12.685 9.919   -0.261  1.00 36.67 ? 117 ASP A CB  1 
ATOM   777  C CG  . ASP A 1 124 ? -11.833 10.969  -0.949  1.00 38.49 ? 117 ASP A CG  1 
ATOM   778  O OD1 . ASP A 1 124 ? -10.587 11.077  -0.777  1.00 41.07 ? 117 ASP A OD1 1 
ATOM   779  O OD2 . ASP A 1 124 ? -12.373 11.758  -1.734  1.00 48.99 ? 117 ASP A OD2 1 
ATOM   780  N N   . VAL A 1 125 ? -9.924  8.581   1.630   1.00 32.62 ? 118 VAL A N   1 
ATOM   781  C CA  . VAL A 1 125 ? -9.168  8.752   2.859   1.00 31.09 ? 118 VAL A CA  1 
ATOM   782  C C   . VAL A 1 125 ? -7.694  9.026   2.538   1.00 28.88 ? 118 VAL A C   1 
ATOM   783  O O   . VAL A 1 125 ? -7.208  8.648   1.482   1.00 28.44 ? 118 VAL A O   1 
ATOM   784  C CB  . VAL A 1 125 ? -9.213  7.515   3.772   1.00 31.92 ? 118 VAL A CB  1 
ATOM   785  C CG1 . VAL A 1 125 ? -10.577 7.322   4.367   1.00 37.92 ? 118 VAL A CG1 1 
ATOM   786  C CG2 . VAL A 1 125 ? -8.710  6.291   3.076   1.00 30.77 ? 118 VAL A CG2 1 
ATOM   787  N N   . GLY A 1 126 ? -7.030  9.763   3.408   1.00 26.99 ? 119 GLY A N   1 
ATOM   788  C CA  . GLY A 1 126 ? -5.608  10.072  3.177   1.00 28.34 ? 119 GLY A CA  1 
ATOM   789  C C   . GLY A 1 126 ? -4.799  9.054   3.953   1.00 26.69 ? 119 GLY A C   1 
ATOM   790  O O   . GLY A 1 126 ? -5.207  8.579   5.020   1.00 25.80 ? 119 GLY A O   1 
ATOM   791  N N   . CYS A 1 127 ? -3.589  8.774   3.468   1.00 27.04 ? 120 CYS A N   1 
ATOM   792  C CA  . CYS A 1 127 ? -2.739  7.760   4.104   1.00 25.41 ? 120 CYS A CA  1 
ATOM   793  C C   . CYS A 1 127 ? -1.260  8.106   3.905   1.00 24.00 ? 120 CYS A C   1 
ATOM   794  O O   . CYS A 1 127 ? -0.916  8.659   2.861   1.00 23.34 ? 120 CYS A O   1 
ATOM   795  C CB  . CYS A 1 127 ? -3.056  6.398   3.454   1.00 25.87 ? 120 CYS A CB  1 
ATOM   796  S SG  . CYS A 1 127 ? -2.155  5.002   4.186   1.00 26.79 ? 120 CYS A SG  1 
ATOM   797  N N   . CYS A 1 128 ? -0.430  7.843   4.918   1.00 22.92 ? 121 CYS A N   1 
ATOM   798  C CA  . CYS A 1 128 ? 1.048   7.734   4.746   1.00 24.06 ? 121 CYS A CA  1 
ATOM   799  C C   . CYS A 1 128 ? 1.475   6.284   4.929   1.00 25.21 ? 121 CYS A C   1 
ATOM   800  O O   . CYS A 1 128 ? 1.197   5.675   5.982   1.00 25.11 ? 121 CYS A O   1 
ATOM   801  C CB  . CYS A 1 128 ? 1.756   8.563   5.765   1.00 23.62 ? 121 CYS A CB  1 
ATOM   802  S SG  . CYS A 1 128 ? 1.411   10.343  5.726   1.00 27.12 ? 121 CYS A SG  1 
ATOM   803  N N   . ILE A 1 129 ? 2.105   5.720   3.888   1.00 24.31 ? 122 ILE A N   1 
ATOM   804  C CA  . ILE A 1 129 ? 2.722   4.407   4.036   1.00 24.13 ? 122 ILE A CA  1 
ATOM   805  C C   . ILE A 1 129 ? 4.168   4.554   4.283   1.00 23.98 ? 122 ILE A C   1 
ATOM   806  O O   . ILE A 1 129 ? 4.853   5.220   3.490   1.00 21.91 ? 122 ILE A O   1 
ATOM   807  C CB  . ILE A 1 129 ? 2.504   3.513   2.819   1.00 23.15 ? 122 ILE A CB  1 
ATOM   808  C CG1 . ILE A 1 129 ? 1.015   3.287   2.532   1.00 25.96 ? 122 ILE A CG1 1 
ATOM   809  C CG2 . ILE A 1 129 ? 3.197   2.184   3.022   1.00 23.56 ? 122 ILE A CG2 1 
ATOM   810  C CD1 . ILE A 1 129 ? 0.809   2.575   1.201   1.00 26.25 ? 122 ILE A CD1 1 
ATOM   811  N N   . VAL A 1 130 ? 4.647   3.964   5.380   1.00 23.69 ? 123 VAL A N   1 
ATOM   812  C CA  . VAL A 1 130 ? 6.108   3.870   5.656   1.00 24.18 ? 123 VAL A CA  1 
ATOM   813  C C   . VAL A 1 130 ? 6.626   2.583   5.033   1.00 24.83 ? 123 VAL A C   1 
ATOM   814  O O   . VAL A 1 130 ? 6.150   1.536   5.336   1.00 23.52 ? 123 VAL A O   1 
ATOM   815  C CB  . VAL A 1 130 ? 6.408   3.895   7.165   1.00 24.71 ? 123 VAL A CB  1 
ATOM   816  C CG1 . VAL A 1 130 ? 7.884   3.732   7.433   1.00 25.26 ? 123 VAL A CG1 1 
ATOM   817  C CG2 . VAL A 1 130 ? 5.803   5.181   7.811   1.00 26.51 ? 123 VAL A CG2 1 
ATOM   818  N N   . PHE A 1 131 ? 7.592   2.706   4.118   1.00 23.90 ? 124 PHE A N   1 
ATOM   819  C CA  . PHE A 1 131 ? 8.293   1.609   3.443   1.00 24.82 ? 124 PHE A CA  1 
ATOM   820  C C   . PHE A 1 131 ? 9.717   1.476   3.994   1.00 25.90 ? 124 PHE A C   1 
ATOM   821  O O   . PHE A 1 131 ? 10.508  2.428   4.035   1.00 25.79 ? 124 PHE A O   1 
ATOM   822  C CB  . PHE A 1 131 ? 8.412   1.895   1.951   1.00 25.23 ? 124 PHE A CB  1 
ATOM   823  C CG  . PHE A 1 131 ? 7.094   2.027   1.225   1.00 26.23 ? 124 PHE A CG  1 
ATOM   824  C CD1 . PHE A 1 131 ? 6.510   0.932   0.656   1.00 25.99 ? 124 PHE A CD1 1 
ATOM   825  C CD2 . PHE A 1 131 ? 6.475   3.278   1.026   1.00 23.06 ? 124 PHE A CD2 1 
ATOM   826  C CE1 . PHE A 1 131 ? 5.272   1.036   -0.077  1.00 26.45 ? 124 PHE A CE1 1 
ATOM   827  C CE2 . PHE A 1 131 ? 5.295   3.363   0.343   1.00 23.30 ? 124 PHE A CE2 1 
ATOM   828  C CZ  . PHE A 1 131 ? 4.718   2.249   -0.264  1.00 24.57 ? 124 PHE A CZ  1 
ATOM   829  N N   . GLU A 1 132 ? 10.042  0.249   4.348   1.00 26.43 ? 125 GLU A N   1 
ATOM   830  C CA  . GLU A 1 132 ? 11.391  -0.140  4.726   1.00 28.12 ? 125 GLU A CA  1 
ATOM   831  C C   . GLU A 1 132 ? 11.867  -1.093  3.656   1.00 27.29 ? 125 GLU A C   1 
ATOM   832  O O   . GLU A 1 132 ? 11.075  -1.930  3.137   1.00 24.90 ? 125 GLU A O   1 
ATOM   833  C CB  . GLU A 1 132 ? 11.328  -0.861  6.094   1.00 29.73 ? 125 GLU A CB  1 
ATOM   834  C CG  . GLU A 1 132 ? 10.888  -0.016  7.245   1.00 30.84 ? 125 GLU A CG  1 
ATOM   835  C CD  . GLU A 1 132 ? 10.850  -0.799  8.572   1.00 36.80 ? 125 GLU A CD  1 
ATOM   836  O OE1 . GLU A 1 132 ? 11.083  -2.039  8.562   1.00 42.53 ? 125 GLU A OE1 1 
ATOM   837  O OE2 . GLU A 1 132 ? 10.619  -0.149  9.606   1.00 45.30 ? 125 GLU A OE2 1 
ATOM   838  N N   . PHE A 1 133 ? 13.170  -1.018  3.374   1.00 26.90 ? 126 PHE A N   1 
ATOM   839  C CA  . PHE A 1 133 ? 13.816  -1.728  2.305   1.00 28.70 ? 126 PHE A CA  1 
ATOM   840  C C   . PHE A 1 133 ? 14.884  -2.693  2.774   1.00 28.55 ? 126 PHE A C   1 
ATOM   841  O O   . PHE A 1 133 ? 15.563  -2.416  3.777   1.00 27.86 ? 126 PHE A O   1 
ATOM   842  C CB  . PHE A 1 133 ? 14.408  -0.667  1.347   1.00 28.72 ? 126 PHE A CB  1 
ATOM   843  C CG  . PHE A 1 133 ? 13.347  0.043   0.560   1.00 25.53 ? 126 PHE A CG  1 
ATOM   844  C CD1 . PHE A 1 133 ? 12.998  -0.403  -0.676  1.00 26.69 ? 126 PHE A CD1 1 
ATOM   845  C CD2 . PHE A 1 133 ? 12.631  1.115   1.112   1.00 31.53 ? 126 PHE A CD2 1 
ATOM   846  C CE1 . PHE A 1 133 ? 11.988  0.210   -1.411  1.00 30.99 ? 126 PHE A CE1 1 
ATOM   847  C CE2 . PHE A 1 133 ? 11.627  1.701   0.376   1.00 30.06 ? 126 PHE A CE2 1 
ATOM   848  C CZ  . PHE A 1 133 ? 11.286  1.184   -0.831  1.00 28.71 ? 126 PHE A CZ  1 
ATOM   849  N N   . LYS A 1 134 ? 15.046  -3.767  2.023   1.00 31.68 ? 127 LYS A N   1 
ATOM   850  C CA  . LYS A 1 134 ? 16.165  -4.695  2.163   1.00 32.15 ? 127 LYS A CA  1 
ATOM   851  C C   . LYS A 1 134 ? 16.683  -4.985  0.803   1.00 31.41 ? 127 LYS A C   1 
ATOM   852  O O   . LYS A 1 134 ? 16.006  -5.522  -0.071  1.00 29.26 ? 127 LYS A O   1 
ATOM   853  C CB  . LYS A 1 134 ? 15.754  -5.986  2.879   1.00 33.57 ? 127 LYS A CB  1 
ATOM   854  C CG  . LYS A 1 134 ? 16.880  -6.986  3.101   1.00 36.05 ? 127 LYS A CG  1 
ATOM   855  C CD  . LYS A 1 134 ? 16.309  -8.353  3.520   1.00 37.96 ? 127 LYS A CD  1 
ATOM   856  C CE  . LYS A 1 134 ? 17.441  -9.424  3.654   1.00 44.16 ? 127 LYS A CE  1 
ATOM   857  N NZ  . LYS A 1 134 ? 16.847  -10.784 3.841   1.00 45.06 ? 127 LYS A NZ  1 
ATOM   858  N N   . ASN A 1 135 ? 17.934  -4.627  0.591   1.00 34.65 ? 128 ASN A N   1 
ATOM   859  C CA  . ASN A 1 135 ? 18.544  -4.845  -0.744  1.00 34.50 ? 128 ASN A CA  1 
ATOM   860  C C   . ASN A 1 135 ? 17.706  -4.301  -1.867  1.00 33.46 ? 128 ASN A C   1 
ATOM   861  O O   . ASN A 1 135 ? 17.519  -4.907  -2.904  1.00 33.81 ? 128 ASN A O   1 
ATOM   862  C CB  . ASN A 1 135 ? 18.869  -6.308  -0.927  1.00 36.23 ? 128 ASN A CB  1 
ATOM   863  C CG  . ASN A 1 135 ? 19.984  -6.744  0.039   1.00 40.09 ? 128 ASN A CG  1 
ATOM   864  O OD1 . ASN A 1 135 ? 20.844  -5.937  0.444   1.00 43.51 ? 128 ASN A OD1 1 
ATOM   865  N ND2 . ASN A 1 135 ? 19.895  -7.953  0.492   1.00 45.24 ? 128 ASN A ND2 1 
ATOM   866  N N   . GLY A 1 136 ? 17.169  -3.111  -1.636  1.00 32.56 ? 129 GLY A N   1 
ATOM   867  C CA  . GLY A 1 136 ? 16.431  -2.437  -2.728  1.00 31.88 ? 129 GLY A CA  1 
ATOM   868  C C   . GLY A 1 136 ? 15.001  -2.874  -2.949  1.00 31.46 ? 129 GLY A C   1 
ATOM   869  O O   . GLY A 1 136 ? 14.287  -2.311  -3.800  1.00 29.66 ? 129 GLY A O   1 
ATOM   870  N N   . ARG A 1 137 ? 14.563  -3.892  -2.196  1.00 29.44 ? 130 ARG A N   1 
ATOM   871  C CA  . ARG A 1 137 ? 13.181  -4.327  -2.291  1.00 29.19 ? 130 ARG A CA  1 
ATOM   872  C C   . ARG A 1 137 ? 12.422  -3.976  -1.021  1.00 25.44 ? 130 ARG A C   1 
ATOM   873  O O   . ARG A 1 137 ? 12.985  -3.859  0.018   1.00 25.66 ? 130 ARG A O   1 
ATOM   874  C CB  . ARG A 1 137 ? 13.116  -5.833  -2.508  1.00 28.61 ? 130 ARG A CB  1 
ATOM   875  C CG  . ARG A 1 137 ? 13.682  -6.255  -3.851  1.00 32.92 ? 130 ARG A CG  1 
ATOM   876  C CD  . ARG A 1 137 ? 13.418  -7.751  -4.211  1.00 33.98 ? 130 ARG A CD  1 
ATOM   877  N NE  . ARG A 1 137 ? 13.969  -8.644  -3.225  1.00 37.20 ? 130 ARG A NE  1 
ATOM   878  C CZ  . ARG A 1 137 ? 13.810  -9.984  -3.226  1.00 35.32 ? 130 ARG A CZ  1 
ATOM   879  N NH1 . ARG A 1 137 ? 13.050  -10.556 -4.115  1.00 36.12 ? 130 ARG A NH1 1 
ATOM   880  N NH2 . ARG A 1 137 ? 14.367  -10.718 -2.282  1.00 36.55 ? 130 ARG A NH2 1 
ATOM   881  N N   . VAL A 1 138 ? 11.110  -3.850  -1.106  1.00 25.94 ? 131 VAL A N   1 
ATOM   882  C CA  . VAL A 1 138 ? 10.316  -3.514  0.106   1.00 25.19 ? 131 VAL A CA  1 
ATOM   883  C C   . VAL A 1 138 ? 10.301  -4.738  1.059   1.00 25.04 ? 131 VAL A C   1 
ATOM   884  O O   . VAL A 1 138 ? 9.995   -5.870  0.598   1.00 25.99 ? 131 VAL A O   1 
ATOM   885  C CB  . VAL A 1 138 ? 8.854   -3.146  -0.307  1.00 24.30 ? 131 VAL A CB  1 
ATOM   886  C CG1 . VAL A 1 138 ? 8.004   -2.919  0.936   1.00 25.10 ? 131 VAL A CG1 1 
ATOM   887  C CG2 . VAL A 1 138 ? 8.838   -1.877  -1.130  1.00 26.85 ? 131 VAL A CG2 1 
ATOM   888  N N   . ILE A 1 139 ? 10.670  -4.526  2.316   1.00 24.91 ? 132 ILE A N   1 
ATOM   889  C CA  . ILE A 1 139 ? 10.579  -5.573  3.331   1.00 26.74 ? 132 ILE A CA  1 
ATOM   890  C C   . ILE A 1 139 ? 9.379   -5.332  4.271   1.00 26.40 ? 132 ILE A C   1 
ATOM   891  O O   . ILE A 1 139 ? 8.933   -6.241  4.957   1.00 23.68 ? 132 ILE A O   1 
ATOM   892  C CB  . ILE A 1 139 ? 11.926  -5.752  4.040   1.00 26.66 ? 132 ILE A CB  1 
ATOM   893  C CG1 . ILE A 1 139 ? 11.931  -6.981  4.954   1.00 31.14 ? 132 ILE A CG1 1 
ATOM   894  C CG2 . ILE A 1 139 ? 12.288  -4.581  4.933   1.00 27.97 ? 132 ILE A CG2 1 
ATOM   895  C CD1 . ILE A 1 139 ? 11.827  -8.251  4.240   1.00 29.67 ? 132 ILE A CD1 1 
ATOM   896  N N   . ASP A 1 140 ? 8.900   -4.074  4.354   1.00 24.76 ? 133 ASP A N   1 
ATOM   897  C CA  . ASP A 1 140 ? 7.836   -3.721  5.250   1.00 25.73 ? 133 ASP A CA  1 
ATOM   898  C C   . ASP A 1 140 ? 7.106   -2.467  4.791   1.00 26.27 ? 133 ASP A C   1 
ATOM   899  O O   . ASP A 1 140 ? 7.768   -1.502  4.361   1.00 24.93 ? 133 ASP A O   1 
ATOM   900  C CB  . ASP A 1 140 ? 8.382   -3.423  6.624   1.00 26.91 ? 133 ASP A CB  1 
ATOM   901  C CG  . ASP A 1 140 ? 7.316   -3.482  7.675   1.00 30.64 ? 133 ASP A CG  1 
ATOM   902  O OD1 . ASP A 1 140 ? 7.068   -4.615  8.204   1.00 26.63 ? 133 ASP A OD1 1 
ATOM   903  O OD2 . ASP A 1 140 ? 6.678   -2.453  8.035   1.00 26.28 ? 133 ASP A OD2 1 
ATOM   904  N N   . GLY A 1 141 ? 5.791   -2.527  4.797   1.00 24.48 ? 134 GLY A N   1 
ATOM   905  C CA  . GLY A 1 141 ? 4.950   -1.390  4.527   1.00 24.62 ? 134 GLY A CA  1 
ATOM   906  C C   . GLY A 1 141 ? 3.918   -1.258  5.631   1.00 25.82 ? 134 GLY A C   1 
ATOM   907  O O   . GLY A 1 141 ? 3.352   -2.241  6.086   1.00 24.82 ? 134 GLY A O   1 
ATOM   908  N N   . ARG A 1 142 ? 3.729   -0.018  6.096   1.00 25.61 ? 135 ARG A N   1 
ATOM   909  C CA  . ARG A 1 142 ? 2.821   0.268   7.206   1.00 25.15 ? 135 ARG A CA  1 
ATOM   910  C C   . ARG A 1 142 ? 1.959   1.423   6.867   1.00 24.54 ? 135 ARG A C   1 
ATOM   911  O O   . ARG A 1 142 ? 2.454   2.542   6.774   1.00 23.70 ? 135 ARG A O   1 
ATOM   912  C CB  . ARG A 1 142 ? 3.608   0.556   8.466   1.00 25.23 ? 135 ARG A CB  1 
ATOM   913  C CG  . ARG A 1 142 ? 2.700   0.725   9.711   1.00 26.49 ? 135 ARG A CG  1 
ATOM   914  C CD  . ARG A 1 142 ? 3.460   0.968   11.022  1.00 28.75 ? 135 ARG A CD  1 
ATOM   915  N NE  . ARG A 1 142 ? 4.144   -0.242  11.430  1.00 30.78 ? 135 ARG A NE  1 
ATOM   916  C CZ  . ARG A 1 142 ? 3.603   -1.210  12.197  1.00 33.18 ? 135 ARG A CZ  1 
ATOM   917  N NH1 . ARG A 1 142 ? 2.381   -1.099  12.675  1.00 29.35 ? 135 ARG A NH1 1 
ATOM   918  N NH2 . ARG A 1 142 ? 4.315   -2.293  12.471  1.00 32.19 ? 135 ARG A NH2 1 
ATOM   919  N N   . GLU A 1 143 ? 0.674   1.138   6.682   1.00 24.77 ? 136 GLU A N   1 
ATOM   920  C CA  . GLU A 1 143 ? -0.364  2.154   6.406   1.00 25.68 ? 136 GLU A CA  1 
ATOM   921  C C   . GLU A 1 143 ? -0.695  2.975   7.666   1.00 26.28 ? 136 GLU A C   1 
ATOM   922  O O   . GLU A 1 143 ? -1.072  2.383   8.731   1.00 25.89 ? 136 GLU A O   1 
ATOM   923  C CB  . GLU A 1 143 ? -1.623  1.428   5.929   1.00 26.23 ? 136 GLU A CB  1 
ATOM   924  C CG  . GLU A 1 143 ? -1.584  0.864   4.506   1.00 26.11 ? 136 GLU A CG  1 
ATOM   925  C CD  . GLU A 1 143 ? -2.597  -0.248  4.233   1.00 27.73 ? 136 GLU A CD  1 
ATOM   926  O OE1 . GLU A 1 143 ? -3.112  -0.830  5.172   1.00 28.82 ? 136 GLU A OE1 1 
ATOM   927  O OE2 . GLU A 1 143 ? -2.818  -0.577  3.066   1.00 26.64 ? 136 GLU A OE2 1 
ATOM   928  N N   . HIS A 1 144 ? -0.707  4.311   7.525   1.00 24.67 ? 137 HIS A N   1 
ATOM   929  C CA  . HIS A 1 144 ? -1.166  5.189   8.544   1.00 26.69 ? 137 HIS A CA  1 
ATOM   930  C C   . HIS A 1 144 ? -2.269  6.084   7.928   1.00 26.90 ? 137 HIS A C   1 
ATOM   931  O O   . HIS A 1 144 ? -1.977  7.085   7.269   1.00 23.89 ? 137 HIS A O   1 
ATOM   932  C CB  . HIS A 1 144 ? -0.074  6.145   9.075   1.00 26.85 ? 137 HIS A CB  1 
ATOM   933  C CG  . HIS A 1 144 ? 1.129   5.472   9.665   1.00 24.33 ? 137 HIS A CG  1 
ATOM   934  N ND1 . HIS A 1 144 ? 2.004   4.721   8.918   1.00 25.50 ? 137 HIS A ND1 1 
ATOM   935  C CD2 . HIS A 1 144 ? 1.607   5.475   10.928  1.00 24.65 ? 137 HIS A CD2 1 
ATOM   936  C CE1 . HIS A 1 144 ? 2.961   4.263   9.710   1.00 25.24 ? 137 HIS A CE1 1 
ATOM   937  N NE2 . HIS A 1 144 ? 2.744   4.711   10.937  1.00 27.40 ? 137 HIS A NE2 1 
ATOM   938  N N   . PHE A 1 145 ? -3.525  5.728   8.121   1.00 28.29 ? 138 PHE A N   1 
ATOM   939  C CA  . PHE A 1 145 ? -4.643  6.527   7.626   1.00 28.26 ? 138 PHE A CA  1 
ATOM   940  C C   . PHE A 1 145 ? -4.885  7.691   8.569   1.00 28.62 ? 138 PHE A C   1 
ATOM   941  O O   . PHE A 1 145 ? -4.579  7.627   9.763   1.00 29.93 ? 138 PHE A O   1 
ATOM   942  C CB  . PHE A 1 145 ? -5.919  5.687   7.518   1.00 28.82 ? 138 PHE A CB  1 
ATOM   943  C CG  . PHE A 1 145 ? -5.805  4.589   6.578   1.00 26.63 ? 138 PHE A CG  1 
ATOM   944  C CD1 . PHE A 1 145 ? -5.977  4.836   5.228   1.00 25.45 ? 138 PHE A CD1 1 
ATOM   945  C CD2 . PHE A 1 145 ? -5.457  3.316   7.012   1.00 27.75 ? 138 PHE A CD2 1 
ATOM   946  C CE1 . PHE A 1 145 ? -5.843  3.824   4.268   1.00 28.09 ? 138 PHE A CE1 1 
ATOM   947  C CE2 . PHE A 1 145 ? -5.296  2.317   6.082   1.00 27.65 ? 138 PHE A CE2 1 
ATOM   948  C CZ  . PHE A 1 145 ? -5.510  2.568   4.699   1.00 28.10 ? 138 PHE A CZ  1 
ATOM   949  N N   . TYR A 1 146 ? -5.297  8.823   8.032   1.00 27.68 ? 139 TYR A N   1 
ATOM   950  C CA  . TYR A 1 146 ? -5.626  9.948   8.855   1.00 28.17 ? 139 TYR A CA  1 
ATOM   951  C C   . TYR A 1 146 ? -6.960  9.611   9.520   1.00 28.42 ? 139 TYR A C   1 
ATOM   952  O O   . TYR A 1 146 ? -6.987  9.378   10.681  1.00 30.05 ? 139 TYR A O   1 
ATOM   953  C CB  . TYR A 1 146 ? -5.732  11.248  8.019   1.00 27.91 ? 139 TYR A CB  1 
ATOM   954  C CG  . TYR A 1 146 ? -6.048  12.476  8.875   1.00 27.57 ? 139 TYR A CG  1 
ATOM   955  C CD1 . TYR A 1 146 ? -5.086  13.084  9.665   1.00 25.94 ? 139 TYR A CD1 1 
ATOM   956  C CD2 . TYR A 1 146 ? -7.350  13.011  8.907   1.00 29.99 ? 139 TYR A CD2 1 
ATOM   957  C CE1 . TYR A 1 146 ? -5.379  14.156  10.448  1.00 29.02 ? 139 TYR A CE1 1 
ATOM   958  C CE2 . TYR A 1 146 ? -7.666  14.106  9.687   1.00 29.22 ? 139 TYR A CE2 1 
ATOM   959  C CZ  . TYR A 1 146 ? -6.692  14.691  10.451  1.00 28.01 ? 139 TYR A CZ  1 
ATOM   960  O OH  . TYR A 1 146 ? -6.953  15.777  11.232  1.00 29.42 ? 139 TYR A OH  1 
ATOM   961  N N   . ASP A 1 147 ? -8.005  9.502   8.732   1.00 29.59 ? 140 ASP A N   1 
ATOM   962  C CA  . ASP A 1 147 ? -9.344  9.093   9.322   1.00 30.01 ? 140 ASP A CA  1 
ATOM   963  C C   . ASP A 1 147 ? -9.537  7.560   9.231   1.00 29.12 ? 140 ASP A C   1 
ATOM   964  O O   . ASP A 1 147 ? -10.133 7.046   8.297   1.00 29.68 ? 140 ASP A O   1 
ATOM   965  C CB  . ASP A 1 147 ? -10.433 9.860   8.649   1.00 30.54 ? 140 ASP A CB  1 
ATOM   966  C CG  . ASP A 1 147 ? -11.807 9.588   9.298   1.00 32.52 ? 140 ASP A CG  1 
ATOM   967  O OD1 . ASP A 1 147 ? -11.850 8.847   10.283  1.00 32.99 ? 140 ASP A OD1 1 
ATOM   968  O OD2 . ASP A 1 147 ? -12.823 10.130  8.868   1.00 37.42 ? 140 ASP A OD2 1 
ATOM   969  N N   . LEU A 1 148 ? -8.974  6.865   10.197  1.00 29.70 ? 141 LEU A N   1 
ATOM   970  C CA  . LEU A 1 148 ? -9.016  5.383   10.232  1.00 30.99 ? 141 LEU A CA  1 
ATOM   971  C C   . LEU A 1 148 ? -10.478 4.912   10.345  1.00 31.91 ? 141 LEU A C   1 
ATOM   972  O O   . LEU A 1 148 ? -10.863 3.904   9.801   1.00 31.92 ? 141 LEU A O   1 
ATOM   973  C CB  . LEU A 1 148 ? -8.218  4.897   11.426  1.00 30.18 ? 141 LEU A CB  1 
ATOM   974  C CG  . LEU A 1 148 ? -8.101  3.372   11.612  1.00 30.91 ? 141 LEU A CG  1 
ATOM   975  C CD1 . LEU A 1 148 ? -7.587  2.740   10.359  1.00 31.75 ? 141 LEU A CD1 1 
ATOM   976  C CD2 . LEU A 1 148 ? -7.291  3.064   12.806  1.00 31.02 ? 141 LEU A CD2 1 
ATOM   977  N N   . TYR A 1 149 ? -11.292 5.716   11.017  1.00 33.41 ? 142 TYR A N   1 
ATOM   978  C CA  . TYR A 1 149 ? -12.734 5.373   11.144  1.00 33.49 ? 142 TYR A CA  1 
ATOM   979  C C   . TYR A 1 149 ? -13.437 5.302   9.808   1.00 33.46 ? 142 TYR A C   1 
ATOM   980  O O   . TYR A 1 149 ? -14.263 4.407   9.564   1.00 35.80 ? 142 TYR A O   1 
ATOM   981  C CB  A TYR A 1 149 ? -13.504 6.436   11.952  0.50 33.18 ? 142 TYR A CB  1 
ATOM   982  C CB  B TYR A 1 149 ? -13.361 6.343   12.170  0.50 33.98 ? 142 TYR A CB  1 
ATOM   983  C CG  A TYR A 1 149 ? -13.200 6.451   13.402  0.50 33.10 ? 142 TYR A CG  1 
ATOM   984  C CG  B TYR A 1 149 ? -12.661 6.330   13.536  0.50 34.42 ? 142 TYR A CG  1 
ATOM   985  C CD1 A TYR A 1 149 ? -13.991 5.739   14.322  0.50 33.45 ? 142 TYR A CD1 1 
ATOM   986  C CD1 B TYR A 1 149 ? -12.021 5.183   14.040  0.50 34.96 ? 142 TYR A CD1 1 
ATOM   987  C CD2 A TYR A 1 149 ? -12.155 7.214   13.894  0.50 33.04 ? 142 TYR A CD2 1 
ATOM   988  C CD2 B TYR A 1 149 ? -12.659 7.461   14.338  0.50 34.33 ? 142 TYR A CD2 1 
ATOM   989  C CE1 A TYR A 1 149 ? -13.709 5.776   15.675  0.50 31.71 ? 142 TYR A CE1 1 
ATOM   990  C CE1 B TYR A 1 149 ? -11.419 5.178   15.310  0.50 35.91 ? 142 TYR A CE1 1 
ATOM   991  C CE2 A TYR A 1 149 ? -11.867 7.249   15.208  0.50 31.72 ? 142 TYR A CE2 1 
ATOM   992  C CE2 B TYR A 1 149 ? -12.059 7.466   15.589  0.50 35.45 ? 142 TYR A CE2 1 
ATOM   993  C CZ  A TYR A 1 149 ? -12.643 6.545   16.110  0.50 34.25 ? 142 TYR A CZ  1 
ATOM   994  C CZ  B TYR A 1 149 ? -11.438 6.334   16.088  0.50 36.38 ? 142 TYR A CZ  1 
ATOM   995  O OH  A TYR A 1 149 ? -12.287 6.638   17.434  0.50 32.82 ? 142 TYR A OH  1 
ATOM   996  O OH  B TYR A 1 149 ? -10.861 6.380   17.357  0.50 35.68 ? 142 TYR A OH  1 
ATOM   997  N N   . ALA A 1 150 ? -13.150 6.229   8.907   1.00 32.45 ? 143 ALA A N   1 
ATOM   998  C CA  . ALA A 1 150 ? -13.668 6.186   7.572   1.00 32.93 ? 143 ALA A CA  1 
ATOM   999  C C   . ALA A 1 150 ? -13.269 4.955   6.810   1.00 33.19 ? 143 ALA A C   1 
ATOM   1000 O O   . ALA A 1 150 ? -14.074 4.357   6.034   1.00 31.40 ? 143 ALA A O   1 
ATOM   1001 C CB  . ALA A 1 150 ? -13.268 7.429   6.766   1.00 32.82 ? 143 ALA A CB  1 
ATOM   1002 N N   . TRP A 1 151 ? -11.988 4.563   6.979   1.00 32.22 ? 144 TRP A N   1 
ATOM   1003 C CA  . TRP A 1 151 ? -11.536 3.344   6.293   1.00 32.87 ? 144 TRP A CA  1 
ATOM   1004 C C   . TRP A 1 151 ? -12.293 2.150   6.836   1.00 32.27 ? 144 TRP A C   1 
ATOM   1005 O O   . TRP A 1 151 ? -12.796 1.320   6.060   1.00 34.74 ? 144 TRP A O   1 
ATOM   1006 C CB  . TRP A 1 151 ? -10.029 3.198   6.540   1.00 31.77 ? 144 TRP A CB  1 
ATOM   1007 C CG  . TRP A 1 151 ? -9.368  1.910   6.243   1.00 28.65 ? 144 TRP A CG  1 
ATOM   1008 C CD1 . TRP A 1 151 ? -9.092  0.946   7.115   1.00 31.04 ? 144 TRP A CD1 1 
ATOM   1009 C CD2 . TRP A 1 151 ? -8.789  1.524   5.012   1.00 32.47 ? 144 TRP A CD2 1 
ATOM   1010 N NE1 . TRP A 1 151 ? -8.379  -0.063  6.515   1.00 31.47 ? 144 TRP A NE1 1 
ATOM   1011 C CE2 . TRP A 1 151 ? -8.194  0.252   5.205   1.00 29.72 ? 144 TRP A CE2 1 
ATOM   1012 C CE3 . TRP A 1 151 ? -8.708  2.111   3.754   1.00 30.19 ? 144 TRP A CE3 1 
ATOM   1013 C CZ2 . TRP A 1 151 ? -7.493  -0.424  4.198   1.00 31.73 ? 144 TRP A CZ2 1 
ATOM   1014 C CZ3 . TRP A 1 151 ? -8.048  1.426   2.746   1.00 31.91 ? 144 TRP A CZ3 1 
ATOM   1015 C CH2 . TRP A 1 151 ? -7.469  0.167   2.964   1.00 30.79 ? 144 TRP A CH2 1 
ATOM   1016 N N   . ASP A 1 152 ? -12.361 2.053   8.141   1.00 33.49 ? 145 ASP A N   1 
ATOM   1017 C CA  . ASP A 1 152 ? -13.063 0.916   8.748   1.00 35.62 ? 145 ASP A CA  1 
ATOM   1018 C C   . ASP A 1 152 ? -14.552 0.875   8.402   1.00 38.39 ? 145 ASP A C   1 
ATOM   1019 O O   . ASP A 1 152 ? -15.107 -0.227  8.154   1.00 37.73 ? 145 ASP A O   1 
ATOM   1020 C CB  . ASP A 1 152 ? -12.892 0.859   10.232  1.00 34.60 ? 145 ASP A CB  1 
ATOM   1021 C CG  . ASP A 1 152 ? -11.568 0.266   10.646  1.00 36.39 ? 145 ASP A CG  1 
ATOM   1022 O OD1 . ASP A 1 152 ? -10.856 -0.295  9.781   1.00 38.17 ? 145 ASP A OD1 1 
ATOM   1023 O OD2 . ASP A 1 152 ? -11.189 0.279   11.819  1.00 40.93 ? 145 ASP A OD2 1 
ATOM   1024 N N   . GLU A 1 153 ? -15.180 2.042   8.435   1.00 40.02 ? 146 GLU A N   1 
ATOM   1025 C CA  . GLU A 1 153 ? -16.558 2.159   7.968   1.00 40.79 ? 146 GLU A CA  1 
ATOM   1026 C C   . GLU A 1 153 ? -16.760 1.647   6.544   1.00 42.12 ? 146 GLU A C   1 
ATOM   1027 O O   . GLU A 1 153 ? -17.687 0.869   6.318   1.00 42.97 ? 146 GLU A O   1 
ATOM   1028 C CB  . GLU A 1 153 ? -17.074 3.578   8.095   1.00 41.80 ? 146 GLU A CB  1 
ATOM   1029 C CG  . GLU A 1 153 ? -18.390 3.828   7.346   1.00 44.59 ? 146 GLU A CG  1 
ATOM   1030 C CD  . GLU A 1 153 ? -19.575 3.000   7.848   1.00 52.17 ? 146 GLU A CD  1 
ATOM   1031 O OE1 . GLU A 1 153 ? -19.589 2.599   9.053   1.00 52.56 ? 146 GLU A OE1 1 
ATOM   1032 O OE2 . GLU A 1 153 ? -20.518 2.783   7.024   1.00 57.54 ? 146 GLU A OE2 1 
ATOM   1033 N N   . PHE A 1 154 ? -15.921 2.059   5.582   1.00 40.75 ? 147 PHE A N   1 
ATOM   1034 C CA  . PHE A 1 154 ? -16.002 1.550   4.215   1.00 40.33 ? 147 PHE A CA  1 
ATOM   1035 C C   . PHE A 1 154 ? -15.927 0.019   4.103   1.00 40.37 ? 147 PHE A C   1 
ATOM   1036 O O   . PHE A 1 154 ? -16.568 -0.560  3.216   1.00 40.23 ? 147 PHE A O   1 
ATOM   1037 C CB  . PHE A 1 154 ? -14.868 2.167   3.361   1.00 39.78 ? 147 PHE A CB  1 
ATOM   1038 C CG  . PHE A 1 154 ? -14.815 1.706   1.936   1.00 39.43 ? 147 PHE A CG  1 
ATOM   1039 C CD1 . PHE A 1 154 ? -15.654 2.261   0.987   1.00 36.39 ? 147 PHE A CD1 1 
ATOM   1040 C CD2 . PHE A 1 154 ? -13.890 0.758   1.524   1.00 38.23 ? 147 PHE A CD2 1 
ATOM   1041 C CE1 . PHE A 1 154 ? -15.621 1.873   -0.317  1.00 37.45 ? 147 PHE A CE1 1 
ATOM   1042 C CE2 . PHE A 1 154 ? -13.844 0.361   0.187   1.00 39.51 ? 147 PHE A CE2 1 
ATOM   1043 C CZ  . PHE A 1 154 ? -14.719 0.933   -0.738  1.00 39.22 ? 147 PHE A CZ  1 
ATOM   1044 N N   . TRP A 1 155 ? -15.090 -0.609  4.934   1.00 40.48 ? 148 TRP A N   1 
ATOM   1045 C CA  . TRP A 1 155 ? -14.809 -2.041  4.862   1.00 42.70 ? 148 TRP A CA  1 
ATOM   1046 C C   . TRP A 1 155 ? -15.765 -2.868  5.701   1.00 44.96 ? 148 TRP A C   1 
ATOM   1047 O O   . TRP A 1 155 ? -15.659 -4.095  5.751   1.00 46.22 ? 148 TRP A O   1 
ATOM   1048 C CB  . TRP A 1 155 ? -13.370 -2.352  5.334   1.00 41.49 ? 148 TRP A CB  1 
ATOM   1049 C CG  . TRP A 1 155 ? -12.332 -1.901  4.269   1.00 39.87 ? 148 TRP A CG  1 
ATOM   1050 C CD1 . TRP A 1 155 ? -11.466 -0.885  4.376   1.00 40.47 ? 148 TRP A CD1 1 
ATOM   1051 C CD2 . TRP A 1 155 ? -12.184 -2.411  2.950   1.00 40.45 ? 148 TRP A CD2 1 
ATOM   1052 N NE1 . TRP A 1 155 ? -10.751 -0.727  3.213   1.00 39.73 ? 148 TRP A NE1 1 
ATOM   1053 C CE2 . TRP A 1 155 ? -11.162 -1.662  2.316   1.00 38.85 ? 148 TRP A CE2 1 
ATOM   1054 C CE3 . TRP A 1 155 ? -12.777 -3.460  2.232   1.00 42.47 ? 148 TRP A CE3 1 
ATOM   1055 C CZ2 . TRP A 1 155 ? -10.717 -1.927  1.034   1.00 37.77 ? 148 TRP A CZ2 1 
ATOM   1056 C CZ3 . TRP A 1 155 ? -12.335 -3.719  0.929   1.00 41.74 ? 148 TRP A CZ3 1 
ATOM   1057 C CH2 . TRP A 1 155 ? -11.308 -2.964  0.345   1.00 40.67 ? 148 TRP A CH2 1 
ATOM   1058 N N   . ARG A 1 156 ? -16.610 -2.199  6.457   1.00 47.52 ? 149 ARG A N   1 
ATOM   1059 C CA  . ARG A 1 156 ? -17.538 -2.873  7.369   1.00 49.51 ? 149 ARG A CA  1 
ATOM   1060 C C   . ARG A 1 156 ? -18.410 -3.864  6.583   1.00 49.75 ? 149 ARG A C   1 
ATOM   1061 O O   . ARG A 1 156 ? -18.912 -3.488  5.506   1.00 50.47 ? 149 ARG A O   1 
ATOM   1062 C CB  . ARG A 1 156 ? -18.407 -1.795  8.002   1.00 50.14 ? 149 ARG A CB  1 
ATOM   1063 C CG  . ARG A 1 156 ? -19.176 -2.222  9.200   1.00 53.05 ? 149 ARG A CG  1 
ATOM   1064 C CD  . ARG A 1 156 ? -20.418 -1.348  9.421   1.00 56.80 ? 149 ARG A CD  1 
ATOM   1065 N NE  . ARG A 1 156 ? -20.124 -0.216  10.281  1.00 64.12 ? 149 ARG A NE  1 
ATOM   1066 C CZ  . ARG A 1 156 ? -20.322 -0.201  11.601  1.00 68.00 ? 149 ARG A CZ  1 
ATOM   1067 N NH1 . ARG A 1 156 ? -20.818 -1.276  12.240  1.00 70.05 ? 149 ARG A NH1 1 
ATOM   1068 N NH2 . ARG A 1 156 ? -20.011 0.909   12.294  1.00 68.03 ? 149 ARG A NH2 1 
HETATM 1069 C C   . ACT B 2 .   ? -9.094  11.743  5.325   1.00 43.44 ? 501 ACT A C   1 
HETATM 1070 O O   . ACT B 2 .   ? -8.535  10.737  5.878   1.00 41.25 ? 501 ACT A O   1 
HETATM 1071 O OXT . ACT B 2 .   ? -8.456  12.818  5.156   1.00 45.92 ? 501 ACT A OXT 1 
HETATM 1072 C CH3 . ACT B 2 .   ? -10.499 11.655  4.861   1.00 45.25 ? 501 ACT A CH3 1 
HETATM 1073 O O   . HOH C 3 .   ? -4.788  8.679   12.502  1.00 27.41 ? 502 HOH A O   1 
HETATM 1074 O O   . HOH C 3 .   ? 14.975  0.179   -4.499  1.00 29.11 ? 503 HOH A O   1 
HETATM 1075 O O   . HOH C 3 .   ? 7.343   0.095   7.547   1.00 24.73 ? 504 HOH A O   1 
HETATM 1076 O O   . HOH C 3 .   ? 6.605   -15.206 -0.403  1.00 27.53 ? 505 HOH A O   1 
HETATM 1077 O O   . HOH C 3 .   ? 3.420   6.209   -9.110  1.00 26.32 ? 506 HOH A O   1 
HETATM 1078 O O   . HOH C 3 .   ? 4.095   4.075   13.182  1.00 32.77 ? 507 HOH A O   1 
HETATM 1079 O O   . HOH C 3 .   ? 13.500  -13.360 2.493   1.00 36.92 ? 508 HOH A O   1 
HETATM 1080 O O   . HOH C 3 .   ? -8.840  -1.932  9.009   1.00 35.46 ? 509 HOH A O   1 
HETATM 1081 O O   . HOH C 3 .   ? 6.589   -2.218  10.760  1.00 34.20 ? 510 HOH A O   1 
HETATM 1082 O O   . HOH C 3 .   ? -0.903  7.945   -8.436  1.00 33.56 ? 511 HOH A O   1 
HETATM 1083 O O   . HOH C 3 .   ? 3.282   1.797   14.286  1.00 33.25 ? 512 HOH A O   1 
HETATM 1084 O O   . HOH C 3 .   ? -0.874  2.893   -12.957 1.00 36.47 ? 513 HOH A O   1 
HETATM 1085 O O   . HOH C 3 .   ? -2.107  -5.611  5.688   1.00 37.57 ? 514 HOH A O   1 
HETATM 1086 O O   . HOH C 3 .   ? 0.636   -16.821 3.792   1.00 27.77 ? 515 HOH A O   1 
HETATM 1087 O O   . HOH C 3 .   ? 8.983   -6.554  8.288   1.00 31.98 ? 516 HOH A O   1 
HETATM 1088 O O   . HOH C 3 .   ? 0.604   5.946   -9.386  1.00 34.58 ? 517 HOH A O   1 
HETATM 1089 O O   . HOH C 3 .   ? -14.050 7.679   3.069   1.00 41.44 ? 518 HOH A O   1 
HETATM 1090 O O   . HOH C 3 .   ? 15.322  -8.084  -0.538  1.00 34.02 ? 519 HOH A O   1 
HETATM 1091 O O   . HOH C 3 .   ? 5.841   -14.588 -3.037  1.00 32.84 ? 520 HOH A O   1 
HETATM 1092 O O   . HOH C 3 .   ? -14.959 -5.124  8.523   0.50 39.62 ? 521 HOH A O   1 
HETATM 1093 O O   . HOH C 3 .   ? -3.095  12.243  2.065   1.00 35.06 ? 522 HOH A O   1 
HETATM 1094 O O   . HOH C 3 .   ? 6.726   0.985   10.194  1.00 36.04 ? 523 HOH A O   1 
HETATM 1095 O O   . HOH C 3 .   ? 0.321   10.613  -8.715  1.00 35.88 ? 524 HOH A O   1 
HETATM 1096 O O   . HOH C 3 .   ? 11.043  13.760  -2.826  1.00 42.43 ? 525 HOH A O   1 
HETATM 1097 O O   . HOH C 3 .   ? -0.792  18.108  -0.719  1.00 45.69 ? 526 HOH A O   1 
HETATM 1098 O O   . HOH C 3 .   ? 1.199   15.712  -6.069  1.00 47.39 ? 527 HOH A O   1 
HETATM 1099 O O   . HOH C 3 .   ? 9.408   -15.936 -6.354  1.00 41.00 ? 528 HOH A O   1 
HETATM 1100 O O   . HOH C 3 .   ? -11.397 5.054   -7.105  1.00 38.58 ? 529 HOH A O   1 
HETATM 1101 O O   . HOH C 3 .   ? 5.502   15.858  -4.635  1.00 38.95 ? 530 HOH A O   1 
HETATM 1102 O O   . HOH C 3 .   ? 17.650  -0.981  0.330   1.00 47.37 ? 531 HOH A O   1 
HETATM 1103 O O   . HOH C 3 .   ? -14.745 -2.440  9.446   1.00 43.84 ? 532 HOH A O   1 
HETATM 1104 O O   . HOH C 3 .   ? 14.569  1.070   4.730   1.00 41.04 ? 533 HOH A O   1 
HETATM 1105 O O   . HOH C 3 .   ? 8.656   -8.883  7.287   1.00 35.37 ? 534 HOH A O   1 
HETATM 1106 O O   . HOH C 3 .   ? -17.641 4.575   3.344   1.00 46.33 ? 535 HOH A O   1 
HETATM 1107 O O   . HOH C 3 .   ? -6.968  -11.764 -2.245  1.00 42.28 ? 536 HOH A O   1 
HETATM 1108 O O   . HOH C 3 .   ? 5.379   0.284   -12.357 1.00 38.18 ? 537 HOH A O   1 
HETATM 1109 O O   . HOH C 3 .   ? -3.306  -11.629 3.491   1.00 36.38 ? 538 HOH A O   1 
HETATM 1110 O O   . HOH C 3 .   ? 21.005  7.316   -0.149  1.00 50.65 ? 539 HOH A O   1 
HETATM 1111 O O   . HOH C 3 .   ? 23.608  5.759   -1.603  1.00 61.44 ? 540 HOH A O   1 
HETATM 1112 O O   . HOH C 3 .   ? 5.663   0.285   14.633  1.00 44.16 ? 541 HOH A O   1 
HETATM 1113 O O   . HOH C 3 .   ? -15.770 5.934   4.573   1.00 42.70 ? 542 HOH A O   1 
HETATM 1114 O O   . HOH C 3 .   ? 18.117  8.376   8.023   0.50 33.65 ? 543 HOH A O   1 
HETATM 1115 O O   . HOH C 3 .   ? -4.677  14.068  1.318   1.00 42.63 ? 544 HOH A O   1 
HETATM 1116 O O   . HOH C 3 .   ? 18.277  0.607   -2.866  1.00 43.50 ? 545 HOH A O   1 
HETATM 1117 O O   . HOH C 3 .   ? 1.000   -15.256 6.190   1.00 38.96 ? 546 HOH A O   1 
HETATM 1118 O O   . HOH C 3 .   ? 0.158   15.947  1.836   1.00 47.41 ? 547 HOH A O   1 
HETATM 1119 O O   . HOH C 3 .   ? -9.150  -13.913 1.110   1.00 63.72 ? 548 HOH A O   1 
HETATM 1120 O O   . HOH C 3 .   ? 16.536  12.211  2.527   1.00 47.52 ? 549 HOH A O   1 
HETATM 1121 O O   . HOH C 3 .   ? 5.426   -8.922  10.293  1.00 41.57 ? 550 HOH A O   1 
HETATM 1122 O O   . HOH C 3 .   ? -0.058  -9.007  -13.438 1.00 53.47 ? 551 HOH A O   1 
HETATM 1123 O O   . HOH C 3 .   ? -15.078 9.491   9.920   1.00 44.63 ? 552 HOH A O   1 
HETATM 1124 O O   . HOH C 3 .   ? 7.176   -4.846  11.975  1.00 54.20 ? 553 HOH A O   1 
HETATM 1125 O O   . HOH C 3 .   ? 6.344   3.430   10.902  1.00 40.52 ? 554 HOH A O   1 
HETATM 1126 O O   . HOH C 3 .   ? -3.005  8.333   -10.117 1.00 51.11 ? 555 HOH A O   1 
HETATM 1127 O O   . HOH C 3 .   ? -0.648  13.609  -7.439  1.00 51.40 ? 556 HOH A O   1 
HETATM 1128 O O   . HOH C 3 .   ? -12.181 10.435  12.579  0.50 33.65 ? 557 HOH A O   1 
HETATM 1129 O O   . HOH C 3 .   ? -6.471  -14.756 0.104   1.00 60.48 ? 558 HOH A O   1 
HETATM 1130 O O   . HOH C 3 .   ? -3.831  -3.855  12.700  0.50 39.84 ? 559 HOH A O   1 
HETATM 1131 O O   . HOH C 3 .   ? 12.740  12.086  -4.902  1.00 37.22 ? 560 HOH A O   1 
HETATM 1132 O O   . HOH C 3 .   ? 22.774  12.155  5.715   0.50 30.87 ? 561 HOH A O   1 
HETATM 1133 O O   . HOH C 3 .   ? -12.887 11.414  6.788   1.00 53.06 ? 562 HOH A O   1 
HETATM 1134 O O   . HOH C 3 .   ? 14.423  -3.212  -7.486  1.00 58.20 ? 563 HOH A O   1 
HETATM 1135 O O   . HOH C 3 .   ? -9.461  14.991  6.239   0.50 39.79 ? 564 HOH A O   1 
HETATM 1136 O O   . HOH C 3 .   ? 11.555  -13.292 -5.319  1.00 50.41 ? 565 HOH A O   1 
HETATM 1137 O O   . HOH C 3 .   ? 11.741  -9.791  -6.117  0.50 29.30 ? 566 HOH A O   1 
HETATM 1138 O O   . HOH C 3 .   ? -17.001 7.378   6.706   1.00 49.72 ? 567 HOH A O   1 
HETATM 1139 O O   . HOH C 3 .   ? -20.287 6.182   1.372   1.00 57.75 ? 568 HOH A O   1 
HETATM 1140 O O   . HOH C 3 .   ? -0.897  -13.215 7.479   1.00 53.57 ? 569 HOH A O   1 
HETATM 1141 O O   . HOH C 3 .   ? 1.305   -4.279  13.544  1.00 46.91 ? 570 HOH A O   1 
HETATM 1142 O O   . HOH C 3 .   ? -9.208  16.943  10.830  1.00 35.28 ? 571 HOH A O   1 
HETATM 1143 O O   . HOH C 3 .   ? -3.486  1.690   1.433   1.00 48.24 ? 572 HOH A O   1 
HETATM 1144 O O   . HOH C 3 .   ? 13.070  0.964   -9.063  0.50 32.26 ? 573 HOH A O   1 
HETATM 1145 O O   . HOH C 3 .   ? 1.413   2.347   -15.254 1.00 59.15 ? 574 HOH A O   1 
HETATM 1146 O O   . HOH C 3 .   ? 15.794  -11.285 1.226   0.50 32.00 ? 575 HOH A O   1 
HETATM 1147 O O   . HOH C 3 .   ? -4.783  -0.234  14.564  0.50 38.52 ? 576 HOH A O   1 
# 
